data_2MCD
#
_entry.id   2MCD
#
_entity_poly.entity_id   1
_entity_poly.type   'polypeptide(L)'
_entity_poly.pdbx_seq_one_letter_code
;MRGSHHHHHHGSVSFGAPSPLSSESEDEINYMTPPEQEAQPGALAALHAEGPLAGLPVTRSDARVLIFNEWEERKKSEPW
LRLDMSDKAIFRRYPHLR
;
_entity_poly.pdbx_strand_id   A
#
# COMPACT_ATOMS: atom_id res chain seq x y z
N MET A 1 -68.67 44.59 -54.12
CA MET A 1 -69.20 44.81 -52.74
C MET A 1 -68.07 44.73 -51.70
N ARG A 2 -68.10 45.58 -50.64
CA ARG A 2 -67.12 45.60 -49.53
C ARG A 2 -67.72 46.09 -48.20
N GLY A 3 -66.96 45.93 -47.12
CA GLY A 3 -67.23 46.51 -45.79
C GLY A 3 -67.49 45.45 -44.71
N SER A 4 -66.59 45.35 -43.74
CA SER A 4 -66.69 44.52 -42.53
C SER A 4 -65.79 45.04 -41.40
N HIS A 5 -66.14 44.75 -40.14
CA HIS A 5 -65.35 45.11 -38.95
C HIS A 5 -65.60 44.15 -37.78
N HIS A 6 -64.53 43.74 -37.09
CA HIS A 6 -64.58 43.08 -35.78
C HIS A 6 -63.26 43.24 -35.01
N HIS A 7 -63.35 43.40 -33.67
CA HIS A 7 -62.21 43.27 -32.74
C HIS A 7 -62.72 43.05 -31.30
N HIS A 8 -62.02 42.22 -30.52
CA HIS A 8 -62.18 42.09 -29.06
C HIS A 8 -60.93 41.52 -28.38
N HIS A 9 -60.61 42.02 -27.18
CA HIS A 9 -59.67 41.41 -26.23
C HIS A 9 -60.02 41.78 -24.77
N HIS A 10 -59.73 40.90 -23.81
CA HIS A 10 -59.94 41.12 -22.37
C HIS A 10 -59.03 40.26 -21.47
N GLY A 11 -58.91 40.65 -20.20
CA GLY A 11 -58.33 39.84 -19.11
C GLY A 11 -56.80 39.85 -19.00
N SER A 12 -56.31 39.58 -17.78
CA SER A 12 -54.89 39.37 -17.44
C SER A 12 -54.78 38.58 -16.12
N VAL A 13 -53.75 37.72 -15.99
CA VAL A 13 -53.53 36.84 -14.83
C VAL A 13 -52.04 36.75 -14.42
N SER A 14 -51.80 36.47 -13.14
CA SER A 14 -50.47 36.31 -12.51
C SER A 14 -50.47 35.17 -11.48
N PHE A 15 -49.29 34.58 -11.22
CA PHE A 15 -49.10 33.49 -10.25
C PHE A 15 -47.82 33.69 -9.41
N GLY A 16 -47.88 34.60 -8.43
CA GLY A 16 -46.78 34.97 -7.54
C GLY A 16 -46.54 33.99 -6.38
N ALA A 17 -46.55 32.68 -6.66
CA ALA A 17 -46.49 31.60 -5.67
C ALA A 17 -45.42 30.52 -6.01
N PRO A 18 -44.12 30.86 -5.96
CA PRO A 18 -43.03 29.90 -6.14
C PRO A 18 -42.88 28.93 -4.94
N SER A 19 -42.12 27.85 -5.14
CA SER A 19 -41.86 26.80 -4.13
C SER A 19 -40.36 26.49 -3.96
N PRO A 20 -39.54 27.44 -3.44
CA PRO A 20 -38.11 27.25 -3.22
C PRO A 20 -37.81 26.28 -2.05
N LEU A 21 -36.61 25.72 -2.04
CA LEU A 21 -36.11 24.82 -0.98
C LEU A 21 -34.59 25.01 -0.75
N SER A 22 -34.18 25.17 0.51
CA SER A 22 -32.79 25.42 0.93
C SER A 22 -32.39 24.73 2.25
N SER A 23 -33.16 23.71 2.68
CA SER A 23 -33.09 23.13 4.03
C SER A 23 -32.11 21.95 4.17
N GLU A 24 -31.37 21.60 3.11
CA GLU A 24 -30.45 20.46 3.07
C GLU A 24 -29.12 20.81 2.36
N SER A 25 -28.01 20.54 3.04
CA SER A 25 -26.63 20.76 2.60
C SER A 25 -25.74 19.55 2.96
N GLU A 26 -26.08 18.38 2.39
CA GLU A 26 -25.43 17.07 2.62
C GLU A 26 -25.50 16.55 4.07
N ASP A 27 -26.46 17.03 4.87
CA ASP A 27 -26.57 16.76 6.32
C ASP A 27 -26.81 15.29 6.70
N GLU A 28 -27.43 14.54 5.79
CA GLU A 28 -27.77 13.11 5.94
C GLU A 28 -27.25 12.22 4.79
N ILE A 29 -26.45 12.78 3.88
CA ILE A 29 -25.86 12.05 2.73
C ILE A 29 -24.69 11.15 3.17
N ASN A 30 -23.95 11.57 4.21
CA ASN A 30 -22.85 10.83 4.86
C ASN A 30 -21.70 10.44 3.87
N TYR A 31 -20.77 9.59 4.33
CA TYR A 31 -19.65 9.03 3.55
C TYR A 31 -18.73 10.11 2.90
N MET A 32 -18.58 11.26 3.57
CA MET A 32 -17.79 12.40 3.07
C MET A 32 -16.27 12.19 3.27
N THR A 33 -15.88 11.65 4.43
CA THR A 33 -14.48 11.46 4.86
C THR A 33 -14.25 10.09 5.55
N PRO A 34 -14.56 8.96 4.88
CA PRO A 34 -14.41 7.62 5.46
C PRO A 34 -12.93 7.27 5.78
N PRO A 35 -12.66 6.48 6.83
CA PRO A 35 -11.31 6.12 7.25
C PRO A 35 -10.71 5.03 6.34
N GLU A 36 -9.80 5.42 5.45
CA GLU A 36 -9.09 4.54 4.50
C GLU A 36 -7.61 4.94 4.34
N GLN A 37 -6.75 3.95 4.05
CA GLN A 37 -5.29 4.15 3.84
C GLN A 37 -4.72 3.41 2.60
N GLU A 38 -5.58 2.82 1.76
CA GLU A 38 -5.24 2.13 0.52
C GLU A 38 -6.35 2.31 -0.53
N ALA A 39 -6.02 2.07 -1.80
CA ALA A 39 -6.91 2.19 -2.96
C ALA A 39 -6.73 1.08 -4.02
N GLN A 40 -5.87 0.09 -3.75
CA GLN A 40 -5.67 -1.10 -4.58
C GLN A 40 -5.32 -2.29 -3.65
N PRO A 41 -6.30 -2.79 -2.88
CA PRO A 41 -6.07 -3.87 -1.91
C PRO A 41 -6.05 -5.24 -2.60
N GLY A 42 -5.11 -6.10 -2.18
CA GLY A 42 -4.81 -7.39 -2.82
C GLY A 42 -3.97 -7.23 -4.11
N ALA A 43 -2.74 -7.76 -4.09
CA ALA A 43 -1.77 -7.66 -5.19
C ALA A 43 -0.75 -8.81 -5.18
N LEU A 44 -0.08 -9.02 -6.32
CA LEU A 44 1.02 -9.96 -6.52
C LEU A 44 2.23 -9.28 -7.20
N ALA A 45 3.39 -9.95 -7.22
CA ALA A 45 4.58 -9.51 -7.93
C ALA A 45 5.19 -10.61 -8.80
N ALA A 46 5.40 -10.33 -10.09
CA ALA A 46 6.16 -11.18 -11.01
C ALA A 46 7.67 -10.90 -10.88
N LEU A 47 8.49 -11.95 -11.01
CA LEU A 47 9.93 -11.92 -10.71
C LEU A 47 10.79 -12.46 -11.86
N HIS A 48 12.07 -12.06 -11.90
CA HIS A 48 13.10 -12.66 -12.74
C HIS A 48 13.60 -13.97 -12.12
N ALA A 49 13.81 -15.01 -12.94
CA ALA A 49 14.17 -16.36 -12.46
C ALA A 49 15.67 -16.66 -12.44
N GLU A 50 16.50 -15.86 -13.13
CA GLU A 50 17.94 -16.11 -13.34
C GLU A 50 18.76 -14.81 -13.48
N GLY A 51 20.10 -14.94 -13.46
CA GLY A 51 21.03 -13.82 -13.58
C GLY A 51 21.11 -12.91 -12.35
N PRO A 52 21.67 -11.69 -12.46
CA PRO A 52 21.85 -10.77 -11.33
C PRO A 52 20.52 -10.24 -10.75
N LEU A 53 19.42 -10.34 -11.50
CA LEU A 53 18.07 -9.96 -11.05
C LEU A 53 17.26 -11.13 -10.46
N ALA A 54 17.81 -12.33 -10.27
CA ALA A 54 17.05 -13.46 -9.76
C ALA A 54 16.35 -13.16 -8.42
N GLY A 55 15.03 -13.34 -8.40
CA GLY A 55 14.13 -13.01 -7.28
C GLY A 55 13.72 -11.54 -7.19
N LEU A 56 14.11 -10.68 -8.13
CA LEU A 56 13.80 -9.25 -8.19
C LEU A 56 12.66 -8.96 -9.21
N PRO A 57 11.99 -7.80 -9.16
CA PRO A 57 10.71 -7.55 -9.84
C PRO A 57 10.84 -7.32 -11.34
N VAL A 58 9.76 -7.50 -12.10
CA VAL A 58 9.75 -7.21 -13.55
C VAL A 58 9.15 -5.83 -13.86
N THR A 59 8.17 -5.32 -13.09
CA THR A 59 7.49 -4.03 -13.31
C THR A 59 7.53 -3.08 -12.11
N ARG A 60 7.07 -1.82 -12.30
CA ARG A 60 6.93 -0.82 -11.22
C ARG A 60 5.90 -1.25 -10.16
N SER A 61 4.83 -1.94 -10.61
CA SER A 61 3.86 -2.58 -9.72
C SER A 61 4.53 -3.72 -8.94
N ASP A 62 5.29 -4.58 -9.61
CA ASP A 62 6.02 -5.66 -8.93
C ASP A 62 6.99 -5.11 -7.86
N ALA A 63 7.74 -4.05 -8.19
CA ALA A 63 8.66 -3.39 -7.26
C ALA A 63 7.95 -2.76 -6.04
N ARG A 64 6.82 -2.06 -6.23
CA ARG A 64 6.03 -1.49 -5.12
C ARG A 64 5.46 -2.58 -4.21
N VAL A 65 4.91 -3.65 -4.79
CA VAL A 65 4.39 -4.81 -4.04
C VAL A 65 5.49 -5.50 -3.26
N LEU A 66 6.66 -5.72 -3.87
CA LEU A 66 7.82 -6.26 -3.16
C LEU A 66 8.23 -5.39 -1.97
N ILE A 67 8.41 -4.07 -2.15
CA ILE A 67 8.74 -3.15 -1.05
C ILE A 67 7.71 -3.27 0.08
N PHE A 68 6.42 -3.20 -0.26
CA PHE A 68 5.34 -3.26 0.73
C PHE A 68 5.28 -4.61 1.48
N ASN A 69 5.33 -5.74 0.77
CA ASN A 69 5.22 -7.07 1.37
C ASN A 69 6.46 -7.45 2.20
N GLU A 70 7.66 -7.15 1.67
CA GLU A 70 8.94 -7.30 2.37
C GLU A 70 8.92 -6.50 3.67
N TRP A 71 8.61 -5.20 3.60
CA TRP A 71 8.51 -4.36 4.78
C TRP A 71 7.42 -4.84 5.74
N GLU A 72 6.22 -5.19 5.27
CA GLU A 72 5.14 -5.68 6.13
C GLU A 72 5.55 -6.89 6.97
N GLU A 73 6.19 -7.91 6.38
CA GLU A 73 6.65 -9.09 7.13
C GLU A 73 7.84 -8.77 8.05
N ARG A 74 8.87 -8.10 7.51
CA ARG A 74 10.04 -7.68 8.29
C ARG A 74 9.63 -6.84 9.48
N LYS A 75 8.79 -5.84 9.26
CA LYS A 75 8.25 -4.92 10.28
C LYS A 75 7.27 -5.58 11.24
N LYS A 76 6.52 -6.61 10.84
CA LYS A 76 5.78 -7.50 11.77
C LYS A 76 6.74 -8.16 12.77
N SER A 77 7.95 -8.54 12.33
CA SER A 77 9.04 -8.95 13.23
C SER A 77 9.84 -7.79 13.87
N GLU A 78 9.85 -6.59 13.27
CA GLU A 78 10.78 -5.48 13.54
C GLU A 78 10.05 -4.11 13.51
N PRO A 79 9.24 -3.77 14.52
CA PRO A 79 8.27 -2.66 14.47
C PRO A 79 8.84 -1.25 14.25
N TRP A 80 10.17 -1.09 14.27
CA TRP A 80 10.91 0.15 13.98
C TRP A 80 11.16 0.43 12.48
N LEU A 81 10.93 -0.54 11.58
CA LEU A 81 11.38 -0.48 10.18
C LEU A 81 10.74 0.64 9.35
N ARG A 82 11.55 1.34 8.55
CA ARG A 82 11.12 2.44 7.67
C ARG A 82 10.59 1.95 6.31
N LEU A 83 9.74 2.77 5.67
CA LEU A 83 9.04 2.47 4.41
C LEU A 83 9.05 3.70 3.50
N ASP A 84 9.49 3.55 2.25
CA ASP A 84 9.53 4.60 1.22
C ASP A 84 9.36 4.02 -0.19
N MET A 85 8.59 4.71 -1.04
CA MET A 85 8.10 4.21 -2.34
C MET A 85 8.24 5.22 -3.51
N SER A 86 8.95 6.33 -3.30
CA SER A 86 9.21 7.34 -4.34
C SER A 86 10.03 6.76 -5.51
N ASP A 87 9.93 7.34 -6.70
CA ASP A 87 10.52 6.77 -7.93
C ASP A 87 12.04 6.51 -7.81
N LYS A 88 12.77 7.38 -7.10
CA LYS A 88 14.21 7.22 -6.81
C LYS A 88 14.52 5.94 -6.01
N ALA A 89 13.63 5.52 -5.10
CA ALA A 89 13.77 4.25 -4.37
C ALA A 89 13.76 3.04 -5.31
N ILE A 90 12.86 3.07 -6.31
CA ILE A 90 12.71 2.01 -7.30
C ILE A 90 13.92 2.01 -8.25
N PHE A 91 14.33 3.18 -8.76
CA PHE A 91 15.54 3.31 -9.58
C PHE A 91 16.79 2.77 -8.88
N ARG A 92 17.01 3.16 -7.61
CA ARG A 92 18.23 2.88 -6.85
C ARG A 92 18.30 1.43 -6.37
N ARG A 93 17.17 0.84 -5.96
CA ARG A 93 17.07 -0.60 -5.59
C ARG A 93 17.08 -1.51 -6.84
N TYR A 94 16.36 -1.12 -7.89
CA TYR A 94 16.12 -1.91 -9.11
C TYR A 94 16.55 -1.12 -10.37
N PRO A 95 17.86 -1.12 -10.72
CA PRO A 95 18.41 -0.27 -11.78
C PRO A 95 17.90 -0.61 -13.20
N HIS A 96 17.33 -1.81 -13.41
CA HIS A 96 16.69 -2.20 -14.67
C HIS A 96 15.32 -1.53 -14.88
N LEU A 97 14.66 -1.09 -13.80
CA LEU A 97 13.31 -0.51 -13.80
C LEU A 97 13.30 1.00 -14.13
N ARG A 98 14.47 1.67 -14.07
CA ARG A 98 14.63 3.09 -14.47
C ARG A 98 14.49 3.28 -15.99
N MET A 1 -54.94 -39.75 2.17
CA MET A 1 -53.56 -40.03 2.66
C MET A 1 -53.55 -41.20 3.66
N ARG A 2 -52.43 -41.93 3.76
CA ARG A 2 -52.25 -43.09 4.67
C ARG A 2 -50.79 -43.19 5.17
N GLY A 3 -50.59 -43.71 6.39
CA GLY A 3 -49.28 -43.90 7.01
C GLY A 3 -48.64 -42.62 7.56
N SER A 4 -47.46 -42.77 8.18
CA SER A 4 -46.67 -41.68 8.78
C SER A 4 -45.85 -40.89 7.76
N HIS A 5 -45.54 -39.62 8.08
CA HIS A 5 -44.87 -38.66 7.18
C HIS A 5 -43.78 -37.79 7.84
N HIS A 6 -43.41 -38.06 9.11
CA HIS A 6 -42.43 -37.30 9.89
C HIS A 6 -41.38 -38.21 10.56
N HIS A 7 -40.11 -37.79 10.50
CA HIS A 7 -38.94 -38.52 11.02
C HIS A 7 -37.87 -37.55 11.56
N HIS A 8 -37.03 -38.01 12.50
CA HIS A 8 -35.94 -37.23 13.10
C HIS A 8 -34.75 -38.12 13.49
N HIS A 9 -33.51 -37.63 13.30
CA HIS A 9 -32.26 -38.31 13.67
C HIS A 9 -31.08 -37.34 13.87
N HIS A 10 -30.17 -37.68 14.79
CA HIS A 10 -28.82 -37.09 14.91
C HIS A 10 -27.78 -38.19 15.21
N GLY A 11 -26.66 -38.19 14.50
CA GLY A 11 -25.66 -39.28 14.53
C GLY A 11 -24.28 -38.93 15.12
N SER A 12 -24.05 -37.69 15.56
CA SER A 12 -22.73 -37.20 16.01
C SER A 12 -22.79 -36.16 17.13
N VAL A 13 -21.72 -36.10 17.94
CA VAL A 13 -21.51 -35.13 19.04
C VAL A 13 -20.00 -34.97 19.33
N SER A 14 -19.57 -33.78 19.76
CA SER A 14 -18.20 -33.49 20.20
C SER A 14 -18.13 -32.37 21.26
N PHE A 15 -17.12 -32.41 22.12
CA PHE A 15 -16.85 -31.39 23.15
C PHE A 15 -15.35 -31.35 23.53
N GLY A 16 -14.88 -30.20 24.04
CA GLY A 16 -13.48 -29.99 24.46
C GLY A 16 -13.11 -30.63 25.82
N ALA A 17 -11.82 -30.58 26.16
CA ALA A 17 -11.27 -31.03 27.44
C ALA A 17 -10.02 -30.20 27.86
N PRO A 18 -9.78 -29.99 29.17
CA PRO A 18 -8.61 -29.25 29.66
C PRO A 18 -7.32 -30.06 29.53
N SER A 19 -6.36 -29.55 28.74
CA SER A 19 -5.05 -30.17 28.47
C SER A 19 -3.91 -29.13 28.45
N PRO A 20 -3.65 -28.41 29.57
CA PRO A 20 -2.61 -27.39 29.64
C PRO A 20 -1.20 -27.99 29.49
N LEU A 21 -0.42 -27.46 28.54
CA LEU A 21 0.92 -27.96 28.18
C LEU A 21 1.94 -26.85 27.85
N SER A 22 1.53 -25.57 27.85
CA SER A 22 2.36 -24.42 27.45
C SER A 22 3.58 -24.20 28.35
N SER A 23 4.72 -23.89 27.75
CA SER A 23 6.01 -23.66 28.44
C SER A 23 6.27 -22.20 28.84
N GLU A 24 5.54 -21.25 28.26
CA GLU A 24 5.66 -19.81 28.55
C GLU A 24 4.98 -19.38 29.88
N SER A 25 5.37 -18.22 30.40
CA SER A 25 5.02 -17.71 31.74
C SER A 25 4.31 -16.34 31.73
N GLU A 26 3.71 -15.96 30.60
CA GLU A 26 3.13 -14.64 30.28
C GLU A 26 4.10 -13.44 30.30
N ASP A 27 5.35 -13.61 30.75
CA ASP A 27 6.35 -12.52 30.85
C ASP A 27 6.75 -11.91 29.50
N GLU A 28 6.62 -12.70 28.43
CA GLU A 28 6.89 -12.29 27.05
C GLU A 28 5.65 -11.75 26.29
N ILE A 29 4.45 -11.92 26.85
CA ILE A 29 3.18 -11.59 26.19
C ILE A 29 2.86 -10.09 26.34
N ASN A 30 3.20 -9.31 25.32
CA ASN A 30 3.05 -7.85 25.29
C ASN A 30 1.89 -7.38 24.38
N TYR A 31 1.42 -8.22 23.46
CA TYR A 31 0.37 -7.92 22.47
C TYR A 31 -0.58 -9.13 22.27
N MET A 32 -1.80 -8.86 21.78
CA MET A 32 -2.79 -9.91 21.49
C MET A 32 -3.67 -9.60 20.25
N THR A 33 -4.13 -8.34 20.12
CA THR A 33 -5.01 -7.86 19.02
C THR A 33 -4.49 -6.57 18.36
N PRO A 34 -3.26 -6.57 17.78
CA PRO A 34 -2.72 -5.42 17.05
C PRO A 34 -3.53 -5.08 15.77
N PRO A 35 -3.48 -3.83 15.27
CA PRO A 35 -4.23 -3.39 14.10
C PRO A 35 -3.72 -4.03 12.80
N GLU A 36 -4.63 -4.22 11.83
CA GLU A 36 -4.36 -4.90 10.55
C GLU A 36 -5.05 -4.25 9.33
N GLN A 37 -5.59 -3.03 9.47
CA GLN A 37 -6.47 -2.41 8.47
C GLN A 37 -5.78 -2.15 7.10
N GLU A 38 -4.46 -1.92 7.10
CA GLU A 38 -3.67 -1.67 5.89
C GLU A 38 -3.16 -2.98 5.22
N ALA A 39 -3.29 -4.13 5.89
CA ALA A 39 -2.71 -5.42 5.47
C ALA A 39 -3.57 -6.17 4.41
N GLN A 40 -4.11 -5.43 3.44
CA GLN A 40 -5.00 -5.93 2.37
C GLN A 40 -4.80 -5.12 1.08
N PRO A 41 -3.63 -5.25 0.41
CA PRO A 41 -3.24 -4.38 -0.71
C PRO A 41 -3.88 -4.77 -2.06
N GLY A 42 -4.41 -5.99 -2.20
CA GLY A 42 -5.16 -6.44 -3.38
C GLY A 42 -4.32 -6.64 -4.65
N ALA A 43 -3.00 -6.82 -4.53
CA ALA A 43 -2.05 -6.94 -5.63
C ALA A 43 -0.95 -7.97 -5.35
N LEU A 44 -0.38 -8.53 -6.43
CA LEU A 44 0.70 -9.52 -6.45
C LEU A 44 1.92 -9.05 -7.27
N ALA A 45 3.03 -9.79 -7.21
CA ALA A 45 4.27 -9.50 -7.92
C ALA A 45 4.84 -10.71 -8.67
N ALA A 46 5.33 -10.49 -9.89
CA ALA A 46 6.20 -11.40 -10.64
C ALA A 46 7.69 -11.13 -10.36
N LEU A 47 8.54 -12.09 -10.71
CA LEU A 47 9.99 -12.06 -10.48
C LEU A 47 10.80 -12.55 -11.70
N HIS A 48 12.07 -12.13 -11.77
CA HIS A 48 13.08 -12.76 -12.62
C HIS A 48 13.63 -14.02 -11.94
N ALA A 49 13.94 -15.07 -12.72
CA ALA A 49 14.35 -16.37 -12.20
C ALA A 49 15.84 -16.72 -12.42
N GLU A 50 16.59 -15.88 -13.16
CA GLU A 50 17.99 -16.11 -13.54
C GLU A 50 18.82 -14.81 -13.64
N GLY A 51 20.15 -14.94 -13.66
CA GLY A 51 21.08 -13.80 -13.75
C GLY A 51 21.12 -12.93 -12.48
N PRO A 52 21.63 -11.69 -12.56
CA PRO A 52 21.77 -10.80 -11.40
C PRO A 52 20.42 -10.32 -10.83
N LEU A 53 19.32 -10.45 -11.59
CA LEU A 53 17.95 -10.13 -11.14
C LEU A 53 17.20 -11.33 -10.53
N ALA A 54 17.79 -12.51 -10.36
CA ALA A 54 17.09 -13.66 -9.79
C ALA A 54 16.53 -13.36 -8.38
N GLY A 55 15.20 -13.33 -8.27
CA GLY A 55 14.46 -12.92 -7.06
C GLY A 55 14.10 -11.43 -6.97
N LEU A 56 14.27 -10.65 -8.05
CA LEU A 56 13.96 -9.22 -8.17
C LEU A 56 12.78 -8.97 -9.15
N PRO A 57 12.05 -7.83 -9.04
CA PRO A 57 10.82 -7.54 -9.80
C PRO A 57 11.03 -7.44 -11.31
N VAL A 58 9.93 -7.54 -12.08
CA VAL A 58 9.95 -7.31 -13.54
C VAL A 58 9.30 -5.96 -13.90
N THR A 59 8.33 -5.47 -13.12
CA THR A 59 7.58 -4.21 -13.36
C THR A 59 7.59 -3.24 -12.17
N ARG A 60 7.10 -2.00 -12.39
CA ARG A 60 6.88 -1.01 -11.32
C ARG A 60 5.89 -1.52 -10.29
N SER A 61 4.83 -2.18 -10.75
CA SER A 61 3.85 -2.85 -9.88
C SER A 61 4.50 -3.94 -9.05
N ASP A 62 5.35 -4.79 -9.66
CA ASP A 62 6.11 -5.80 -8.91
C ASP A 62 6.99 -5.15 -7.85
N ALA A 63 7.78 -4.13 -8.21
CA ALA A 63 8.70 -3.45 -7.31
C ALA A 63 7.98 -2.79 -6.12
N ARG A 64 6.85 -2.09 -6.33
CA ARG A 64 6.08 -1.46 -5.25
C ARG A 64 5.39 -2.49 -4.34
N VAL A 65 4.84 -3.58 -4.89
CA VAL A 65 4.26 -4.68 -4.11
C VAL A 65 5.31 -5.40 -3.28
N LEU A 66 6.49 -5.65 -3.86
CA LEU A 66 7.62 -6.27 -3.14
C LEU A 66 8.16 -5.37 -2.03
N ILE A 67 8.30 -4.05 -2.25
CA ILE A 67 8.60 -3.08 -1.18
C ILE A 67 7.59 -3.23 -0.04
N PHE A 68 6.29 -3.21 -0.37
CA PHE A 68 5.23 -3.30 0.64
C PHE A 68 5.23 -4.64 1.40
N ASN A 69 5.34 -5.77 0.70
CA ASN A 69 5.28 -7.11 1.28
C ASN A 69 6.52 -7.45 2.14
N GLU A 70 7.72 -7.12 1.63
CA GLU A 70 8.94 -7.26 2.44
C GLU A 70 8.86 -6.36 3.67
N TRP A 71 8.56 -5.06 3.52
CA TRP A 71 8.41 -4.19 4.68
C TRP A 71 7.36 -4.71 5.67
N GLU A 72 6.17 -5.13 5.21
CA GLU A 72 5.13 -5.72 6.05
C GLU A 72 5.66 -6.87 6.92
N GLU A 73 6.28 -7.91 6.33
CA GLU A 73 6.71 -9.08 7.12
C GLU A 73 7.95 -8.79 7.97
N ARG A 74 8.96 -8.09 7.40
CA ARG A 74 10.15 -7.65 8.13
C ARG A 74 9.75 -6.80 9.33
N LYS A 75 8.82 -5.85 9.14
CA LYS A 75 8.31 -4.97 10.21
C LYS A 75 7.46 -5.69 11.25
N LYS A 76 6.70 -6.74 10.87
CA LYS A 76 6.06 -7.64 11.85
C LYS A 76 7.10 -8.36 12.73
N SER A 77 8.29 -8.65 12.21
CA SER A 77 9.45 -9.05 13.03
C SER A 77 10.23 -7.89 13.69
N GLU A 78 10.17 -6.67 13.14
CA GLU A 78 11.04 -5.52 13.45
C GLU A 78 10.26 -4.19 13.43
N PRO A 79 9.50 -3.84 14.49
CA PRO A 79 8.51 -2.75 14.46
C PRO A 79 9.06 -1.32 14.18
N TRP A 80 10.38 -1.15 14.09
CA TRP A 80 11.09 0.09 13.75
C TRP A 80 11.31 0.32 12.24
N LEU A 81 10.93 -0.62 11.35
CA LEU A 81 11.14 -0.52 9.90
C LEU A 81 10.52 0.74 9.26
N ARG A 82 11.20 1.35 8.28
CA ARG A 82 10.71 2.49 7.47
C ARG A 82 10.25 2.07 6.06
N LEU A 83 9.33 2.84 5.47
CA LEU A 83 8.66 2.55 4.19
C LEU A 83 8.80 3.75 3.23
N ASP A 84 9.26 3.51 2.01
CA ASP A 84 9.44 4.54 0.98
C ASP A 84 9.10 3.98 -0.42
N MET A 85 8.25 4.68 -1.17
CA MET A 85 7.76 4.30 -2.50
C MET A 85 7.94 5.42 -3.55
N SER A 86 8.68 6.49 -3.24
CA SER A 86 9.06 7.53 -4.21
C SER A 86 10.03 6.98 -5.26
N ASP A 87 10.04 7.55 -6.46
CA ASP A 87 10.69 6.97 -7.65
C ASP A 87 12.19 6.68 -7.46
N LYS A 88 12.91 7.53 -6.71
CA LYS A 88 14.34 7.36 -6.39
C LYS A 88 14.62 6.04 -5.66
N ALA A 89 13.73 5.61 -4.76
CA ALA A 89 13.80 4.30 -4.11
C ALA A 89 13.73 3.14 -5.12
N ILE A 90 12.90 3.30 -6.16
CA ILE A 90 12.65 2.26 -7.15
C ILE A 90 13.85 2.13 -8.08
N PHE A 91 14.41 3.27 -8.54
CA PHE A 91 15.64 3.28 -9.34
C PHE A 91 16.84 2.70 -8.58
N ARG A 92 17.00 3.08 -7.30
CA ARG A 92 18.17 2.73 -6.49
C ARG A 92 18.14 1.26 -6.03
N ARG A 93 16.95 0.71 -5.75
CA ARG A 93 16.76 -0.74 -5.48
C ARG A 93 16.81 -1.58 -6.77
N TYR A 94 16.22 -1.08 -7.85
CA TYR A 94 15.97 -1.82 -9.10
C TYR A 94 16.46 -1.00 -10.33
N PRO A 95 17.78 -0.98 -10.60
CA PRO A 95 18.36 -0.14 -11.66
C PRO A 95 17.93 -0.56 -13.09
N HIS A 96 17.41 -1.77 -13.27
CA HIS A 96 16.83 -2.24 -14.52
C HIS A 96 15.45 -1.64 -14.84
N LEU A 97 14.75 -1.16 -13.80
CA LEU A 97 13.37 -0.68 -13.85
C LEU A 97 13.27 0.83 -14.23
N ARG A 98 14.36 1.60 -14.07
CA ARG A 98 14.47 3.01 -14.48
C ARG A 98 14.36 3.18 -16.01
N MET A 1 -76.44 -7.12 -31.41
CA MET A 1 -75.08 -6.56 -31.13
C MET A 1 -75.13 -5.03 -31.05
N ARG A 2 -74.32 -4.42 -30.16
CA ARG A 2 -74.17 -2.96 -30.00
C ARG A 2 -72.70 -2.53 -29.86
N GLY A 3 -72.37 -1.35 -30.39
CA GLY A 3 -71.05 -0.71 -30.23
C GLY A 3 -70.88 0.06 -28.91
N SER A 4 -71.98 0.46 -28.28
CA SER A 4 -71.99 1.25 -27.04
C SER A 4 -71.80 0.39 -25.78
N HIS A 5 -70.73 0.65 -25.03
CA HIS A 5 -70.48 0.13 -23.68
C HIS A 5 -69.55 1.07 -22.89
N HIS A 6 -69.63 1.00 -21.55
CA HIS A 6 -68.93 1.92 -20.63
C HIS A 6 -67.51 1.43 -20.28
N HIS A 7 -66.62 1.44 -21.27
CA HIS A 7 -65.21 1.01 -21.12
C HIS A 7 -64.42 1.92 -20.15
N HIS A 8 -63.59 1.29 -19.31
CA HIS A 8 -62.63 1.94 -18.40
C HIS A 8 -61.44 1.01 -18.09
N HIS A 9 -60.32 1.56 -17.60
CA HIS A 9 -59.11 0.77 -17.29
C HIS A 9 -59.31 -0.16 -16.09
N HIS A 10 -58.66 -1.34 -16.13
CA HIS A 10 -58.84 -2.43 -15.15
C HIS A 10 -57.51 -3.13 -14.79
N GLY A 11 -56.42 -2.36 -14.74
CA GLY A 11 -55.08 -2.86 -14.38
C GLY A 11 -54.97 -3.29 -12.90
N SER A 12 -54.06 -4.24 -12.63
CA SER A 12 -53.81 -4.81 -11.29
C SER A 12 -52.33 -5.21 -11.10
N VAL A 13 -51.90 -5.31 -9.83
CA VAL A 13 -50.55 -5.72 -9.42
C VAL A 13 -50.57 -6.41 -8.05
N SER A 14 -49.65 -7.37 -7.82
CA SER A 14 -49.47 -8.06 -6.54
C SER A 14 -48.00 -8.45 -6.32
N PHE A 15 -47.53 -8.34 -5.06
CA PHE A 15 -46.19 -8.73 -4.61
C PHE A 15 -46.19 -9.11 -3.12
N GLY A 16 -45.24 -9.94 -2.69
CA GLY A 16 -45.15 -10.42 -1.30
C GLY A 16 -44.08 -11.49 -1.07
N ALA A 17 -44.27 -12.31 -0.03
CA ALA A 17 -43.38 -13.40 0.40
C ALA A 17 -41.89 -13.02 0.55
N PRO A 18 -41.55 -12.01 1.38
CA PRO A 18 -40.17 -11.64 1.70
C PRO A 18 -39.44 -12.74 2.51
N SER A 19 -38.11 -12.72 2.47
CA SER A 19 -37.23 -13.76 3.06
C SER A 19 -36.02 -13.18 3.85
N PRO A 20 -36.24 -12.31 4.86
CA PRO A 20 -35.16 -11.78 5.70
C PRO A 20 -34.45 -12.87 6.52
N LEU A 21 -33.12 -12.73 6.68
CA LEU A 21 -32.27 -13.69 7.39
C LEU A 21 -31.02 -13.00 7.98
N SER A 22 -30.60 -13.44 9.17
CA SER A 22 -29.31 -13.11 9.78
C SER A 22 -28.75 -14.29 10.60
N SER A 23 -27.43 -14.50 10.53
CA SER A 23 -26.75 -15.72 11.05
C SER A 23 -25.39 -15.43 11.73
N GLU A 24 -25.07 -14.17 12.02
CA GLU A 24 -23.74 -13.72 12.48
C GLU A 24 -23.79 -12.53 13.45
N SER A 25 -22.74 -12.37 14.27
CA SER A 25 -22.54 -11.24 15.20
C SER A 25 -21.04 -11.03 15.50
N GLU A 26 -20.64 -9.78 15.73
CA GLU A 26 -19.26 -9.38 16.08
C GLU A 26 -18.18 -9.80 15.04
N ASP A 27 -18.57 -10.00 13.78
CA ASP A 27 -17.69 -10.51 12.71
C ASP A 27 -16.69 -9.45 12.17
N GLU A 28 -17.06 -8.18 12.30
CA GLU A 28 -16.32 -7.01 11.79
C GLU A 28 -16.09 -5.88 12.82
N ILE A 29 -16.47 -6.08 14.09
CA ILE A 29 -16.37 -5.05 15.14
C ILE A 29 -14.93 -4.99 15.68
N ASN A 30 -14.18 -3.96 15.27
CA ASN A 30 -12.80 -3.67 15.68
C ASN A 30 -12.53 -2.15 15.64
N TYR A 31 -11.98 -1.60 16.73
CA TYR A 31 -11.65 -0.17 16.88
C TYR A 31 -10.14 0.15 16.74
N MET A 32 -9.28 -0.87 16.62
CA MET A 32 -7.81 -0.73 16.67
C MET A 32 -7.16 -0.25 15.36
N THR A 33 -7.94 -0.09 14.28
CA THR A 33 -7.45 0.35 12.95
C THR A 33 -8.13 1.66 12.50
N PRO A 34 -7.39 2.80 12.42
CA PRO A 34 -7.94 4.09 12.01
C PRO A 34 -7.97 4.28 10.47
N PRO A 35 -8.75 5.24 9.95
CA PRO A 35 -8.94 5.47 8.51
C PRO A 35 -7.84 6.32 7.84
N GLU A 36 -6.68 6.52 8.49
CA GLU A 36 -5.65 7.49 8.06
C GLU A 36 -4.92 7.10 6.75
N GLN A 37 -4.89 5.82 6.40
CA GLN A 37 -4.29 5.28 5.17
C GLN A 37 -4.99 3.98 4.73
N GLU A 38 -5.11 3.75 3.42
CA GLU A 38 -5.79 2.58 2.83
C GLU A 38 -5.01 1.27 3.09
N ALA A 39 -3.68 1.29 2.87
CA ALA A 39 -2.72 0.24 3.24
C ALA A 39 -3.12 -1.20 2.79
N GLN A 40 -3.72 -1.33 1.60
CA GLN A 40 -4.29 -2.59 1.09
C GLN A 40 -4.31 -2.56 -0.45
N PRO A 41 -3.14 -2.75 -1.11
CA PRO A 41 -2.99 -2.47 -2.55
C PRO A 41 -3.51 -3.61 -3.46
N GLY A 42 -3.72 -4.82 -2.92
CA GLY A 42 -4.45 -5.90 -3.60
C GLY A 42 -3.78 -6.48 -4.85
N ALA A 43 -2.44 -6.51 -4.89
CA ALA A 43 -1.64 -6.93 -6.04
C ALA A 43 -0.50 -7.89 -5.65
N LEU A 44 -0.10 -8.73 -6.60
CA LEU A 44 1.06 -9.64 -6.53
C LEU A 44 2.29 -9.04 -7.23
N ALA A 45 3.47 -9.67 -7.02
CA ALA A 45 4.71 -9.33 -7.71
C ALA A 45 5.25 -10.49 -8.56
N ALA A 46 5.45 -10.26 -9.86
CA ALA A 46 6.20 -11.14 -10.76
C ALA A 46 7.71 -10.85 -10.66
N LEU A 47 8.54 -11.90 -10.77
CA LEU A 47 9.97 -11.86 -10.49
C LEU A 47 10.81 -12.44 -11.64
N HIS A 48 12.09 -12.03 -11.72
CA HIS A 48 13.10 -12.68 -12.56
C HIS A 48 13.58 -13.97 -11.90
N ALA A 49 13.78 -15.04 -12.68
CA ALA A 49 14.15 -16.36 -12.15
C ALA A 49 15.67 -16.63 -12.14
N GLU A 50 16.44 -15.94 -12.98
CA GLU A 50 17.87 -16.22 -13.24
C GLU A 50 18.72 -14.94 -13.37
N GLY A 51 20.04 -15.10 -13.33
CA GLY A 51 21.02 -14.01 -13.49
C GLY A 51 21.10 -13.06 -12.28
N PRO A 52 21.68 -11.85 -12.44
CA PRO A 52 21.89 -10.90 -11.34
C PRO A 52 20.59 -10.32 -10.76
N LEU A 53 19.47 -10.43 -11.49
CA LEU A 53 18.14 -10.01 -11.04
C LEU A 53 17.31 -11.14 -10.40
N ALA A 54 17.85 -12.35 -10.20
CA ALA A 54 17.08 -13.47 -9.65
C ALA A 54 16.42 -13.12 -8.29
N GLY A 55 15.09 -13.27 -8.23
CA GLY A 55 14.24 -12.91 -7.10
C GLY A 55 13.83 -11.43 -7.04
N LEU A 56 14.21 -10.61 -8.02
CA LEU A 56 13.92 -9.16 -8.11
C LEU A 56 12.76 -8.88 -9.12
N PRO A 57 12.10 -7.70 -9.07
CA PRO A 57 10.82 -7.46 -9.73
C PRO A 57 10.93 -7.24 -11.25
N VAL A 58 9.85 -7.47 -11.99
CA VAL A 58 9.81 -7.22 -13.44
C VAL A 58 9.23 -5.84 -13.80
N THR A 59 8.24 -5.33 -13.07
CA THR A 59 7.57 -4.02 -13.30
C THR A 59 7.62 -3.07 -12.09
N ARG A 60 7.19 -1.81 -12.25
CA ARG A 60 7.08 -0.85 -11.13
C ARG A 60 6.03 -1.31 -10.12
N SER A 61 4.93 -1.91 -10.59
CA SER A 61 3.94 -2.58 -9.74
C SER A 61 4.58 -3.73 -8.95
N ASP A 62 5.41 -4.56 -9.59
CA ASP A 62 6.12 -5.63 -8.88
C ASP A 62 7.10 -5.07 -7.82
N ALA A 63 7.86 -4.02 -8.15
CA ALA A 63 8.77 -3.37 -7.20
C ALA A 63 8.04 -2.70 -6.02
N ARG A 64 6.90 -2.03 -6.27
CA ARG A 64 6.04 -1.43 -5.24
C ARG A 64 5.46 -2.49 -4.29
N VAL A 65 4.96 -3.60 -4.84
CA VAL A 65 4.42 -4.73 -4.05
C VAL A 65 5.52 -5.40 -3.23
N LEU A 66 6.70 -5.63 -3.82
CA LEU A 66 7.86 -6.14 -3.07
C LEU A 66 8.21 -5.23 -1.89
N ILE A 67 8.34 -3.92 -2.10
CA ILE A 67 8.62 -2.94 -1.03
C ILE A 67 7.59 -3.08 0.09
N PHE A 68 6.29 -3.04 -0.24
CA PHE A 68 5.23 -3.11 0.77
C PHE A 68 5.16 -4.46 1.50
N ASN A 69 5.21 -5.58 0.78
CA ASN A 69 5.10 -6.91 1.37
C ASN A 69 6.33 -7.27 2.22
N GLU A 70 7.54 -7.02 1.72
CA GLU A 70 8.75 -7.21 2.51
C GLU A 70 8.71 -6.32 3.75
N TRP A 71 8.46 -5.02 3.62
CA TRP A 71 8.36 -4.17 4.79
C TRP A 71 7.31 -4.64 5.80
N GLU A 72 6.12 -5.05 5.36
CA GLU A 72 5.08 -5.59 6.24
C GLU A 72 5.52 -6.83 7.02
N GLU A 73 6.10 -7.85 6.38
CA GLU A 73 6.55 -9.07 7.07
C GLU A 73 7.80 -8.84 7.94
N ARG A 74 8.81 -8.14 7.39
CA ARG A 74 10.04 -7.76 8.09
C ARG A 74 9.68 -6.92 9.32
N LYS A 75 8.78 -5.95 9.18
CA LYS A 75 8.31 -5.11 10.31
C LYS A 75 7.42 -5.87 11.31
N LYS A 76 6.66 -6.89 10.89
CA LYS A 76 5.99 -7.82 11.81
C LYS A 76 7.03 -8.54 12.70
N SER A 77 8.22 -8.84 12.16
CA SER A 77 9.38 -9.27 12.97
C SER A 77 10.12 -8.11 13.70
N GLU A 78 10.17 -6.92 13.10
CA GLU A 78 11.05 -5.77 13.47
C GLU A 78 10.26 -4.43 13.52
N PRO A 79 9.49 -4.15 14.60
CA PRO A 79 8.47 -3.08 14.64
C PRO A 79 8.96 -1.63 14.49
N TRP A 80 10.24 -1.41 14.22
CA TRP A 80 10.90 -0.10 13.99
C TRP A 80 11.12 0.27 12.51
N LEU A 81 10.83 -0.63 11.55
CA LEU A 81 11.25 -0.51 10.15
C LEU A 81 10.62 0.66 9.37
N ARG A 82 11.42 1.34 8.54
CA ARG A 82 11.01 2.45 7.65
C ARG A 82 10.54 2.00 6.25
N LEU A 83 9.75 2.84 5.58
CA LEU A 83 9.06 2.58 4.31
C LEU A 83 9.17 3.82 3.40
N ASP A 84 9.55 3.62 2.14
CA ASP A 84 9.54 4.66 1.09
C ASP A 84 9.11 4.07 -0.27
N MET A 85 8.25 4.79 -1.00
CA MET A 85 7.61 4.32 -2.25
C MET A 85 7.85 5.25 -3.46
N SER A 86 8.68 6.28 -3.34
CA SER A 86 9.01 7.21 -4.44
C SER A 86 9.74 6.49 -5.57
N ASP A 87 9.55 6.92 -6.83
CA ASP A 87 10.20 6.32 -8.01
C ASP A 87 11.73 6.25 -7.87
N LYS A 88 12.34 7.21 -7.16
CA LYS A 88 13.78 7.22 -6.81
C LYS A 88 14.20 5.95 -6.07
N ALA A 89 13.38 5.46 -5.14
CA ALA A 89 13.62 4.21 -4.40
C ALA A 89 13.63 2.97 -5.32
N ILE A 90 12.77 2.98 -6.35
CA ILE A 90 12.66 1.89 -7.32
C ILE A 90 13.85 1.92 -8.28
N PHE A 91 14.22 3.09 -8.81
CA PHE A 91 15.43 3.24 -9.65
C PHE A 91 16.70 2.77 -8.91
N ARG A 92 16.85 3.17 -7.65
CA ARG A 92 18.04 2.92 -6.82
C ARG A 92 18.15 1.44 -6.40
N ARG A 93 17.03 0.80 -6.03
CA ARG A 93 16.99 -0.66 -5.74
C ARG A 93 17.10 -1.52 -7.01
N TYR A 94 16.47 -1.08 -8.10
CA TYR A 94 16.23 -1.86 -9.31
C TYR A 94 16.63 -1.07 -10.57
N PRO A 95 17.94 -1.01 -10.91
CA PRO A 95 18.44 -0.18 -12.00
C PRO A 95 17.98 -0.63 -13.41
N HIS A 96 17.46 -1.86 -13.55
CA HIS A 96 16.84 -2.35 -14.78
C HIS A 96 15.44 -1.74 -15.03
N LEU A 97 14.76 -1.28 -13.98
CA LEU A 97 13.38 -0.80 -14.00
C LEU A 97 13.27 0.65 -14.52
N ARG A 98 14.33 1.47 -14.34
CA ARG A 98 14.43 2.84 -14.86
C ARG A 98 14.46 2.89 -16.40
N MET A 1 32.58 -49.35 57.75
CA MET A 1 31.79 -49.15 56.50
C MET A 1 30.78 -50.29 56.27
N ARG A 2 29.63 -50.26 56.98
CA ARG A 2 28.54 -51.24 56.87
C ARG A 2 27.16 -50.64 57.19
N GLY A 3 26.09 -51.37 56.81
CA GLY A 3 24.69 -50.99 57.03
C GLY A 3 24.12 -50.00 55.99
N SER A 4 22.80 -50.04 55.82
CA SER A 4 22.04 -49.27 54.81
C SER A 4 20.66 -48.84 55.34
N HIS A 5 20.06 -47.83 54.69
CA HIS A 5 18.70 -47.32 54.97
C HIS A 5 17.85 -47.25 53.68
N HIS A 6 16.54 -47.37 53.81
CA HIS A 6 15.58 -47.56 52.70
C HIS A 6 14.31 -46.69 52.83
N HIS A 7 13.44 -46.76 51.80
CA HIS A 7 12.14 -46.06 51.73
C HIS A 7 12.24 -44.53 51.91
N HIS A 8 13.17 -43.91 51.18
CA HIS A 8 13.42 -42.46 51.21
C HIS A 8 12.39 -41.64 50.42
N HIS A 9 11.68 -42.27 49.48
CA HIS A 9 10.81 -41.62 48.49
C HIS A 9 9.45 -41.21 49.08
N HIS A 10 8.97 -40.02 48.67
CA HIS A 10 7.64 -39.48 49.02
C HIS A 10 7.14 -38.49 47.94
N GLY A 11 5.83 -38.24 47.91
CA GLY A 11 5.20 -37.26 47.01
C GLY A 11 3.68 -37.45 46.85
N SER A 12 3.02 -36.42 46.32
CA SER A 12 1.59 -36.42 45.96
C SER A 12 1.30 -35.43 44.81
N VAL A 13 0.23 -35.66 44.05
CA VAL A 13 -0.16 -34.82 42.90
C VAL A 13 -0.99 -33.60 43.33
N SER A 14 -0.79 -32.47 42.65
CA SER A 14 -1.57 -31.23 42.87
C SER A 14 -2.94 -31.27 42.20
N PHE A 15 -3.91 -30.52 42.75
CA PHE A 15 -5.26 -30.36 42.20
C PHE A 15 -5.61 -28.88 41.98
N GLY A 16 -6.42 -28.61 40.94
CA GLY A 16 -6.68 -27.24 40.45
C GLY A 16 -5.50 -26.62 39.71
N ALA A 17 -5.69 -25.40 39.17
CA ALA A 17 -4.69 -24.63 38.44
C ALA A 17 -4.88 -23.10 38.62
N PRO A 18 -3.81 -22.29 38.54
CA PRO A 18 -3.91 -20.83 38.61
C PRO A 18 -4.58 -20.23 37.36
N SER A 19 -5.28 -19.10 37.54
CA SER A 19 -6.00 -18.40 36.46
C SER A 19 -5.07 -17.64 35.51
N PRO A 20 -5.41 -17.52 34.21
CA PRO A 20 -4.68 -16.69 33.24
C PRO A 20 -4.90 -15.18 33.50
N LEU A 21 -4.05 -14.34 32.90
CA LEU A 21 -4.11 -12.87 32.98
C LEU A 21 -3.88 -12.23 31.60
N SER A 22 -4.81 -11.35 31.20
CA SER A 22 -4.86 -10.72 29.86
C SER A 22 -5.25 -9.23 29.94
N SER A 23 -4.90 -8.54 31.04
CA SER A 23 -5.46 -7.24 31.44
C SER A 23 -4.96 -6.03 30.64
N GLU A 24 -3.93 -6.18 29.79
CA GLU A 24 -3.35 -5.10 28.97
C GLU A 24 -3.23 -5.51 27.49
N SER A 25 -3.60 -4.59 26.58
CA SER A 25 -3.63 -4.80 25.13
C SER A 25 -3.57 -3.48 24.34
N GLU A 26 -3.32 -3.55 23.03
CA GLU A 26 -3.38 -2.44 22.06
C GLU A 26 -2.42 -1.26 22.35
N ASP A 27 -1.34 -1.50 23.11
CA ASP A 27 -0.40 -0.46 23.55
C ASP A 27 0.55 0.05 22.44
N GLU A 28 0.70 -0.75 21.39
CA GLU A 28 1.60 -0.48 20.24
C GLU A 28 0.96 -0.82 18.86
N ILE A 29 -0.36 -1.03 18.82
CA ILE A 29 -1.09 -1.53 17.63
C ILE A 29 -1.80 -0.39 16.88
N ASN A 30 -1.69 -0.42 15.54
CA ASN A 30 -2.37 0.48 14.59
C ASN A 30 -2.05 1.99 14.80
N TYR A 31 -0.75 2.32 14.91
CA TYR A 31 -0.22 3.70 15.01
C TYR A 31 0.65 4.10 13.79
N MET A 32 0.36 3.53 12.62
CA MET A 32 1.07 3.77 11.34
C MET A 32 0.10 4.08 10.18
N THR A 33 0.59 4.83 9.18
CA THR A 33 -0.21 5.41 8.08
C THR A 33 0.48 5.27 6.70
N PRO A 34 0.67 4.04 6.18
CA PRO A 34 1.21 3.81 4.84
C PRO A 34 0.29 4.37 3.73
N PRO A 35 0.82 4.67 2.53
CA PRO A 35 0.06 5.27 1.42
C PRO A 35 -0.87 4.26 0.75
N GLU A 36 -2.18 4.52 0.78
CA GLU A 36 -3.24 3.69 0.19
C GLU A 36 -4.31 4.55 -0.52
N GLN A 37 -4.87 4.06 -1.63
CA GLN A 37 -5.88 4.75 -2.47
C GLN A 37 -7.11 3.88 -2.81
N GLU A 38 -7.30 2.75 -2.10
CA GLU A 38 -8.36 1.75 -2.35
C GLU A 38 -8.36 1.19 -3.80
N ALA A 39 -7.18 1.13 -4.43
CA ALA A 39 -6.96 0.75 -5.83
C ALA A 39 -5.84 -0.31 -5.94
N GLN A 40 -6.13 -1.52 -5.44
CA GLN A 40 -5.20 -2.67 -5.40
C GLN A 40 -5.99 -3.97 -5.60
N PRO A 41 -6.45 -4.25 -6.84
CA PRO A 41 -7.36 -5.35 -7.14
C PRO A 41 -6.59 -6.68 -7.27
N GLY A 42 -6.16 -7.21 -6.12
CA GLY A 42 -5.14 -8.25 -5.98
C GLY A 42 -3.74 -7.66 -5.79
N ALA A 43 -2.87 -8.41 -5.09
CA ALA A 43 -1.54 -7.96 -4.62
C ALA A 43 -0.37 -8.85 -5.07
N LEU A 44 -0.57 -9.61 -6.15
CA LEU A 44 0.44 -10.47 -6.78
C LEU A 44 1.49 -9.62 -7.53
N ALA A 45 2.69 -10.19 -7.69
CA ALA A 45 3.81 -9.62 -8.45
C ALA A 45 4.62 -10.69 -9.21
N ALA A 46 5.23 -10.30 -10.33
CA ALA A 46 6.15 -11.12 -11.11
C ALA A 46 7.62 -10.85 -10.75
N LEU A 47 8.46 -11.88 -10.90
CA LEU A 47 9.91 -11.86 -10.60
C LEU A 47 10.74 -12.41 -11.77
N HIS A 48 12.02 -12.03 -11.82
CA HIS A 48 13.02 -12.65 -12.70
C HIS A 48 13.51 -13.98 -12.11
N ALA A 49 13.74 -14.99 -12.96
CA ALA A 49 14.09 -16.35 -12.52
C ALA A 49 15.59 -16.69 -12.62
N GLU A 50 16.40 -15.85 -13.28
CA GLU A 50 17.82 -16.12 -13.57
C GLU A 50 18.67 -14.83 -13.65
N GLY A 51 20.00 -14.98 -13.67
CA GLY A 51 20.97 -13.89 -13.73
C GLY A 51 21.06 -13.05 -12.44
N PRO A 52 21.65 -11.84 -12.50
CA PRO A 52 21.84 -10.99 -11.31
C PRO A 52 20.52 -10.45 -10.72
N LEU A 53 19.41 -10.51 -11.48
CA LEU A 53 18.08 -10.11 -11.03
C LEU A 53 17.25 -11.28 -10.46
N ALA A 54 17.78 -12.50 -10.32
CA ALA A 54 16.99 -13.63 -9.83
C ALA A 54 16.35 -13.35 -8.46
N GLY A 55 15.01 -13.47 -8.42
CA GLY A 55 14.18 -13.14 -7.26
C GLY A 55 13.79 -11.66 -7.13
N LEU A 56 14.15 -10.80 -8.09
CA LEU A 56 13.87 -9.36 -8.12
C LEU A 56 12.73 -9.02 -9.13
N PRO A 57 12.05 -7.86 -9.02
CA PRO A 57 10.77 -7.58 -9.68
C PRO A 57 10.92 -7.18 -11.16
N VAL A 58 9.84 -7.31 -11.94
CA VAL A 58 9.87 -7.04 -13.39
C VAL A 58 9.26 -5.68 -13.77
N THR A 59 8.25 -5.18 -13.06
CA THR A 59 7.58 -3.88 -13.32
C THR A 59 7.58 -2.91 -12.14
N ARG A 60 7.16 -1.65 -12.36
CA ARG A 60 7.05 -0.61 -11.32
C ARG A 60 6.04 -1.02 -10.24
N SER A 61 4.93 -1.63 -10.67
CA SER A 61 3.94 -2.26 -9.81
C SER A 61 4.52 -3.45 -9.03
N ASP A 62 5.31 -4.32 -9.68
CA ASP A 62 5.98 -5.41 -8.97
C ASP A 62 6.94 -4.86 -7.91
N ALA A 63 7.77 -3.87 -8.24
CA ALA A 63 8.71 -3.26 -7.31
C ALA A 63 8.02 -2.61 -6.09
N ARG A 64 6.88 -1.93 -6.29
CA ARG A 64 6.07 -1.41 -5.17
C ARG A 64 5.49 -2.53 -4.29
N VAL A 65 4.96 -3.60 -4.90
CA VAL A 65 4.45 -4.79 -4.16
C VAL A 65 5.57 -5.44 -3.35
N LEU A 66 6.72 -5.70 -3.96
CA LEU A 66 7.86 -6.32 -3.29
C LEU A 66 8.39 -5.46 -2.14
N ILE A 67 8.52 -4.13 -2.31
CA ILE A 67 8.83 -3.20 -1.20
C ILE A 67 7.80 -3.35 -0.07
N PHE A 68 6.50 -3.28 -0.40
CA PHE A 68 5.43 -3.32 0.58
C PHE A 68 5.37 -4.64 1.36
N ASN A 69 5.42 -5.78 0.68
CA ASN A 69 5.36 -7.09 1.32
C ASN A 69 6.62 -7.40 2.16
N GLU A 70 7.81 -7.11 1.61
CA GLU A 70 9.07 -7.23 2.35
C GLU A 70 9.02 -6.40 3.63
N TRP A 71 8.70 -5.10 3.51
CA TRP A 71 8.56 -4.24 4.67
C TRP A 71 7.49 -4.76 5.63
N GLU A 72 6.29 -5.14 5.18
CA GLU A 72 5.22 -5.64 6.06
C GLU A 72 5.65 -6.86 6.92
N GLU A 73 6.27 -7.88 6.33
CA GLU A 73 6.73 -9.06 7.09
C GLU A 73 7.90 -8.73 8.03
N ARG A 74 8.91 -8.02 7.50
CA ARG A 74 10.07 -7.59 8.30
C ARG A 74 9.63 -6.70 9.46
N LYS A 75 8.77 -5.72 9.20
CA LYS A 75 8.17 -4.80 10.21
C LYS A 75 7.30 -5.54 11.23
N LYS A 76 6.58 -6.60 10.85
CA LYS A 76 5.91 -7.50 11.80
C LYS A 76 6.93 -8.14 12.76
N SER A 77 8.14 -8.48 12.28
CA SER A 77 9.27 -8.88 13.14
C SER A 77 10.07 -7.71 13.77
N GLU A 78 9.98 -6.48 13.26
CA GLU A 78 10.87 -5.34 13.52
C GLU A 78 10.10 -4.01 13.66
N PRO A 79 9.53 -3.67 14.84
CA PRO A 79 8.62 -2.53 15.02
C PRO A 79 9.21 -1.12 14.73
N TRP A 80 10.49 -1.02 14.34
CA TRP A 80 11.19 0.22 13.97
C TRP A 80 11.29 0.49 12.45
N LEU A 81 10.95 -0.47 11.58
CA LEU A 81 11.27 -0.42 10.14
C LEU A 81 10.54 0.69 9.35
N ARG A 82 11.27 1.36 8.46
CA ARG A 82 10.79 2.46 7.60
C ARG A 82 10.45 2.00 6.18
N LEU A 83 9.62 2.79 5.48
CA LEU A 83 8.97 2.48 4.21
C LEU A 83 9.04 3.69 3.27
N ASP A 84 9.44 3.47 2.00
CA ASP A 84 9.49 4.51 0.97
C ASP A 84 9.03 3.96 -0.39
N MET A 85 8.11 4.68 -1.05
CA MET A 85 7.53 4.32 -2.36
C MET A 85 7.68 5.42 -3.42
N SER A 86 8.44 6.48 -3.14
CA SER A 86 8.85 7.46 -4.17
C SER A 86 9.77 6.80 -5.20
N ASP A 87 9.71 7.24 -6.46
CA ASP A 87 10.31 6.51 -7.60
C ASP A 87 11.83 6.33 -7.48
N LYS A 88 12.51 7.23 -6.77
CA LYS A 88 13.94 7.14 -6.42
C LYS A 88 14.31 5.86 -5.67
N ALA A 89 13.42 5.35 -4.81
CA ALA A 89 13.60 4.06 -4.14
C ALA A 89 13.67 2.90 -5.15
N ILE A 90 12.84 2.94 -6.19
CA ILE A 90 12.77 1.92 -7.24
C ILE A 90 14.01 2.05 -8.15
N PHE A 91 14.37 3.26 -8.58
CA PHE A 91 15.59 3.49 -9.37
C PHE A 91 16.85 2.97 -8.67
N ARG A 92 17.01 3.27 -7.38
CA ARG A 92 18.21 2.98 -6.58
C ARG A 92 18.31 1.51 -6.19
N ARG A 93 17.20 0.88 -5.78
CA ARG A 93 17.15 -0.55 -5.44
C ARG A 93 17.16 -1.46 -6.69
N TYR A 94 16.45 -1.05 -7.73
CA TYR A 94 16.22 -1.83 -8.96
C TYR A 94 16.66 -1.04 -10.22
N PRO A 95 17.98 -0.93 -10.48
CA PRO A 95 18.52 -0.10 -11.57
C PRO A 95 18.17 -0.59 -12.98
N HIS A 96 17.61 -1.80 -13.13
CA HIS A 96 17.09 -2.32 -14.39
C HIS A 96 15.70 -1.75 -14.76
N LEU A 97 14.93 -1.31 -13.76
CA LEU A 97 13.49 -1.10 -13.86
C LEU A 97 13.13 0.20 -14.61
N ARG A 98 13.78 1.31 -14.22
CA ARG A 98 13.60 2.66 -14.80
C ARG A 98 12.12 3.08 -14.94
N MET A 1 -78.72 17.63 -33.80
CA MET A 1 -77.36 17.72 -33.19
C MET A 1 -76.70 16.33 -33.13
N ARG A 2 -75.35 16.29 -33.16
CA ARG A 2 -74.54 15.05 -33.07
C ARG A 2 -73.20 15.25 -32.34
N GLY A 3 -72.61 14.15 -31.88
CA GLY A 3 -71.29 14.12 -31.22
C GLY A 3 -70.59 12.75 -31.19
N SER A 4 -71.03 11.79 -32.01
CA SER A 4 -70.54 10.41 -32.03
C SER A 4 -69.26 10.21 -32.85
N HIS A 5 -68.52 9.13 -32.57
CA HIS A 5 -67.34 8.67 -33.33
C HIS A 5 -67.34 7.15 -33.51
N HIS A 6 -66.58 6.64 -34.49
CA HIS A 6 -66.48 5.21 -34.81
C HIS A 6 -65.05 4.84 -35.24
N HIS A 7 -64.19 4.59 -34.24
CA HIS A 7 -62.81 4.10 -34.41
C HIS A 7 -62.34 3.29 -33.20
N HIS A 8 -61.53 2.26 -33.44
CA HIS A 8 -60.85 1.44 -32.42
C HIS A 8 -59.54 0.85 -32.96
N HIS A 9 -58.54 0.70 -32.08
CA HIS A 9 -57.23 0.10 -32.38
C HIS A 9 -56.54 -0.42 -31.10
N HIS A 10 -55.65 -1.41 -31.23
CA HIS A 10 -54.76 -1.89 -30.17
C HIS A 10 -53.41 -2.36 -30.73
N GLY A 11 -52.32 -2.08 -30.00
CA GLY A 11 -50.96 -2.48 -30.38
C GLY A 11 -49.88 -2.22 -29.31
N SER A 12 -50.22 -2.27 -28.02
CA SER A 12 -49.31 -1.95 -26.90
C SER A 12 -49.60 -2.77 -25.63
N VAL A 13 -48.55 -3.17 -24.92
CA VAL A 13 -48.60 -3.85 -23.61
C VAL A 13 -47.31 -3.58 -22.82
N SER A 14 -47.41 -3.41 -21.50
CA SER A 14 -46.28 -3.12 -20.60
C SER A 14 -46.51 -3.56 -19.14
N PHE A 15 -45.43 -3.72 -18.38
CA PHE A 15 -45.43 -3.93 -16.92
C PHE A 15 -44.17 -3.31 -16.27
N GLY A 16 -44.27 -2.89 -15.01
CA GLY A 16 -43.16 -2.32 -14.23
C GLY A 16 -43.54 -1.93 -12.80
N ALA A 17 -44.25 -2.82 -12.08
CA ALA A 17 -44.84 -2.53 -10.77
C ALA A 17 -44.48 -3.57 -9.67
N PRO A 18 -43.19 -3.74 -9.31
CA PRO A 18 -42.77 -4.54 -8.15
C PRO A 18 -43.15 -3.85 -6.82
N SER A 19 -43.01 -4.59 -5.71
CA SER A 19 -43.25 -4.09 -4.34
C SER A 19 -42.12 -4.55 -3.38
N PRO A 20 -40.98 -3.83 -3.33
CA PRO A 20 -39.83 -4.15 -2.47
C PRO A 20 -40.06 -3.68 -1.02
N LEU A 21 -41.06 -4.26 -0.35
CA LEU A 21 -41.56 -3.82 0.96
C LEU A 21 -40.67 -4.18 2.18
N SER A 22 -39.61 -4.97 1.98
CA SER A 22 -38.74 -5.48 3.05
C SER A 22 -37.98 -4.36 3.79
N SER A 23 -37.87 -4.49 5.12
CA SER A 23 -37.33 -3.46 6.02
C SER A 23 -36.31 -4.00 7.05
N GLU A 24 -35.78 -5.20 6.86
CA GLU A 24 -34.93 -5.89 7.84
C GLU A 24 -33.60 -5.17 8.14
N SER A 25 -33.08 -4.40 7.17
CA SER A 25 -31.91 -3.52 7.35
C SER A 25 -32.30 -2.19 8.02
N GLU A 26 -33.39 -1.55 7.57
CA GLU A 26 -33.89 -0.28 8.11
C GLU A 26 -34.27 -0.37 9.62
N ASP A 27 -34.63 -1.56 10.09
CA ASP A 27 -34.92 -1.85 11.50
C ASP A 27 -33.69 -1.75 12.44
N GLU A 28 -32.48 -1.73 11.88
CA GLU A 28 -31.20 -1.63 12.61
C GLU A 28 -30.17 -0.62 12.04
N ILE A 29 -30.48 0.02 10.91
CA ILE A 29 -29.67 1.05 10.24
C ILE A 29 -30.50 2.33 10.08
N ASN A 30 -30.09 3.41 10.75
CA ASN A 30 -30.72 4.74 10.69
C ASN A 30 -30.13 5.57 9.52
N TYR A 31 -30.11 4.98 8.31
CA TYR A 31 -29.65 5.59 7.04
C TYR A 31 -28.21 6.16 7.04
N MET A 32 -27.34 5.64 7.92
CA MET A 32 -25.99 6.20 8.19
C MET A 32 -24.88 5.13 8.30
N THR A 33 -25.11 3.93 7.73
CA THR A 33 -24.18 2.78 7.81
C THR A 33 -23.89 2.21 6.41
N PRO A 34 -22.98 2.82 5.63
CA PRO A 34 -22.56 2.31 4.32
C PRO A 34 -21.69 1.03 4.44
N PRO A 35 -21.59 0.22 3.35
CA PRO A 35 -20.74 -0.97 3.33
C PRO A 35 -19.24 -0.62 3.33
N GLU A 36 -18.42 -1.56 3.84
CA GLU A 36 -16.96 -1.39 4.02
C GLU A 36 -16.10 -2.57 3.49
N GLN A 37 -16.71 -3.50 2.74
CA GLN A 37 -16.06 -4.73 2.28
C GLN A 37 -15.11 -4.51 1.07
N GLU A 38 -15.38 -3.49 0.24
CA GLU A 38 -14.68 -3.09 -1.00
C GLU A 38 -14.65 -4.13 -2.16
N ALA A 39 -14.71 -5.43 -1.87
CA ALA A 39 -14.86 -6.55 -2.81
C ALA A 39 -13.84 -6.56 -3.97
N GLN A 40 -12.57 -6.19 -3.70
CA GLN A 40 -11.48 -6.12 -4.68
C GLN A 40 -10.10 -6.53 -4.08
N PRO A 41 -9.99 -7.70 -3.42
CA PRO A 41 -8.81 -8.10 -2.65
C PRO A 41 -7.62 -8.59 -3.52
N GLY A 42 -6.44 -8.65 -2.89
CA GLY A 42 -5.23 -9.29 -3.41
C GLY A 42 -4.32 -8.42 -4.29
N ALA A 43 -3.02 -8.70 -4.23
CA ALA A 43 -1.97 -8.11 -5.06
C ALA A 43 -0.79 -9.10 -5.26
N LEU A 44 -0.18 -9.11 -6.44
CA LEU A 44 0.91 -10.01 -6.85
C LEU A 44 2.14 -9.23 -7.34
N ALA A 45 3.31 -9.87 -7.30
CA ALA A 45 4.55 -9.40 -7.93
C ALA A 45 5.18 -10.51 -8.81
N ALA A 46 5.41 -10.20 -10.09
CA ALA A 46 6.18 -11.05 -11.01
C ALA A 46 7.69 -10.79 -10.87
N LEU A 47 8.50 -11.86 -11.00
CA LEU A 47 9.94 -11.86 -10.71
C LEU A 47 10.77 -12.39 -11.88
N HIS A 48 12.06 -12.01 -11.91
CA HIS A 48 13.07 -12.62 -12.77
C HIS A 48 13.56 -13.95 -12.16
N ALA A 49 13.73 -14.99 -12.99
CA ALA A 49 14.06 -16.34 -12.51
C ALA A 49 15.58 -16.66 -12.50
N GLU A 50 16.40 -15.87 -13.21
CA GLU A 50 17.83 -16.12 -13.43
C GLU A 50 18.66 -14.83 -13.61
N GLY A 51 19.99 -14.96 -13.63
CA GLY A 51 20.93 -13.84 -13.80
C GLY A 51 21.04 -12.92 -12.56
N PRO A 52 21.61 -11.71 -12.72
CA PRO A 52 21.84 -10.78 -11.60
C PRO A 52 20.55 -10.24 -10.96
N LEU A 53 19.41 -10.33 -11.66
CA LEU A 53 18.09 -9.94 -11.16
C LEU A 53 17.28 -11.09 -10.55
N ALA A 54 17.83 -12.31 -10.37
CA ALA A 54 17.07 -13.44 -9.86
C ALA A 54 16.39 -13.15 -8.51
N GLY A 55 15.07 -13.32 -8.48
CA GLY A 55 14.19 -13.01 -7.34
C GLY A 55 13.78 -11.53 -7.21
N LEU A 56 14.17 -10.67 -8.16
CA LEU A 56 13.87 -9.22 -8.20
C LEU A 56 12.71 -8.93 -9.20
N PRO A 57 12.04 -7.77 -9.11
CA PRO A 57 10.75 -7.51 -9.78
C PRO A 57 10.87 -7.27 -11.28
N VAL A 58 9.81 -7.49 -12.05
CA VAL A 58 9.77 -7.19 -13.49
C VAL A 58 9.25 -5.77 -13.80
N THR A 59 8.26 -5.25 -13.05
CA THR A 59 7.65 -3.92 -13.26
C THR A 59 7.72 -2.99 -12.04
N ARG A 60 7.34 -1.71 -12.22
CA ARG A 60 7.21 -0.74 -11.11
C ARG A 60 6.14 -1.14 -10.09
N SER A 61 5.06 -1.78 -10.56
CA SER A 61 4.04 -2.39 -9.70
C SER A 61 4.63 -3.57 -8.93
N ASP A 62 5.38 -4.45 -9.59
CA ASP A 62 6.05 -5.57 -8.90
C ASP A 62 7.04 -5.07 -7.84
N ALA A 63 7.83 -4.03 -8.15
CA ALA A 63 8.75 -3.40 -7.20
C ALA A 63 8.03 -2.77 -5.99
N ARG A 64 6.93 -2.06 -6.19
CA ARG A 64 6.13 -1.46 -5.10
C ARG A 64 5.49 -2.54 -4.21
N VAL A 65 4.94 -3.60 -4.79
CA VAL A 65 4.38 -4.75 -4.05
C VAL A 65 5.45 -5.47 -3.24
N LEU A 66 6.62 -5.72 -3.84
CA LEU A 66 7.76 -6.29 -3.10
C LEU A 66 8.20 -5.41 -1.91
N ILE A 67 8.37 -4.10 -2.13
CA ILE A 67 8.71 -3.16 -1.04
C ILE A 67 7.68 -3.27 0.08
N PHE A 68 6.38 -3.20 -0.25
CA PHE A 68 5.31 -3.24 0.75
C PHE A 68 5.26 -4.57 1.49
N ASN A 69 5.23 -5.71 0.79
CA ASN A 69 5.13 -7.02 1.43
C ASN A 69 6.37 -7.37 2.28
N GLU A 70 7.57 -7.14 1.73
CA GLU A 70 8.82 -7.40 2.46
C GLU A 70 8.91 -6.52 3.70
N TRP A 71 8.61 -5.22 3.59
CA TRP A 71 8.50 -4.35 4.75
C TRP A 71 7.44 -4.83 5.73
N GLU A 72 6.22 -5.18 5.31
CA GLU A 72 5.17 -5.65 6.22
C GLU A 72 5.59 -6.88 7.05
N GLU A 73 6.21 -7.90 6.44
CA GLU A 73 6.67 -9.09 7.18
C GLU A 73 7.86 -8.77 8.12
N ARG A 74 8.89 -8.10 7.58
CA ARG A 74 10.06 -7.67 8.36
C ARG A 74 9.62 -6.80 9.52
N LYS A 75 8.79 -5.78 9.27
CA LYS A 75 8.25 -4.84 10.26
C LYS A 75 7.30 -5.48 11.27
N LYS A 76 6.55 -6.54 10.89
CA LYS A 76 5.85 -7.40 11.86
C LYS A 76 6.84 -8.04 12.85
N SER A 77 8.04 -8.43 12.38
CA SER A 77 9.15 -8.83 13.28
C SER A 77 10.00 -7.68 13.86
N GLU A 78 9.92 -6.47 13.29
CA GLU A 78 10.83 -5.32 13.51
C GLU A 78 10.05 -3.98 13.49
N PRO A 79 9.25 -3.65 14.53
CA PRO A 79 8.25 -2.57 14.49
C PRO A 79 8.79 -1.14 14.25
N TRP A 80 10.11 -0.96 14.23
CA TRP A 80 10.82 0.29 13.92
C TRP A 80 11.08 0.54 12.41
N LEU A 81 10.84 -0.44 11.52
CA LEU A 81 11.33 -0.43 10.14
C LEU A 81 10.72 0.69 9.26
N ARG A 82 11.58 1.33 8.44
CA ARG A 82 11.23 2.41 7.50
C ARG A 82 10.69 1.90 6.15
N LEU A 83 9.90 2.72 5.47
CA LEU A 83 9.17 2.42 4.24
C LEU A 83 9.26 3.61 3.25
N ASP A 84 9.62 3.35 2.00
CA ASP A 84 9.77 4.39 0.96
C ASP A 84 9.42 3.84 -0.44
N MET A 85 8.57 4.57 -1.20
CA MET A 85 7.98 4.12 -2.47
C MET A 85 8.08 5.14 -3.63
N SER A 86 8.77 6.27 -3.44
CA SER A 86 9.02 7.25 -4.50
C SER A 86 9.87 6.66 -5.64
N ASP A 87 9.78 7.20 -6.85
CA ASP A 87 10.48 6.70 -8.04
C ASP A 87 11.98 6.41 -7.83
N LYS A 88 12.70 7.31 -7.16
CA LYS A 88 14.11 7.14 -6.75
C LYS A 88 14.36 5.86 -5.93
N ALA A 89 13.45 5.47 -5.04
CA ALA A 89 13.56 4.24 -4.24
C ALA A 89 13.57 2.99 -5.13
N ILE A 90 12.73 2.99 -6.18
CA ILE A 90 12.59 1.88 -7.12
C ILE A 90 13.80 1.83 -8.05
N PHE A 91 14.23 2.98 -8.60
CA PHE A 91 15.45 3.05 -9.43
C PHE A 91 16.70 2.55 -8.69
N ARG A 92 16.87 2.98 -7.42
CA ARG A 92 18.05 2.70 -6.60
C ARG A 92 18.07 1.24 -6.11
N ARG A 93 16.91 0.66 -5.78
CA ARG A 93 16.77 -0.79 -5.50
C ARG A 93 16.95 -1.66 -6.75
N TYR A 94 16.38 -1.22 -7.88
CA TYR A 94 16.19 -1.99 -9.11
C TYR A 94 16.67 -1.20 -10.35
N PRO A 95 17.96 -1.28 -10.72
CA PRO A 95 18.53 -0.41 -11.75
C PRO A 95 17.99 -0.68 -13.17
N HIS A 96 17.41 -1.85 -13.43
CA HIS A 96 16.72 -2.16 -14.69
C HIS A 96 15.39 -1.41 -14.84
N LEU A 97 14.77 -1.01 -13.73
CA LEU A 97 13.50 -0.29 -13.64
C LEU A 97 13.64 1.24 -13.79
N ARG A 98 14.87 1.75 -14.01
CA ARG A 98 15.17 3.16 -14.34
C ARG A 98 15.15 3.38 -15.85
N MET A 1 -34.20 -56.63 50.73
CA MET A 1 -33.20 -56.33 49.66
C MET A 1 -31.83 -55.99 50.27
N ARG A 2 -30.75 -56.19 49.50
CA ARG A 2 -29.34 -55.93 49.90
C ARG A 2 -28.58 -55.09 48.88
N GLY A 3 -27.42 -54.57 49.28
CA GLY A 3 -26.51 -53.74 48.48
C GLY A 3 -26.76 -52.23 48.62
N SER A 4 -25.66 -51.45 48.62
CA SER A 4 -25.65 -49.98 48.72
C SER A 4 -24.37 -49.40 48.11
N HIS A 5 -24.39 -48.13 47.69
CA HIS A 5 -23.30 -47.44 46.99
C HIS A 5 -23.05 -46.02 47.54
N HIS A 6 -21.82 -45.53 47.37
CA HIS A 6 -21.36 -44.19 47.81
C HIS A 6 -20.36 -43.60 46.80
N HIS A 7 -20.19 -42.27 46.81
CA HIS A 7 -19.35 -41.51 45.86
C HIS A 7 -18.58 -40.36 46.53
N HIS A 8 -17.53 -39.87 45.85
CA HIS A 8 -16.58 -38.87 46.36
C HIS A 8 -16.27 -37.78 45.31
N HIS A 9 -15.88 -36.59 45.80
CA HIS A 9 -15.42 -35.46 44.97
C HIS A 9 -14.36 -34.62 45.73
N HIS A 10 -13.40 -34.04 44.99
CA HIS A 10 -12.38 -33.13 45.52
C HIS A 10 -11.96 -32.09 44.45
N GLY A 11 -11.84 -30.83 44.84
CA GLY A 11 -11.48 -29.71 43.96
C GLY A 11 -9.95 -29.49 43.83
N SER A 12 -9.52 -29.04 42.65
CA SER A 12 -8.11 -28.75 42.32
C SER A 12 -7.97 -27.40 41.61
N VAL A 13 -6.87 -26.67 41.88
CA VAL A 13 -6.55 -25.36 41.29
C VAL A 13 -5.04 -25.11 41.22
N SER A 14 -4.60 -24.39 40.18
CA SER A 14 -3.22 -23.89 40.01
C SER A 14 -3.20 -22.55 39.24
N PHE A 15 -2.22 -21.69 39.52
CA PHE A 15 -2.11 -20.34 38.95
C PHE A 15 -0.64 -19.83 38.92
N GLY A 16 -0.40 -18.76 38.15
CA GLY A 16 0.87 -18.03 38.07
C GLY A 16 1.72 -18.37 36.84
N ALA A 17 2.23 -17.34 36.17
CA ALA A 17 3.09 -17.41 34.98
C ALA A 17 3.95 -16.13 34.84
N PRO A 18 5.12 -16.18 34.18
CA PRO A 18 5.93 -15.00 33.89
C PRO A 18 5.29 -14.08 32.84
N SER A 19 5.60 -12.78 32.90
CA SER A 19 5.01 -11.73 32.04
C SER A 19 6.09 -10.77 31.47
N PRO A 20 7.00 -11.25 30.59
CA PRO A 20 7.99 -10.40 29.92
C PRO A 20 7.32 -9.42 28.94
N LEU A 21 7.75 -8.15 28.96
CA LEU A 21 7.19 -7.05 28.16
C LEU A 21 8.28 -6.07 27.67
N SER A 22 8.02 -5.42 26.54
CA SER A 22 8.82 -4.29 26.02
C SER A 22 8.45 -2.96 26.71
N SER A 23 9.34 -1.97 26.61
CA SER A 23 9.20 -0.63 27.21
C SER A 23 9.80 0.52 26.39
N GLU A 24 10.47 0.21 25.27
CA GLU A 24 11.25 1.14 24.44
C GLU A 24 10.79 1.24 22.97
N SER A 25 9.79 0.45 22.56
CA SER A 25 9.34 0.35 21.16
C SER A 25 8.56 1.59 20.68
N GLU A 26 8.80 1.98 19.42
CA GLU A 26 8.06 3.01 18.66
C GLU A 26 8.07 4.45 19.24
N ASP A 27 8.89 4.74 20.27
CA ASP A 27 8.88 6.05 20.95
C ASP A 27 9.42 7.22 20.11
N GLU A 28 10.19 6.93 19.06
CA GLU A 28 10.79 7.91 18.15
C GLU A 28 10.84 7.48 16.66
N ILE A 29 10.14 6.39 16.30
CA ILE A 29 10.19 5.76 14.97
C ILE A 29 8.78 5.37 14.48
N ASN A 30 8.40 5.81 13.27
CA ASN A 30 7.23 5.35 12.50
C ASN A 30 5.94 5.16 13.33
N TYR A 31 5.59 6.17 14.14
CA TYR A 31 4.66 6.03 15.27
C TYR A 31 3.28 5.47 14.88
N MET A 32 2.64 6.06 13.86
CA MET A 32 1.35 5.60 13.30
C MET A 32 1.16 6.12 11.86
N THR A 33 2.16 5.89 11.00
CA THR A 33 2.28 6.52 9.65
C THR A 33 2.43 5.52 8.48
N PRO A 34 1.54 4.51 8.32
CA PRO A 34 1.50 3.66 7.13
C PRO A 34 0.88 4.39 5.90
N PRO A 35 1.10 3.89 4.67
CA PRO A 35 0.40 4.36 3.46
C PRO A 35 -1.09 3.91 3.43
N GLU A 36 -1.87 4.52 2.53
CA GLU A 36 -3.29 4.18 2.29
C GLU A 36 -3.68 4.21 0.80
N GLN A 37 -4.65 3.38 0.41
CA GLN A 37 -5.27 3.33 -0.93
C GLN A 37 -6.58 2.51 -0.91
N GLU A 38 -7.36 2.61 -1.99
CA GLU A 38 -8.59 1.85 -2.25
C GLU A 38 -8.62 1.31 -3.69
N ALA A 39 -9.47 0.32 -3.95
CA ALA A 39 -9.73 -0.29 -5.27
C ALA A 39 -8.45 -0.75 -6.01
N GLN A 40 -7.66 -1.62 -5.34
CA GLN A 40 -6.43 -2.20 -5.89
C GLN A 40 -6.32 -3.73 -5.61
N PRO A 41 -7.38 -4.53 -5.86
CA PRO A 41 -7.41 -5.95 -5.49
C PRO A 41 -6.51 -6.82 -6.38
N GLY A 42 -6.13 -8.00 -5.86
CA GLY A 42 -5.31 -8.98 -6.59
C GLY A 42 -3.84 -8.56 -6.78
N ALA A 43 -3.31 -7.68 -5.92
CA ALA A 43 -1.96 -7.15 -6.00
C ALA A 43 -0.89 -8.23 -5.72
N LEU A 44 -0.11 -8.55 -6.75
CA LEU A 44 0.97 -9.55 -6.78
C LEU A 44 2.23 -8.96 -7.46
N ALA A 45 3.38 -9.63 -7.27
CA ALA A 45 4.65 -9.27 -7.91
C ALA A 45 5.22 -10.41 -8.76
N ALA A 46 5.44 -10.16 -10.05
CA ALA A 46 6.20 -11.03 -10.95
C ALA A 46 7.71 -10.77 -10.80
N LEU A 47 8.52 -11.83 -10.96
CA LEU A 47 9.96 -11.84 -10.65
C LEU A 47 10.82 -12.37 -11.80
N HIS A 48 12.10 -11.99 -11.81
CA HIS A 48 13.14 -12.61 -12.65
C HIS A 48 13.62 -13.91 -12.03
N ALA A 49 13.89 -14.95 -12.84
CA ALA A 49 14.20 -16.30 -12.37
C ALA A 49 15.70 -16.66 -12.35
N GLU A 50 16.55 -15.86 -13.00
CA GLU A 50 17.99 -16.14 -13.21
C GLU A 50 18.86 -14.88 -13.29
N GLY A 51 20.18 -15.06 -13.22
CA GLY A 51 21.17 -13.97 -13.27
C GLY A 51 21.19 -13.08 -12.01
N PRO A 52 21.77 -11.87 -12.09
CA PRO A 52 21.89 -10.96 -10.93
C PRO A 52 20.54 -10.41 -10.43
N LEU A 53 19.47 -10.52 -11.24
CA LEU A 53 18.11 -10.12 -10.88
C LEU A 53 17.26 -11.28 -10.31
N ALA A 54 17.80 -12.48 -10.09
CA ALA A 54 17.00 -13.60 -9.59
C ALA A 54 16.29 -13.26 -8.26
N GLY A 55 14.96 -13.39 -8.27
CA GLY A 55 14.06 -13.02 -7.15
C GLY A 55 13.69 -11.53 -7.07
N LEU A 56 14.11 -10.70 -8.03
CA LEU A 56 13.86 -9.25 -8.11
C LEU A 56 12.73 -8.92 -9.12
N PRO A 57 12.07 -7.74 -9.04
CA PRO A 57 10.81 -7.45 -9.72
C PRO A 57 10.96 -7.19 -11.23
N VAL A 58 9.87 -7.31 -11.99
CA VAL A 58 9.87 -7.05 -13.44
C VAL A 58 9.24 -5.69 -13.82
N THR A 59 8.25 -5.20 -13.07
CA THR A 59 7.59 -3.89 -13.29
C THR A 59 7.61 -2.97 -12.06
N ARG A 60 7.21 -1.70 -12.23
CA ARG A 60 7.15 -0.73 -11.11
C ARG A 60 6.09 -1.13 -10.08
N SER A 61 4.99 -1.71 -10.54
CA SER A 61 3.99 -2.37 -9.69
C SER A 61 4.61 -3.55 -8.93
N ASP A 62 5.38 -4.43 -9.60
CA ASP A 62 6.06 -5.54 -8.91
C ASP A 62 7.02 -5.02 -7.83
N ALA A 63 7.83 -4.00 -8.13
CA ALA A 63 8.77 -3.39 -7.20
C ALA A 63 8.06 -2.74 -5.99
N ARG A 64 6.94 -2.03 -6.19
CA ARG A 64 6.16 -1.43 -5.09
C ARG A 64 5.49 -2.49 -4.21
N VAL A 65 4.93 -3.55 -4.81
CA VAL A 65 4.35 -4.69 -4.08
C VAL A 65 5.42 -5.40 -3.25
N LEU A 66 6.59 -5.66 -3.81
CA LEU A 66 7.73 -6.21 -3.06
C LEU A 66 8.12 -5.32 -1.88
N ILE A 67 8.30 -4.01 -2.10
CA ILE A 67 8.60 -3.06 -1.01
C ILE A 67 7.57 -3.19 0.11
N PHE A 68 6.27 -3.12 -0.22
CA PHE A 68 5.21 -3.17 0.78
C PHE A 68 5.14 -4.52 1.52
N ASN A 69 5.09 -5.64 0.79
CA ASN A 69 4.91 -6.97 1.40
C ASN A 69 6.14 -7.41 2.22
N GLU A 70 7.35 -7.18 1.69
CA GLU A 70 8.59 -7.46 2.42
C GLU A 70 8.71 -6.56 3.65
N TRP A 71 8.44 -5.25 3.53
CA TRP A 71 8.40 -4.39 4.70
C TRP A 71 7.35 -4.85 5.70
N GLU A 72 6.11 -5.17 5.31
CA GLU A 72 5.08 -5.65 6.24
C GLU A 72 5.52 -6.89 7.05
N GLU A 73 6.07 -7.93 6.41
CA GLU A 73 6.54 -9.12 7.09
C GLU A 73 7.72 -8.83 8.04
N ARG A 74 8.76 -8.17 7.51
CA ARG A 74 9.95 -7.78 8.28
C ARG A 74 9.54 -6.90 9.45
N LYS A 75 8.72 -5.88 9.21
CA LYS A 75 8.18 -4.95 10.23
C LYS A 75 7.37 -5.65 11.32
N LYS A 76 6.58 -6.69 10.99
CA LYS A 76 5.94 -7.56 11.99
C LYS A 76 6.96 -8.30 12.85
N SER A 77 8.14 -8.63 12.30
CA SER A 77 9.31 -9.06 13.12
C SER A 77 10.17 -7.92 13.72
N GLU A 78 10.11 -6.70 13.19
CA GLU A 78 11.07 -5.59 13.38
C GLU A 78 10.35 -4.22 13.40
N PRO A 79 9.70 -3.83 14.52
CA PRO A 79 8.83 -2.65 14.55
C PRO A 79 9.52 -1.33 14.12
N TRP A 80 10.85 -1.22 14.23
CA TRP A 80 11.64 -0.06 13.82
C TRP A 80 11.79 0.16 12.29
N LEU A 81 11.33 -0.75 11.42
CA LEU A 81 11.62 -0.70 9.98
C LEU A 81 10.92 0.45 9.24
N ARG A 82 11.68 1.21 8.43
CA ARG A 82 11.17 2.30 7.58
C ARG A 82 10.68 1.84 6.19
N LEU A 83 9.85 2.68 5.56
CA LEU A 83 9.10 2.39 4.32
C LEU A 83 9.12 3.62 3.40
N ASP A 84 9.47 3.43 2.12
CA ASP A 84 9.50 4.49 1.09
C ASP A 84 9.15 3.94 -0.31
N MET A 85 8.29 4.64 -1.05
CA MET A 85 7.67 4.17 -2.30
C MET A 85 7.78 5.14 -3.50
N SER A 86 8.44 6.30 -3.33
CA SER A 86 8.69 7.25 -4.42
C SER A 86 9.56 6.64 -5.52
N ASP A 87 9.39 7.09 -6.78
CA ASP A 87 10.07 6.53 -7.96
C ASP A 87 11.60 6.38 -7.81
N LYS A 88 12.26 7.34 -7.15
CA LYS A 88 13.70 7.30 -6.80
C LYS A 88 14.09 6.03 -6.04
N ALA A 89 13.26 5.55 -5.11
CA ALA A 89 13.48 4.30 -4.39
C ALA A 89 13.54 3.08 -5.32
N ILE A 90 12.68 3.06 -6.34
CA ILE A 90 12.63 1.96 -7.32
C ILE A 90 13.84 2.04 -8.25
N PHE A 91 14.18 3.23 -8.76
CA PHE A 91 15.38 3.44 -9.59
C PHE A 91 16.66 2.98 -8.86
N ARG A 92 16.80 3.34 -7.58
CA ARG A 92 17.99 3.11 -6.76
C ARG A 92 18.12 1.65 -6.31
N ARG A 93 17.01 1.00 -5.93
CA ARG A 93 16.98 -0.44 -5.57
C ARG A 93 17.07 -1.36 -6.79
N TYR A 94 16.45 -0.96 -7.90
CA TYR A 94 16.24 -1.76 -9.11
C TYR A 94 16.64 -0.97 -10.38
N PRO A 95 17.96 -0.82 -10.66
CA PRO A 95 18.45 -0.01 -11.77
C PRO A 95 18.08 -0.55 -13.16
N HIS A 96 17.63 -1.82 -13.25
CA HIS A 96 17.08 -2.41 -14.48
C HIS A 96 15.66 -1.89 -14.81
N LEU A 97 14.91 -1.42 -13.81
CA LEU A 97 13.47 -1.24 -13.86
C LEU A 97 13.08 0.08 -14.54
N ARG A 98 13.64 1.20 -14.07
CA ARG A 98 13.37 2.59 -14.52
C ARG A 98 11.85 2.88 -14.65
N MET A 1 -12.71 81.21 35.84
CA MET A 1 -12.58 79.89 35.13
C MET A 1 -13.81 79.64 34.24
N ARG A 2 -13.64 78.85 33.17
CA ARG A 2 -14.71 78.49 32.21
C ARG A 2 -14.56 77.05 31.67
N GLY A 3 -15.66 76.49 31.16
CA GLY A 3 -15.73 75.17 30.51
C GLY A 3 -17.00 74.39 30.88
N SER A 4 -17.67 73.81 29.87
CA SER A 4 -18.93 73.07 30.00
C SER A 4 -19.00 71.88 29.04
N HIS A 5 -19.66 70.80 29.46
CA HIS A 5 -19.92 69.60 28.64
C HIS A 5 -21.21 68.87 29.08
N HIS A 6 -21.85 68.17 28.14
CA HIS A 6 -23.03 67.32 28.37
C HIS A 6 -23.20 66.24 27.30
N HIS A 7 -23.68 65.06 27.68
CA HIS A 7 -24.14 64.00 26.77
C HIS A 7 -25.24 63.13 27.41
N HIS A 8 -26.20 62.68 26.59
CA HIS A 8 -27.27 61.75 26.98
C HIS A 8 -27.82 60.99 25.76
N HIS A 9 -28.33 59.77 25.97
CA HIS A 9 -28.88 58.90 24.91
C HIS A 9 -29.94 57.91 25.42
N HIS A 10 -30.67 57.29 24.48
CA HIS A 10 -31.64 56.21 24.72
C HIS A 10 -31.45 55.06 23.70
N GLY A 11 -31.75 53.82 24.13
CA GLY A 11 -31.78 52.65 23.24
C GLY A 11 -31.63 51.32 24.01
N SER A 12 -32.58 50.40 23.80
CA SER A 12 -32.56 49.04 24.36
C SER A 12 -33.46 48.09 23.53
N VAL A 13 -33.07 46.82 23.41
CA VAL A 13 -33.82 45.76 22.71
C VAL A 13 -33.73 44.45 23.52
N SER A 14 -34.89 43.82 23.76
CA SER A 14 -35.01 42.53 24.48
C SER A 14 -36.07 41.63 23.84
N PHE A 15 -35.74 40.34 23.68
CA PHE A 15 -36.64 39.29 23.15
C PHE A 15 -36.26 37.90 23.68
N GLY A 16 -37.23 36.98 23.72
CA GLY A 16 -37.01 35.55 24.01
C GLY A 16 -38.27 34.71 23.79
N ALA A 17 -38.14 33.61 23.05
CA ALA A 17 -39.23 32.66 22.75
C ALA A 17 -38.70 31.21 22.63
N PRO A 18 -38.10 30.64 23.70
CA PRO A 18 -37.53 29.28 23.68
C PRO A 18 -38.60 28.19 23.54
N SER A 19 -38.22 27.07 22.92
CA SER A 19 -39.06 25.88 22.69
C SER A 19 -38.24 24.58 22.57
N PRO A 20 -38.81 23.41 22.89
CA PRO A 20 -38.14 22.12 22.72
C PRO A 20 -37.99 21.74 21.23
N LEU A 21 -36.95 20.95 20.92
CA LEU A 21 -36.63 20.49 19.56
C LEU A 21 -36.01 19.08 19.56
N SER A 22 -36.48 18.21 18.66
CA SER A 22 -35.87 16.92 18.35
C SER A 22 -36.17 16.50 16.90
N SER A 23 -35.21 15.80 16.27
CA SER A 23 -35.27 15.37 14.86
C SER A 23 -34.69 13.97 14.60
N GLU A 24 -34.37 13.22 15.67
CA GLU A 24 -33.67 11.92 15.60
C GLU A 24 -34.57 10.75 16.00
N SER A 25 -34.76 9.79 15.09
CA SER A 25 -35.53 8.54 15.30
C SER A 25 -34.74 7.25 15.00
N GLU A 26 -33.44 7.38 14.66
CA GLU A 26 -32.51 6.27 14.32
C GLU A 26 -32.95 5.39 13.12
N ASP A 27 -33.89 5.87 12.29
CA ASP A 27 -34.47 5.08 11.19
C ASP A 27 -33.55 4.96 9.95
N GLU A 28 -32.63 5.91 9.80
CA GLU A 28 -31.66 6.00 8.69
C GLU A 28 -30.18 5.92 9.13
N ILE A 29 -29.91 5.78 10.44
CA ILE A 29 -28.56 5.84 11.04
C ILE A 29 -27.96 4.41 11.09
N ASN A 30 -27.87 3.78 9.90
CA ASN A 30 -27.43 2.40 9.73
C ASN A 30 -25.90 2.28 9.46
N TYR A 31 -25.28 3.31 8.89
CA TYR A 31 -23.90 3.28 8.41
C TYR A 31 -22.89 3.78 9.45
N MET A 32 -21.79 3.02 9.62
CA MET A 32 -20.61 3.38 10.42
C MET A 32 -19.34 2.73 9.82
N THR A 33 -19.31 2.63 8.48
CA THR A 33 -18.55 1.62 7.72
C THR A 33 -17.88 2.22 6.46
N PRO A 34 -16.86 3.09 6.62
CA PRO A 34 -16.07 3.60 5.50
C PRO A 34 -15.23 2.50 4.81
N PRO A 35 -14.81 2.69 3.55
CA PRO A 35 -14.01 1.73 2.79
C PRO A 35 -12.57 1.59 3.33
N GLU A 36 -11.99 0.39 3.15
CA GLU A 36 -10.64 0.01 3.63
C GLU A 36 -9.74 -0.52 2.50
N GLN A 37 -10.06 -0.19 1.24
CA GLN A 37 -9.33 -0.61 0.03
C GLN A 37 -9.10 0.57 -0.94
N GLU A 38 -8.09 0.45 -1.80
CA GLU A 38 -7.64 1.50 -2.74
C GLU A 38 -7.81 1.06 -4.22
N ALA A 39 -8.91 0.37 -4.51
CA ALA A 39 -9.34 -0.07 -5.84
C ALA A 39 -8.26 -0.85 -6.65
N GLN A 40 -7.51 -1.73 -5.96
CA GLN A 40 -6.42 -2.53 -6.53
C GLN A 40 -6.32 -3.95 -5.91
N PRO A 41 -7.45 -4.71 -5.83
CA PRO A 41 -7.50 -5.99 -5.13
C PRO A 41 -6.75 -7.10 -5.89
N GLY A 42 -6.37 -8.17 -5.18
CA GLY A 42 -5.66 -9.32 -5.74
C GLY A 42 -4.20 -9.02 -6.15
N ALA A 43 -3.55 -8.07 -5.49
CA ALA A 43 -2.21 -7.60 -5.80
C ALA A 43 -1.14 -8.70 -5.59
N LEU A 44 -0.45 -9.02 -6.70
CA LEU A 44 0.64 -10.00 -6.80
C LEU A 44 1.83 -9.39 -7.61
N ALA A 45 2.98 -10.07 -7.58
CA ALA A 45 4.18 -9.66 -8.32
C ALA A 45 4.77 -10.79 -9.19
N ALA A 46 5.27 -10.43 -10.37
CA ALA A 46 6.16 -11.26 -11.18
C ALA A 46 7.64 -11.02 -10.82
N LEU A 47 8.49 -12.02 -11.07
CA LEU A 47 9.91 -12.01 -10.71
C LEU A 47 10.80 -12.46 -11.89
N HIS A 48 12.08 -12.06 -11.85
CA HIS A 48 13.14 -12.67 -12.67
C HIS A 48 13.63 -13.97 -12.02
N ALA A 49 13.87 -15.02 -12.80
CA ALA A 49 14.24 -16.35 -12.29
C ALA A 49 15.76 -16.63 -12.30
N GLU A 50 16.53 -15.90 -13.11
CA GLU A 50 17.96 -16.15 -13.37
C GLU A 50 18.79 -14.85 -13.46
N GLY A 51 20.12 -14.98 -13.39
CA GLY A 51 21.06 -13.86 -13.49
C GLY A 51 21.11 -12.95 -12.25
N PRO A 52 21.66 -11.73 -12.35
CA PRO A 52 21.83 -10.82 -11.21
C PRO A 52 20.51 -10.29 -10.63
N LEU A 53 19.40 -10.39 -11.38
CA LEU A 53 18.05 -10.01 -10.92
C LEU A 53 17.24 -11.19 -10.35
N ALA A 54 17.80 -12.39 -10.17
CA ALA A 54 17.05 -13.54 -9.67
C ALA A 54 16.37 -13.24 -8.31
N GLY A 55 15.04 -13.39 -8.28
CA GLY A 55 14.18 -13.06 -7.14
C GLY A 55 13.76 -11.59 -7.02
N LEU A 56 14.10 -10.73 -7.99
CA LEU A 56 13.80 -9.30 -8.05
C LEU A 56 12.64 -9.00 -9.05
N PRO A 57 11.96 -7.83 -8.96
CA PRO A 57 10.72 -7.54 -9.69
C PRO A 57 10.92 -7.34 -11.19
N VAL A 58 9.84 -7.37 -11.99
CA VAL A 58 9.90 -7.11 -13.44
C VAL A 58 9.28 -5.74 -13.81
N THR A 59 8.29 -5.25 -13.05
CA THR A 59 7.59 -3.96 -13.29
C THR A 59 7.60 -3.02 -12.07
N ARG A 60 7.13 -1.77 -12.25
CA ARG A 60 6.95 -0.81 -11.15
C ARG A 60 5.91 -1.29 -10.13
N SER A 61 4.87 -1.96 -10.61
CA SER A 61 3.86 -2.62 -9.77
C SER A 61 4.49 -3.79 -8.99
N ASP A 62 5.32 -4.61 -9.63
CA ASP A 62 6.04 -5.68 -8.93
C ASP A 62 6.96 -5.11 -7.84
N ALA A 63 7.74 -4.06 -8.16
CA ALA A 63 8.64 -3.42 -7.21
C ALA A 63 7.90 -2.80 -6.00
N ARG A 64 6.76 -2.13 -6.21
CA ARG A 64 5.92 -1.60 -5.12
C ARG A 64 5.33 -2.71 -4.23
N VAL A 65 4.85 -3.79 -4.83
CA VAL A 65 4.33 -4.97 -4.10
C VAL A 65 5.42 -5.62 -3.26
N LEU A 66 6.60 -5.86 -3.84
CA LEU A 66 7.76 -6.39 -3.12
C LEU A 66 8.20 -5.49 -1.96
N ILE A 67 8.35 -4.17 -2.18
CA ILE A 67 8.68 -3.22 -1.11
C ILE A 67 7.66 -3.32 0.03
N PHE A 68 6.36 -3.25 -0.29
CA PHE A 68 5.31 -3.27 0.73
C PHE A 68 5.24 -4.61 1.47
N ASN A 69 5.22 -5.74 0.77
CA ASN A 69 5.09 -7.05 1.41
C ASN A 69 6.33 -7.41 2.27
N GLU A 70 7.54 -7.21 1.74
CA GLU A 70 8.75 -7.42 2.52
C GLU A 70 8.77 -6.49 3.73
N TRP A 71 8.53 -5.19 3.57
CA TRP A 71 8.46 -4.29 4.71
C TRP A 71 7.41 -4.75 5.73
N GLU A 72 6.19 -5.10 5.34
CA GLU A 72 5.16 -5.58 6.28
C GLU A 72 5.61 -6.81 7.09
N GLU A 73 6.16 -7.85 6.46
CA GLU A 73 6.61 -9.06 7.20
C GLU A 73 7.85 -8.77 8.08
N ARG A 74 8.86 -8.12 7.51
CA ARG A 74 10.09 -7.74 8.23
C ARG A 74 9.76 -6.81 9.39
N LYS A 75 8.82 -5.87 9.20
CA LYS A 75 8.33 -4.94 10.24
C LYS A 75 7.45 -5.61 11.28
N LYS A 76 6.69 -6.67 10.95
CA LYS A 76 6.07 -7.53 11.98
C LYS A 76 7.13 -8.22 12.85
N SER A 77 8.32 -8.53 12.30
CA SER A 77 9.49 -8.91 13.12
C SER A 77 10.26 -7.71 13.76
N GLU A 78 10.19 -6.51 13.17
CA GLU A 78 11.02 -5.32 13.48
C GLU A 78 10.18 -4.02 13.45
N PRO A 79 9.39 -3.69 14.50
CA PRO A 79 8.37 -2.64 14.46
C PRO A 79 8.87 -1.21 14.12
N TRP A 80 10.17 -0.97 14.14
CA TRP A 80 10.84 0.29 13.80
C TRP A 80 11.14 0.49 12.29
N LEU A 81 10.90 -0.50 11.43
CA LEU A 81 11.38 -0.52 10.04
C LEU A 81 10.82 0.61 9.16
N ARG A 82 11.69 1.22 8.33
CA ARG A 82 11.34 2.31 7.40
C ARG A 82 10.77 1.80 6.06
N LEU A 83 9.99 2.65 5.40
CA LEU A 83 9.25 2.38 4.16
C LEU A 83 9.37 3.59 3.21
N ASP A 84 9.74 3.36 1.94
CA ASP A 84 9.82 4.41 0.91
C ASP A 84 9.38 3.86 -0.46
N MET A 85 8.47 4.58 -1.14
CA MET A 85 7.92 4.25 -2.45
C MET A 85 8.10 5.37 -3.49
N SER A 86 8.94 6.38 -3.20
CA SER A 86 9.35 7.40 -4.18
C SER A 86 10.05 6.75 -5.38
N ASP A 87 9.92 7.33 -6.58
CA ASP A 87 10.53 6.78 -7.81
C ASP A 87 12.04 6.55 -7.67
N LYS A 88 12.73 7.43 -6.93
CA LYS A 88 14.17 7.30 -6.61
C LYS A 88 14.49 6.02 -5.83
N ALA A 89 13.62 5.57 -4.94
CA ALA A 89 13.78 4.29 -4.23
C ALA A 89 13.77 3.10 -5.19
N ILE A 90 12.87 3.13 -6.18
CA ILE A 90 12.72 2.08 -7.19
C ILE A 90 13.92 2.11 -8.14
N PHE A 91 14.32 3.28 -8.65
CA PHE A 91 15.52 3.43 -9.50
C PHE A 91 16.79 2.88 -8.82
N ARG A 92 17.00 3.23 -7.55
CA ARG A 92 18.22 2.94 -6.79
C ARG A 92 18.29 1.48 -6.33
N ARG A 93 17.15 0.89 -5.91
CA ARG A 93 17.05 -0.54 -5.54
C ARG A 93 17.04 -1.46 -6.76
N TYR A 94 16.38 -1.04 -7.85
CA TYR A 94 16.11 -1.82 -9.06
C TYR A 94 16.57 -1.03 -10.31
N PRO A 95 17.87 -1.07 -10.68
CA PRO A 95 18.42 -0.23 -11.74
C PRO A 95 17.87 -0.56 -13.15
N HIS A 96 17.30 -1.75 -13.35
CA HIS A 96 16.61 -2.13 -14.60
C HIS A 96 15.25 -1.42 -14.77
N LEU A 97 14.67 -0.93 -13.67
CA LEU A 97 13.38 -0.25 -13.59
C LEU A 97 13.47 1.29 -13.74
N ARG A 98 14.69 1.84 -13.89
CA ARG A 98 14.94 3.26 -14.23
C ARG A 98 14.65 3.53 -15.72
N MET A 1 79.52 23.07 3.96
CA MET A 1 79.21 23.54 2.57
C MET A 1 78.76 25.00 2.58
N ARG A 2 79.24 25.83 1.63
CA ARG A 2 78.91 27.27 1.51
C ARG A 2 77.66 27.55 0.67
N GLY A 3 77.11 28.75 0.81
CA GLY A 3 75.94 29.26 0.08
C GLY A 3 74.59 28.87 0.69
N SER A 4 73.60 29.76 0.53
CA SER A 4 72.21 29.60 0.99
C SER A 4 71.25 30.50 0.18
N HIS A 5 69.93 30.27 0.28
CA HIS A 5 68.88 31.04 -0.40
C HIS A 5 67.65 31.26 0.49
N HIS A 6 66.94 32.37 0.23
CA HIS A 6 65.79 32.85 1.03
C HIS A 6 64.70 33.47 0.14
N HIS A 7 63.47 33.51 0.64
CA HIS A 7 62.32 34.18 0.01
C HIS A 7 61.34 34.77 1.05
N HIS A 8 60.52 35.73 0.62
CA HIS A 8 59.55 36.46 1.47
C HIS A 8 58.22 36.69 0.76
N HIS A 9 57.13 36.81 1.53
CA HIS A 9 55.76 37.03 1.03
C HIS A 9 54.91 37.87 2.00
N HIS A 10 53.76 38.36 1.51
CA HIS A 10 52.78 39.16 2.27
C HIS A 10 51.34 38.86 1.81
N GLY A 11 50.35 39.25 2.62
CA GLY A 11 48.92 39.06 2.32
C GLY A 11 47.98 39.48 3.46
N SER A 12 46.68 39.23 3.25
CA SER A 12 45.57 39.58 4.17
C SER A 12 44.61 38.39 4.37
N VAL A 13 43.82 38.43 5.45
CA VAL A 13 42.84 37.39 5.84
C VAL A 13 41.43 37.95 6.06
N SER A 14 40.41 37.09 5.90
CA SER A 14 38.99 37.41 6.10
C SER A 14 38.22 36.21 6.68
N PHE A 15 37.09 36.49 7.36
CA PHE A 15 36.27 35.50 8.07
C PHE A 15 34.79 35.94 8.19
N GLY A 16 33.91 35.00 8.53
CA GLY A 16 32.47 35.22 8.73
C GLY A 16 31.63 35.22 7.44
N ALA A 17 30.32 35.06 7.59
CA ALA A 17 29.33 35.01 6.52
C ALA A 17 27.93 35.48 6.99
N PRO A 18 27.07 36.00 6.11
CA PRO A 18 25.69 36.38 6.44
C PRO A 18 24.80 35.15 6.72
N SER A 19 23.67 35.37 7.42
CA SER A 19 22.76 34.33 7.91
C SER A 19 21.27 34.61 7.63
N PRO A 20 20.87 34.82 6.35
CA PRO A 20 19.48 35.06 5.96
C PRO A 20 18.57 33.83 6.16
N LEU A 21 17.27 34.08 6.31
CA LEU A 21 16.21 33.05 6.40
C LEU A 21 14.89 33.54 5.76
N SER A 22 14.03 32.60 5.35
CA SER A 22 12.79 32.89 4.59
C SER A 22 11.55 32.07 4.98
N SER A 23 11.70 31.01 5.80
CA SER A 23 10.59 30.13 6.21
C SER A 23 10.86 29.47 7.58
N GLU A 24 9.77 29.11 8.27
CA GLU A 24 9.73 28.45 9.58
C GLU A 24 8.81 27.20 9.62
N SER A 25 8.33 26.75 8.45
CA SER A 25 7.31 25.69 8.31
C SER A 25 7.57 24.77 7.09
N GLU A 26 6.67 23.79 6.88
CA GLU A 26 6.72 22.80 5.78
C GLU A 26 8.03 21.98 5.77
N ASP A 27 8.40 21.43 6.93
CA ASP A 27 9.55 20.54 7.13
C ASP A 27 9.25 19.10 6.63
N GLU A 28 8.87 18.99 5.34
CA GLU A 28 8.44 17.75 4.66
C GLU A 28 7.24 17.03 5.32
N ILE A 29 6.35 17.78 5.99
CA ILE A 29 5.29 17.22 6.86
C ILE A 29 4.17 16.43 6.15
N ASN A 30 4.18 16.36 4.80
CA ASN A 30 3.23 15.57 3.99
C ASN A 30 3.64 14.09 3.83
N TYR A 31 4.75 13.64 4.44
CA TYR A 31 5.33 12.30 4.29
C TYR A 31 4.37 11.12 4.59
N MET A 32 3.36 11.34 5.45
CA MET A 32 2.53 10.29 6.05
C MET A 32 1.46 9.67 5.12
N THR A 33 1.31 10.16 3.88
CA THR A 33 0.27 9.71 2.93
C THR A 33 0.83 9.50 1.50
N PRO A 34 1.58 8.42 1.23
CA PRO A 34 2.03 8.05 -0.11
C PRO A 34 0.86 7.55 -1.01
N PRO A 35 0.95 7.70 -2.34
CA PRO A 35 -0.12 7.31 -3.26
C PRO A 35 -0.17 5.79 -3.51
N GLU A 36 -1.37 5.23 -3.58
CA GLU A 36 -1.62 3.80 -3.81
C GLU A 36 -2.92 3.47 -4.60
N GLN A 37 -3.68 4.48 -5.03
CA GLN A 37 -5.10 4.35 -5.41
C GLN A 37 -5.37 4.38 -6.93
N GLU A 38 -4.33 4.39 -7.77
CA GLU A 38 -4.43 4.45 -9.24
C GLU A 38 -3.51 3.43 -9.91
N ALA A 39 -4.05 2.71 -10.91
CA ALA A 39 -3.34 1.71 -11.73
C ALA A 39 -2.56 0.65 -10.90
N GLN A 40 -3.19 0.14 -9.84
CA GLN A 40 -2.56 -0.75 -8.84
C GLN A 40 -3.55 -1.82 -8.33
N PRO A 41 -4.18 -2.63 -9.21
CA PRO A 41 -5.25 -3.54 -8.83
C PRO A 41 -4.71 -4.79 -8.10
N GLY A 42 -5.31 -5.13 -6.96
CA GLY A 42 -4.87 -6.23 -6.09
C GLY A 42 -3.45 -6.04 -5.52
N ALA A 43 -2.82 -7.15 -5.10
CA ALA A 43 -1.41 -7.19 -4.69
C ALA A 43 -0.72 -8.48 -5.16
N LEU A 44 -0.09 -8.41 -6.33
CA LEU A 44 0.70 -9.46 -6.97
C LEU A 44 2.02 -8.89 -7.52
N ALA A 45 3.08 -9.72 -7.56
CA ALA A 45 4.35 -9.37 -8.18
C ALA A 45 4.96 -10.55 -8.94
N ALA A 46 5.37 -10.31 -10.19
CA ALA A 46 6.21 -11.22 -10.99
C ALA A 46 7.70 -11.01 -10.70
N LEU A 47 8.53 -12.02 -11.01
CA LEU A 47 9.96 -12.04 -10.71
C LEU A 47 10.81 -12.51 -11.91
N HIS A 48 12.09 -12.14 -11.91
CA HIS A 48 13.12 -12.75 -12.75
C HIS A 48 13.63 -14.04 -12.10
N ALA A 49 13.87 -15.10 -12.89
CA ALA A 49 14.25 -16.42 -12.38
C ALA A 49 15.77 -16.71 -12.40
N GLU A 50 16.54 -15.98 -13.22
CA GLU A 50 17.97 -16.24 -13.49
C GLU A 50 18.80 -14.95 -13.57
N GLY A 51 20.14 -15.08 -13.52
CA GLY A 51 21.09 -13.97 -13.62
C GLY A 51 21.13 -13.06 -12.36
N PRO A 52 21.68 -11.84 -12.47
CA PRO A 52 21.86 -10.94 -11.32
C PRO A 52 20.53 -10.40 -10.75
N LEU A 53 19.43 -10.51 -11.51
CA LEU A 53 18.08 -10.14 -11.06
C LEU A 53 17.27 -11.32 -10.49
N ALA A 54 17.83 -12.52 -10.31
CA ALA A 54 17.08 -13.67 -9.79
C ALA A 54 16.42 -13.36 -8.42
N GLY A 55 15.10 -13.49 -8.37
CA GLY A 55 14.25 -13.14 -7.23
C GLY A 55 13.85 -11.65 -7.11
N LEU A 56 14.16 -10.83 -8.13
CA LEU A 56 13.88 -9.38 -8.19
C LEU A 56 12.73 -9.06 -9.18
N PRO A 57 12.04 -7.89 -9.09
CA PRO A 57 10.80 -7.58 -9.82
C PRO A 57 11.02 -7.34 -11.32
N VAL A 58 9.93 -7.33 -12.10
CA VAL A 58 9.97 -7.07 -13.55
C VAL A 58 9.30 -5.73 -13.93
N THR A 59 8.36 -5.23 -13.13
CA THR A 59 7.63 -3.95 -13.34
C THR A 59 7.64 -3.01 -12.13
N ARG A 60 7.14 -1.77 -12.29
CA ARG A 60 7.02 -0.79 -11.18
C ARG A 60 5.96 -1.22 -10.17
N SER A 61 4.86 -1.83 -10.64
CA SER A 61 3.88 -2.49 -9.78
C SER A 61 4.48 -3.69 -9.05
N ASP A 62 5.30 -4.53 -9.71
CA ASP A 62 6.01 -5.61 -9.02
C ASP A 62 6.91 -5.06 -7.90
N ALA A 63 7.75 -4.06 -8.21
CA ALA A 63 8.68 -3.47 -7.26
C ALA A 63 7.97 -2.80 -6.07
N ARG A 64 6.85 -2.09 -6.29
CA ARG A 64 6.05 -1.44 -5.24
C ARG A 64 5.40 -2.47 -4.31
N VAL A 65 4.83 -3.55 -4.87
CA VAL A 65 4.24 -4.67 -4.10
C VAL A 65 5.31 -5.40 -3.30
N LEU A 66 6.46 -5.71 -3.90
CA LEU A 66 7.57 -6.35 -3.19
C LEU A 66 8.10 -5.47 -2.04
N ILE A 67 8.28 -4.16 -2.24
CA ILE A 67 8.65 -3.23 -1.16
C ILE A 67 7.64 -3.32 -0.03
N PHE A 68 6.34 -3.21 -0.33
CA PHE A 68 5.30 -3.24 0.70
C PHE A 68 5.24 -4.58 1.44
N ASN A 69 5.25 -5.71 0.74
CA ASN A 69 5.13 -7.05 1.32
C ASN A 69 6.37 -7.43 2.15
N GLU A 70 7.57 -7.19 1.62
CA GLU A 70 8.82 -7.46 2.33
C GLU A 70 8.94 -6.57 3.58
N TRP A 71 8.66 -5.27 3.47
CA TRP A 71 8.60 -4.40 4.64
C TRP A 71 7.53 -4.87 5.63
N GLU A 72 6.30 -5.21 5.21
CA GLU A 72 5.26 -5.68 6.12
C GLU A 72 5.69 -6.91 6.94
N GLU A 73 6.30 -7.93 6.33
CA GLU A 73 6.78 -9.11 7.09
C GLU A 73 7.95 -8.76 8.03
N ARG A 74 8.99 -8.11 7.48
CA ARG A 74 10.18 -7.70 8.26
C ARG A 74 9.76 -6.80 9.42
N LYS A 75 8.93 -5.80 9.16
CA LYS A 75 8.39 -4.85 10.15
C LYS A 75 7.43 -5.50 11.15
N LYS A 76 6.69 -6.56 10.80
CA LYS A 76 5.99 -7.39 11.78
C LYS A 76 6.96 -8.04 12.76
N SER A 77 8.16 -8.45 12.30
CA SER A 77 9.27 -8.84 13.19
C SER A 77 10.07 -7.66 13.80
N GLU A 78 10.03 -6.47 13.21
CA GLU A 78 10.92 -5.31 13.45
C GLU A 78 10.15 -3.97 13.41
N PRO A 79 9.33 -3.64 14.43
CA PRO A 79 8.35 -2.54 14.36
C PRO A 79 8.92 -1.12 14.12
N TRP A 80 10.25 -0.96 14.15
CA TRP A 80 10.98 0.27 13.85
C TRP A 80 11.28 0.49 12.34
N LEU A 81 11.05 -0.49 11.47
CA LEU A 81 11.52 -0.48 10.08
C LEU A 81 10.89 0.63 9.21
N ARG A 82 11.72 1.32 8.42
CA ARG A 82 11.30 2.41 7.50
C ARG A 82 10.79 1.87 6.14
N LEU A 83 9.97 2.68 5.47
CA LEU A 83 9.24 2.38 4.23
C LEU A 83 9.32 3.59 3.29
N ASP A 84 9.70 3.39 2.02
CA ASP A 84 9.78 4.44 1.00
C ASP A 84 9.20 3.95 -0.34
N MET A 85 8.30 4.74 -0.93
CA MET A 85 7.60 4.44 -2.19
C MET A 85 7.72 5.57 -3.24
N SER A 86 8.67 6.50 -3.08
CA SER A 86 9.08 7.42 -4.13
C SER A 86 9.70 6.65 -5.31
N ASP A 87 9.56 7.14 -6.54
CA ASP A 87 10.13 6.49 -7.74
C ASP A 87 11.66 6.30 -7.63
N LYS A 88 12.35 7.21 -6.92
CA LYS A 88 13.79 7.10 -6.61
C LYS A 88 14.13 5.84 -5.80
N ALA A 89 13.24 5.38 -4.92
CA ALA A 89 13.44 4.11 -4.19
C ALA A 89 13.48 2.91 -5.15
N ILE A 90 12.63 2.92 -6.17
CA ILE A 90 12.55 1.85 -7.17
C ILE A 90 13.77 1.93 -8.09
N PHE A 91 14.14 3.12 -8.59
CA PHE A 91 15.34 3.30 -9.42
C PHE A 91 16.62 2.82 -8.71
N ARG A 92 16.79 3.19 -7.43
CA ARG A 92 18.00 2.93 -6.65
C ARG A 92 18.10 1.48 -6.19
N ARG A 93 16.98 0.85 -5.78
CA ARG A 93 16.92 -0.57 -5.40
C ARG A 93 16.98 -1.51 -6.61
N TYR A 94 16.37 -1.10 -7.72
CA TYR A 94 16.19 -1.89 -8.95
C TYR A 94 16.67 -1.09 -10.18
N PRO A 95 17.99 -1.08 -10.48
CA PRO A 95 18.56 -0.23 -11.53
C PRO A 95 18.09 -0.58 -12.95
N HIS A 96 17.57 -1.79 -13.17
CA HIS A 96 16.95 -2.20 -14.44
C HIS A 96 15.56 -1.56 -14.68
N LEU A 97 14.90 -1.11 -13.61
CA LEU A 97 13.52 -0.60 -13.61
C LEU A 97 13.42 0.93 -13.86
N ARG A 98 14.56 1.65 -13.87
CA ARG A 98 14.66 3.08 -14.19
C ARG A 98 14.40 3.33 -15.69
N MET A 1 39.90 75.65 2.82
CA MET A 1 38.62 75.06 2.34
C MET A 1 38.72 73.52 2.26
N ARG A 2 37.66 72.80 2.64
CA ARG A 2 37.61 71.32 2.66
C ARG A 2 36.19 70.79 2.38
N GLY A 3 36.10 69.58 1.81
CA GLY A 3 34.84 68.87 1.52
C GLY A 3 34.23 69.20 0.16
N SER A 4 33.49 68.24 -0.41
CA SER A 4 32.85 68.31 -1.73
C SER A 4 31.66 67.33 -1.85
N HIS A 5 30.80 67.53 -2.86
CA HIS A 5 29.64 66.67 -3.17
C HIS A 5 29.39 66.60 -4.67
N HIS A 6 29.14 65.40 -5.20
CA HIS A 6 28.96 65.12 -6.65
C HIS A 6 27.82 64.13 -6.95
N HIS A 7 27.12 63.63 -5.94
CA HIS A 7 26.19 62.50 -6.04
C HIS A 7 24.86 62.87 -6.72
N HIS A 8 24.36 61.98 -7.59
CA HIS A 8 23.15 62.18 -8.41
C HIS A 8 22.43 60.85 -8.71
N HIS A 9 21.19 60.92 -9.21
CA HIS A 9 20.35 59.77 -9.58
C HIS A 9 19.55 60.03 -10.88
N HIS A 10 19.20 58.96 -11.59
CA HIS A 10 18.51 59.01 -12.90
C HIS A 10 17.62 57.78 -13.15
N GLY A 11 16.76 57.88 -14.18
CA GLY A 11 15.82 56.82 -14.59
C GLY A 11 14.51 56.78 -13.80
N SER A 12 13.48 56.15 -14.39
CA SER A 12 12.14 55.96 -13.82
C SER A 12 11.43 54.73 -14.41
N VAL A 13 10.43 54.19 -13.70
CA VAL A 13 9.62 53.04 -14.13
C VAL A 13 8.19 53.11 -13.56
N SER A 14 7.21 52.62 -14.33
CA SER A 14 5.78 52.56 -13.95
C SER A 14 5.20 51.17 -14.23
N PHE A 15 4.47 50.61 -13.26
CA PHE A 15 3.88 49.27 -13.31
C PHE A 15 2.65 49.13 -12.39
N GLY A 16 1.84 48.09 -12.61
CA GLY A 16 0.68 47.74 -11.79
C GLY A 16 -0.16 46.59 -12.37
N ALA A 17 -0.76 45.76 -11.51
CA ALA A 17 -1.59 44.61 -11.89
C ALA A 17 -2.74 44.35 -10.88
N PRO A 18 -3.67 45.32 -10.68
CA PRO A 18 -4.81 45.17 -9.76
C PRO A 18 -5.82 44.11 -10.24
N SER A 19 -6.53 43.49 -9.30
CA SER A 19 -7.59 42.49 -9.55
C SER A 19 -8.70 42.56 -8.50
N PRO A 20 -9.57 43.59 -8.55
CA PRO A 20 -10.66 43.78 -7.59
C PRO A 20 -11.82 42.79 -7.81
N LEU A 21 -12.60 42.53 -6.75
CA LEU A 21 -13.81 41.70 -6.76
C LEU A 21 -14.83 42.15 -5.68
N SER A 22 -16.12 41.86 -5.91
CA SER A 22 -17.24 42.33 -5.07
C SER A 22 -18.19 41.22 -4.57
N SER A 23 -17.99 39.97 -4.98
CA SER A 23 -18.91 38.83 -4.72
C SER A 23 -18.15 37.52 -4.44
N GLU A 24 -18.76 36.63 -3.64
CA GLU A 24 -18.23 35.30 -3.30
C GLU A 24 -19.37 34.30 -2.99
N SER A 25 -19.25 33.06 -3.49
CA SER A 25 -20.25 31.97 -3.34
C SER A 25 -19.81 30.80 -2.44
N GLU A 26 -18.54 30.78 -2.01
CA GLU A 26 -17.93 29.66 -1.26
C GLU A 26 -18.50 29.45 0.15
N ASP A 27 -19.28 30.42 0.67
CA ASP A 27 -20.02 30.31 1.93
C ASP A 27 -21.18 29.30 1.87
N GLU A 28 -21.67 29.00 0.67
CA GLU A 28 -22.74 28.02 0.40
C GLU A 28 -22.29 26.86 -0.52
N ILE A 29 -21.14 27.02 -1.19
CA ILE A 29 -20.53 26.06 -2.12
C ILE A 29 -19.14 25.68 -1.58
N ASN A 30 -19.12 24.79 -0.57
CA ASN A 30 -17.93 24.50 0.24
C ASN A 30 -17.34 23.08 0.04
N TYR A 31 -18.02 22.21 -0.74
CA TYR A 31 -17.62 20.81 -1.01
C TYR A 31 -17.84 20.42 -2.48
N MET A 32 -16.83 19.76 -3.07
CA MET A 32 -16.89 19.17 -4.42
C MET A 32 -15.88 18.02 -4.59
N THR A 33 -15.65 17.23 -3.52
CA THR A 33 -14.49 16.32 -3.39
C THR A 33 -14.87 14.88 -2.98
N PRO A 34 -15.59 14.13 -3.84
CA PRO A 34 -15.85 12.69 -3.66
C PRO A 34 -14.57 11.84 -3.76
N PRO A 35 -14.57 10.58 -3.25
CA PRO A 35 -13.42 9.68 -3.32
C PRO A 35 -13.10 9.22 -4.76
N GLU A 36 -11.82 8.98 -5.03
CA GLU A 36 -11.29 8.71 -6.38
C GLU A 36 -10.90 7.23 -6.64
N GLN A 37 -10.96 6.37 -5.62
CA GLN A 37 -10.54 4.96 -5.69
C GLN A 37 -11.52 4.01 -4.97
N GLU A 38 -11.94 2.96 -5.67
CA GLU A 38 -12.77 1.86 -5.16
C GLU A 38 -12.65 0.61 -6.06
N ALA A 39 -13.12 -0.54 -5.55
CA ALA A 39 -13.33 -1.80 -6.31
C ALA A 39 -12.11 -2.26 -7.15
N GLN A 40 -10.93 -2.32 -6.53
CA GLN A 40 -9.67 -2.76 -7.15
C GLN A 40 -8.86 -3.64 -6.16
N PRO A 41 -9.36 -4.83 -5.81
CA PRO A 41 -8.84 -5.64 -4.71
C PRO A 41 -7.61 -6.49 -5.09
N GLY A 42 -6.82 -6.87 -4.07
CA GLY A 42 -5.65 -7.75 -4.20
C GLY A 42 -4.39 -7.09 -4.78
N ALA A 43 -3.25 -7.75 -4.59
CA ALA A 43 -1.93 -7.36 -5.13
C ALA A 43 -1.02 -8.58 -5.34
N LEU A 44 -0.24 -8.57 -6.44
CA LEU A 44 0.75 -9.59 -6.80
C LEU A 44 2.06 -8.93 -7.31
N ALA A 45 3.17 -9.67 -7.23
CA ALA A 45 4.44 -9.31 -7.85
C ALA A 45 5.06 -10.49 -8.63
N ALA A 46 5.41 -10.26 -9.89
CA ALA A 46 6.22 -11.17 -10.71
C ALA A 46 7.73 -10.95 -10.47
N LEU A 47 8.54 -11.98 -10.75
CA LEU A 47 9.99 -12.02 -10.50
C LEU A 47 10.78 -12.50 -11.71
N HIS A 48 12.05 -12.12 -11.79
CA HIS A 48 13.06 -12.75 -12.65
C HIS A 48 13.62 -14.00 -11.97
N ALA A 49 13.90 -15.06 -12.74
CA ALA A 49 14.29 -16.38 -12.20
C ALA A 49 15.80 -16.69 -12.31
N GLU A 50 16.55 -15.98 -13.16
CA GLU A 50 17.96 -16.26 -13.49
C GLU A 50 18.79 -14.97 -13.60
N GLY A 51 20.13 -15.12 -13.56
CA GLY A 51 21.09 -14.01 -13.68
C GLY A 51 21.11 -13.07 -12.45
N PRO A 52 21.63 -11.83 -12.59
CA PRO A 52 21.78 -10.88 -11.48
C PRO A 52 20.43 -10.37 -10.92
N LEU A 53 19.34 -10.54 -11.67
CA LEU A 53 17.97 -10.20 -11.24
C LEU A 53 17.21 -11.38 -10.60
N ALA A 54 17.82 -12.56 -10.38
CA ALA A 54 17.10 -13.69 -9.80
C ALA A 54 16.53 -13.36 -8.40
N GLY A 55 15.19 -13.34 -8.30
CA GLY A 55 14.44 -12.91 -7.11
C GLY A 55 14.08 -11.42 -7.04
N LEU A 56 14.35 -10.64 -8.10
CA LEU A 56 14.05 -9.20 -8.24
C LEU A 56 12.83 -8.96 -9.18
N PRO A 57 12.13 -7.83 -9.06
CA PRO A 57 10.86 -7.54 -9.75
C PRO A 57 10.99 -7.39 -11.27
N VAL A 58 9.88 -7.46 -12.00
CA VAL A 58 9.86 -7.24 -13.47
C VAL A 58 9.23 -5.89 -13.85
N THR A 59 8.30 -5.36 -13.06
CA THR A 59 7.61 -4.06 -13.30
C THR A 59 7.68 -3.09 -12.11
N ARG A 60 7.26 -1.83 -12.33
CA ARG A 60 7.15 -0.79 -11.29
C ARG A 60 6.13 -1.20 -10.21
N SER A 61 5.03 -1.81 -10.64
CA SER A 61 4.04 -2.42 -9.75
C SER A 61 4.66 -3.58 -8.95
N ASP A 62 5.41 -4.48 -9.59
CA ASP A 62 6.09 -5.56 -8.87
C ASP A 62 7.05 -5.00 -7.80
N ALA A 63 7.90 -4.02 -8.16
CA ALA A 63 8.85 -3.41 -7.24
C ALA A 63 8.16 -2.74 -6.03
N ARG A 64 7.06 -2.00 -6.24
CA ARG A 64 6.30 -1.37 -5.14
C ARG A 64 5.60 -2.40 -4.24
N VAL A 65 5.00 -3.44 -4.81
CA VAL A 65 4.38 -4.54 -4.05
C VAL A 65 5.41 -5.31 -3.23
N LEU A 66 6.58 -5.61 -3.82
CA LEU A 66 7.68 -6.24 -3.09
C LEU A 66 8.17 -5.39 -1.92
N ILE A 67 8.41 -4.08 -2.11
CA ILE A 67 8.74 -3.16 -1.01
C ILE A 67 7.69 -3.25 0.10
N PHE A 68 6.40 -3.16 -0.25
CA PHE A 68 5.32 -3.21 0.74
C PHE A 68 5.25 -4.54 1.49
N ASN A 69 5.24 -5.68 0.79
CA ASN A 69 5.07 -7.00 1.41
C ASN A 69 6.29 -7.44 2.22
N GLU A 70 7.51 -7.21 1.71
CA GLU A 70 8.73 -7.38 2.50
C GLU A 70 8.69 -6.51 3.75
N TRP A 71 8.47 -5.19 3.60
CA TRP A 71 8.37 -4.32 4.77
C TRP A 71 7.31 -4.79 5.76
N GLU A 72 6.11 -5.18 5.34
CA GLU A 72 5.07 -5.71 6.23
C GLU A 72 5.54 -6.93 7.05
N GLU A 73 6.12 -7.96 6.43
CA GLU A 73 6.60 -9.14 7.19
C GLU A 73 7.81 -8.82 8.09
N ARG A 74 8.79 -8.09 7.54
CA ARG A 74 9.99 -7.65 8.26
C ARG A 74 9.59 -6.77 9.46
N LYS A 75 8.66 -5.84 9.27
CA LYS A 75 8.08 -4.96 10.32
C LYS A 75 7.29 -5.76 11.37
N LYS A 76 6.58 -6.83 11.00
CA LYS A 76 5.98 -7.75 11.99
C LYS A 76 7.05 -8.45 12.84
N SER A 77 8.25 -8.69 12.30
CA SER A 77 9.43 -9.07 13.11
C SER A 77 10.21 -7.90 13.76
N GLU A 78 10.06 -6.66 13.26
CA GLU A 78 10.88 -5.48 13.55
C GLU A 78 10.01 -4.21 13.67
N PRO A 79 9.32 -3.96 14.80
CA PRO A 79 8.29 -2.90 14.93
C PRO A 79 8.77 -1.44 14.77
N TRP A 80 10.04 -1.21 14.41
CA TRP A 80 10.66 0.08 14.12
C TRP A 80 10.87 0.38 12.61
N LEU A 81 10.62 -0.59 11.71
CA LEU A 81 11.06 -0.54 10.31
C LEU A 81 10.45 0.59 9.46
N ARG A 82 11.30 1.28 8.68
CA ARG A 82 10.92 2.38 7.77
C ARG A 82 10.47 1.89 6.38
N LEU A 83 9.68 2.72 5.70
CA LEU A 83 9.01 2.44 4.41
C LEU A 83 9.10 3.67 3.48
N ASP A 84 9.51 3.47 2.22
CA ASP A 84 9.59 4.53 1.20
C ASP A 84 9.27 3.98 -0.20
N MET A 85 8.46 4.72 -0.98
CA MET A 85 7.93 4.29 -2.29
C MET A 85 8.06 5.35 -3.39
N SER A 86 8.67 6.52 -3.13
CA SER A 86 8.97 7.53 -4.15
C SER A 86 9.90 6.96 -5.23
N ASP A 87 9.72 7.38 -6.50
CA ASP A 87 10.30 6.64 -7.64
C ASP A 87 11.83 6.54 -7.65
N LYS A 88 12.53 7.49 -7.01
CA LYS A 88 14.00 7.43 -6.79
C LYS A 88 14.43 6.14 -6.05
N ALA A 89 13.64 5.67 -5.08
CA ALA A 89 13.85 4.39 -4.41
C ALA A 89 13.81 3.21 -5.39
N ILE A 90 12.94 3.30 -6.39
CA ILE A 90 12.68 2.21 -7.36
C ILE A 90 13.82 2.18 -8.38
N PHE A 91 14.24 3.34 -8.90
CA PHE A 91 15.41 3.45 -9.79
C PHE A 91 16.69 2.93 -9.11
N ARG A 92 16.91 3.31 -7.84
CA ARG A 92 18.12 3.01 -7.08
C ARG A 92 18.19 1.55 -6.62
N ARG A 93 17.07 0.95 -6.19
CA ARG A 93 16.96 -0.49 -5.88
C ARG A 93 17.04 -1.37 -7.14
N TYR A 94 16.40 -0.93 -8.23
CA TYR A 94 16.14 -1.72 -9.43
C TYR A 94 16.63 -0.98 -10.70
N PRO A 95 17.95 -0.97 -10.97
CA PRO A 95 18.54 -0.22 -12.10
C PRO A 95 18.15 -0.77 -13.49
N HIS A 96 17.52 -1.95 -13.56
CA HIS A 96 16.91 -2.48 -14.78
C HIS A 96 15.54 -1.86 -15.11
N LEU A 97 14.86 -1.30 -14.09
CA LEU A 97 13.47 -0.87 -14.13
C LEU A 97 13.31 0.59 -14.60
N ARG A 98 14.30 1.46 -14.27
CA ARG A 98 14.37 2.86 -14.72
C ARG A 98 14.42 3.02 -16.26
N MET A 1 -45.49 -27.75 -18.23
CA MET A 1 -45.61 -29.23 -18.04
C MET A 1 -47.07 -29.65 -17.78
N ARG A 2 -47.40 -30.91 -18.09
CA ARG A 2 -48.74 -31.51 -17.91
C ARG A 2 -49.14 -31.72 -16.44
N GLY A 3 -50.44 -31.70 -16.17
CA GLY A 3 -51.03 -31.94 -14.84
C GLY A 3 -52.54 -31.65 -14.81
N SER A 4 -53.35 -32.67 -14.56
CA SER A 4 -54.83 -32.63 -14.60
C SER A 4 -55.52 -32.77 -13.24
N HIS A 5 -54.74 -32.91 -12.15
CA HIS A 5 -55.23 -33.10 -10.78
C HIS A 5 -54.74 -31.99 -9.83
N HIS A 6 -55.56 -31.67 -8.81
CA HIS A 6 -55.28 -30.67 -7.77
C HIS A 6 -55.94 -31.06 -6.44
N HIS A 7 -55.46 -30.47 -5.33
CA HIS A 7 -56.01 -30.64 -3.97
C HIS A 7 -55.94 -29.34 -3.16
N HIS A 8 -56.86 -29.17 -2.21
CA HIS A 8 -57.04 -27.93 -1.43
C HIS A 8 -56.17 -27.82 -0.17
N HIS A 9 -55.63 -28.93 0.36
CA HIS A 9 -54.90 -28.97 1.63
C HIS A 9 -53.37 -28.87 1.45
N HIS A 10 -52.73 -28.03 2.28
CA HIS A 10 -51.27 -27.94 2.45
C HIS A 10 -50.90 -27.38 3.83
N GLY A 11 -49.74 -27.78 4.37
CA GLY A 11 -49.17 -27.23 5.61
C GLY A 11 -48.16 -28.17 6.29
N SER A 12 -47.33 -27.60 7.18
CA SER A 12 -46.38 -28.32 8.04
C SER A 12 -46.06 -27.54 9.33
N VAL A 13 -45.86 -28.26 10.43
CA VAL A 13 -45.51 -27.72 11.77
C VAL A 13 -44.32 -28.46 12.42
N SER A 14 -43.60 -29.30 11.66
CA SER A 14 -42.59 -30.25 12.13
C SER A 14 -41.20 -29.61 12.35
N PHE A 15 -41.16 -28.53 13.15
CA PHE A 15 -39.99 -27.66 13.36
C PHE A 15 -39.75 -27.34 14.85
N GLY A 16 -38.56 -26.80 15.15
CA GLY A 16 -38.12 -26.38 16.49
C GLY A 16 -37.12 -27.37 17.12
N ALA A 17 -35.85 -26.95 17.19
CA ALA A 17 -34.73 -27.68 17.80
C ALA A 17 -33.63 -26.69 18.29
N PRO A 18 -32.82 -27.05 19.31
CA PRO A 18 -31.74 -26.20 19.81
C PRO A 18 -30.56 -26.13 18.82
N SER A 19 -29.97 -24.94 18.70
CA SER A 19 -28.84 -24.63 17.80
C SER A 19 -27.78 -23.72 18.48
N PRO A 20 -27.12 -24.18 19.57
CA PRO A 20 -26.16 -23.37 20.33
C PRO A 20 -24.89 -23.07 19.51
N LEU A 21 -24.47 -21.80 19.50
CA LEU A 21 -23.26 -21.31 18.81
C LEU A 21 -22.76 -20.00 19.46
N SER A 22 -21.45 -19.90 19.70
CA SER A 22 -20.76 -18.67 20.13
C SER A 22 -19.28 -18.69 19.74
N SER A 23 -18.78 -17.61 19.12
CA SER A 23 -17.37 -17.41 18.77
C SER A 23 -17.06 -15.91 18.58
N GLU A 24 -16.83 -15.20 19.68
CA GLU A 24 -16.63 -13.72 19.66
C GLU A 24 -15.54 -13.19 20.61
N SER A 25 -15.01 -13.99 21.54
CA SER A 25 -14.09 -13.52 22.59
C SER A 25 -12.77 -13.01 22.00
N GLU A 26 -12.55 -11.69 22.11
CA GLU A 26 -11.42 -10.96 21.49
C GLU A 26 -11.26 -11.17 19.96
N ASP A 27 -12.32 -11.61 19.27
CA ASP A 27 -12.23 -12.05 17.86
C ASP A 27 -12.10 -10.90 16.84
N GLU A 28 -12.63 -9.73 17.21
CA GLU A 28 -12.62 -8.50 16.40
C GLU A 28 -12.30 -7.22 17.21
N ILE A 29 -11.82 -7.36 18.45
CA ILE A 29 -11.65 -6.27 19.43
C ILE A 29 -10.27 -5.61 19.25
N ASN A 30 -10.08 -4.93 18.12
CA ASN A 30 -8.88 -4.17 17.75
C ASN A 30 -9.25 -2.94 16.90
N TYR A 31 -8.78 -1.76 17.31
CA TYR A 31 -8.97 -0.48 16.60
C TYR A 31 -7.67 0.36 16.48
N MET A 32 -6.50 -0.24 16.76
CA MET A 32 -5.20 0.47 16.87
C MET A 32 -4.26 0.30 15.66
N THR A 33 -4.69 -0.41 14.61
CA THR A 33 -3.90 -0.64 13.38
C THR A 33 -4.80 -0.60 12.12
N PRO A 34 -5.23 0.61 11.69
CA PRO A 34 -6.04 0.78 10.48
C PRO A 34 -5.23 0.55 9.18
N PRO A 35 -5.90 0.21 8.06
CA PRO A 35 -5.23 -0.01 6.76
C PRO A 35 -4.71 1.30 6.12
N GLU A 36 -3.68 1.18 5.29
CA GLU A 36 -2.99 2.32 4.64
C GLU A 36 -2.89 2.20 3.10
N GLN A 37 -3.58 1.22 2.49
CA GLN A 37 -3.62 0.96 1.04
C GLN A 37 -5.05 0.78 0.52
N GLU A 38 -5.26 1.10 -0.75
CA GLU A 38 -6.48 0.92 -1.52
C GLU A 38 -6.17 0.72 -3.02
N ALA A 39 -7.17 0.24 -3.78
CA ALA A 39 -7.12 0.05 -5.25
C ALA A 39 -5.89 -0.76 -5.74
N GLN A 40 -5.55 -1.83 -5.01
CA GLN A 40 -4.44 -2.75 -5.31
C GLN A 40 -4.85 -4.20 -4.97
N PRO A 41 -5.93 -4.73 -5.60
CA PRO A 41 -6.53 -6.01 -5.23
C PRO A 41 -5.66 -7.22 -5.64
N GLY A 42 -5.77 -8.32 -4.92
CA GLY A 42 -4.98 -9.57 -5.09
C GLY A 42 -3.52 -9.47 -4.61
N ALA A 43 -2.85 -8.34 -4.84
CA ALA A 43 -1.48 -8.03 -4.40
C ALA A 43 -0.37 -8.98 -4.89
N LEU A 44 -0.60 -9.64 -6.02
CA LEU A 44 0.39 -10.44 -6.75
C LEU A 44 1.43 -9.56 -7.46
N ALA A 45 2.62 -10.11 -7.66
CA ALA A 45 3.72 -9.53 -8.43
C ALA A 45 4.57 -10.59 -9.17
N ALA A 46 5.20 -10.19 -10.27
CA ALA A 46 6.13 -11.01 -11.05
C ALA A 46 7.60 -10.74 -10.68
N LEU A 47 8.45 -11.77 -10.80
CA LEU A 47 9.88 -11.75 -10.50
C LEU A 47 10.72 -12.30 -11.67
N HIS A 48 12.00 -11.92 -11.72
CA HIS A 48 13.01 -12.54 -12.60
C HIS A 48 13.47 -13.87 -12.01
N ALA A 49 13.66 -14.89 -12.86
CA ALA A 49 14.00 -16.26 -12.42
C ALA A 49 15.50 -16.61 -12.51
N GLU A 50 16.32 -15.78 -13.17
CA GLU A 50 17.74 -16.06 -13.47
C GLU A 50 18.60 -14.77 -13.56
N GLY A 51 19.93 -14.94 -13.57
CA GLY A 51 20.89 -13.84 -13.65
C GLY A 51 21.00 -13.01 -12.36
N PRO A 52 21.61 -11.81 -12.41
CA PRO A 52 21.83 -10.96 -11.24
C PRO A 52 20.53 -10.40 -10.63
N LEU A 53 19.42 -10.42 -11.38
CA LEU A 53 18.08 -10.01 -10.92
C LEU A 53 17.24 -11.16 -10.35
N ALA A 54 17.75 -12.39 -10.22
CA ALA A 54 16.96 -13.51 -9.73
C ALA A 54 16.31 -13.23 -8.36
N GLY A 55 14.98 -13.34 -8.32
CA GLY A 55 14.14 -13.01 -7.16
C GLY A 55 13.77 -11.52 -7.02
N LEU A 56 14.14 -10.67 -7.99
CA LEU A 56 13.86 -9.21 -8.02
C LEU A 56 12.73 -8.89 -9.02
N PRO A 57 12.05 -7.72 -8.92
CA PRO A 57 10.76 -7.46 -9.57
C PRO A 57 10.88 -7.08 -11.05
N VAL A 58 9.82 -7.28 -11.85
CA VAL A 58 9.84 -7.02 -13.30
C VAL A 58 9.30 -5.62 -13.68
N THR A 59 8.27 -5.10 -12.99
CA THR A 59 7.64 -3.78 -13.28
C THR A 59 7.63 -2.82 -12.09
N ARG A 60 7.18 -1.56 -12.30
CA ARG A 60 7.06 -0.56 -11.22
C ARG A 60 6.02 -0.99 -10.19
N SER A 61 4.92 -1.58 -10.65
CA SER A 61 3.90 -2.22 -9.82
C SER A 61 4.50 -3.40 -9.04
N ASP A 62 5.29 -4.27 -9.68
CA ASP A 62 5.96 -5.37 -8.97
C ASP A 62 6.92 -4.83 -7.90
N ALA A 63 7.75 -3.84 -8.21
CA ALA A 63 8.71 -3.26 -7.27
C ALA A 63 8.01 -2.61 -6.06
N ARG A 64 6.86 -1.93 -6.25
CA ARG A 64 6.06 -1.38 -5.14
C ARG A 64 5.42 -2.47 -4.27
N VAL A 65 4.89 -3.54 -4.89
CA VAL A 65 4.36 -4.72 -4.15
C VAL A 65 5.47 -5.39 -3.33
N LEU A 66 6.63 -5.67 -3.95
CA LEU A 66 7.75 -6.30 -3.25
C LEU A 66 8.30 -5.44 -2.11
N ILE A 67 8.42 -4.12 -2.29
CA ILE A 67 8.74 -3.19 -1.19
C ILE A 67 7.72 -3.33 -0.05
N PHE A 68 6.43 -3.28 -0.34
CA PHE A 68 5.37 -3.37 0.68
C PHE A 68 5.35 -4.72 1.40
N ASN A 69 5.44 -5.84 0.67
CA ASN A 69 5.38 -7.18 1.24
C ASN A 69 6.61 -7.51 2.10
N GLU A 70 7.82 -7.20 1.60
CA GLU A 70 9.05 -7.32 2.40
C GLU A 70 8.98 -6.42 3.62
N TRP A 71 8.67 -5.12 3.47
CA TRP A 71 8.55 -4.23 4.63
C TRP A 71 7.52 -4.76 5.64
N GLU A 72 6.32 -5.18 5.23
CA GLU A 72 5.32 -5.71 6.16
C GLU A 72 5.80 -6.94 6.94
N GLU A 73 6.45 -7.92 6.31
CA GLU A 73 6.98 -9.09 7.01
C GLU A 73 8.18 -8.76 7.93
N ARG A 74 9.17 -8.03 7.38
CA ARG A 74 10.36 -7.60 8.12
C ARG A 74 9.94 -6.73 9.31
N LYS A 75 8.96 -5.85 9.12
CA LYS A 75 8.37 -5.00 10.18
C LYS A 75 7.52 -5.81 11.19
N LYS A 76 6.86 -6.91 10.79
CA LYS A 76 6.27 -7.85 11.74
C LYS A 76 7.34 -8.44 12.67
N SER A 77 8.57 -8.62 12.17
CA SER A 77 9.75 -8.89 13.03
C SER A 77 10.39 -7.63 13.68
N GLU A 78 10.22 -6.44 13.10
CA GLU A 78 10.94 -5.18 13.43
C GLU A 78 10.00 -3.95 13.40
N PRO A 79 9.18 -3.69 14.44
CA PRO A 79 8.09 -2.69 14.39
C PRO A 79 8.51 -1.22 14.15
N TRP A 80 9.82 -0.93 14.12
CA TRP A 80 10.41 0.38 13.81
C TRP A 80 10.73 0.62 12.32
N LEU A 81 10.59 -0.39 11.44
CA LEU A 81 11.09 -0.35 10.07
C LEU A 81 10.46 0.76 9.19
N ARG A 82 11.30 1.47 8.44
CA ARG A 82 10.88 2.56 7.53
C ARG A 82 10.46 2.06 6.13
N LEU A 83 9.64 2.85 5.43
CA LEU A 83 8.98 2.53 4.16
C LEU A 83 9.08 3.73 3.19
N ASP A 84 9.49 3.49 1.94
CA ASP A 84 9.58 4.52 0.89
C ASP A 84 9.17 3.94 -0.48
N MET A 85 8.27 4.65 -1.19
CA MET A 85 7.71 4.25 -2.49
C MET A 85 7.85 5.33 -3.59
N SER A 86 8.57 6.43 -3.32
CA SER A 86 8.95 7.41 -4.35
C SER A 86 9.87 6.75 -5.38
N ASP A 87 9.80 7.17 -6.65
CA ASP A 87 10.38 6.39 -7.77
C ASP A 87 11.91 6.19 -7.66
N LYS A 88 12.61 7.13 -7.00
CA LYS A 88 14.04 7.02 -6.67
C LYS A 88 14.38 5.78 -5.84
N ALA A 89 13.50 5.32 -4.95
CA ALA A 89 13.68 4.07 -4.20
C ALA A 89 13.70 2.86 -5.14
N ILE A 90 12.83 2.86 -6.16
CA ILE A 90 12.71 1.79 -7.15
C ILE A 90 13.94 1.81 -8.06
N PHE A 91 14.35 2.98 -8.56
CA PHE A 91 15.57 3.13 -9.37
C PHE A 91 16.82 2.61 -8.62
N ARG A 92 16.99 3.00 -7.35
CA ARG A 92 18.17 2.73 -6.54
C ARG A 92 18.26 1.27 -6.09
N ARG A 93 17.13 0.64 -5.72
CA ARG A 93 17.06 -0.80 -5.42
C ARG A 93 17.18 -1.67 -6.69
N TYR A 94 16.55 -1.22 -7.78
CA TYR A 94 16.34 -2.01 -9.00
C TYR A 94 16.79 -1.21 -10.25
N PRO A 95 18.09 -1.22 -10.60
CA PRO A 95 18.65 -0.36 -11.65
C PRO A 95 18.15 -0.70 -13.06
N HIS A 96 17.58 -1.89 -13.28
CA HIS A 96 16.93 -2.28 -14.54
C HIS A 96 15.55 -1.62 -14.75
N LEU A 97 14.90 -1.19 -13.66
CA LEU A 97 13.53 -0.70 -13.63
C LEU A 97 13.41 0.80 -14.02
N ARG A 98 14.50 1.57 -13.86
CA ARG A 98 14.59 3.01 -14.21
C ARG A 98 14.46 3.23 -15.73
N MET A 1 -22.41 -69.08 11.15
CA MET A 1 -21.85 -68.12 12.16
C MET A 1 -22.95 -67.16 12.66
N ARG A 2 -22.99 -66.89 13.98
CA ARG A 2 -23.75 -65.79 14.63
C ARG A 2 -22.94 -65.19 15.79
N GLY A 3 -23.12 -63.90 16.05
CA GLY A 3 -22.42 -63.18 17.14
C GLY A 3 -22.47 -61.65 17.04
N SER A 4 -23.63 -61.08 16.67
CA SER A 4 -23.77 -59.65 16.37
C SER A 4 -23.56 -58.74 17.59
N HIS A 5 -22.63 -57.78 17.48
CA HIS A 5 -22.26 -56.83 18.55
C HIS A 5 -22.07 -55.38 18.04
N HIS A 6 -22.53 -55.09 16.82
CA HIS A 6 -22.29 -53.82 16.10
C HIS A 6 -23.19 -52.65 16.51
N HIS A 7 -24.20 -52.89 17.36
CA HIS A 7 -25.17 -51.88 17.82
C HIS A 7 -24.56 -50.78 18.71
N HIS A 8 -23.42 -51.06 19.36
CA HIS A 8 -22.78 -50.22 20.39
C HIS A 8 -21.94 -49.06 19.81
N HIS A 9 -22.49 -48.36 18.80
CA HIS A 9 -21.86 -47.19 18.16
C HIS A 9 -21.79 -45.97 19.10
N HIS A 10 -20.70 -45.19 18.99
CA HIS A 10 -20.44 -43.96 19.75
C HIS A 10 -19.52 -43.01 18.98
N GLY A 11 -19.68 -41.69 19.17
CA GLY A 11 -18.88 -40.66 18.47
C GLY A 11 -18.66 -39.35 19.23
N SER A 12 -19.04 -39.24 20.50
CA SER A 12 -18.90 -38.01 21.31
C SER A 12 -17.48 -37.80 21.82
N VAL A 13 -17.01 -36.55 21.84
CA VAL A 13 -15.66 -36.15 22.29
C VAL A 13 -15.66 -34.72 22.85
N SER A 14 -14.73 -34.42 23.77
CA SER A 14 -14.54 -33.09 24.36
C SER A 14 -13.04 -32.75 24.54
N PHE A 15 -12.71 -31.45 24.46
CA PHE A 15 -11.38 -30.89 24.69
C PHE A 15 -11.45 -29.62 25.58
N GLY A 16 -12.45 -29.55 26.45
CA GLY A 16 -12.82 -28.33 27.19
C GLY A 16 -13.53 -27.29 26.31
N ALA A 17 -13.48 -26.01 26.73
CA ALA A 17 -14.12 -24.89 26.05
C ALA A 17 -13.15 -23.69 25.83
N PRO A 18 -12.06 -23.86 25.05
CA PRO A 18 -11.12 -22.79 24.74
C PRO A 18 -11.74 -21.68 23.87
N SER A 19 -11.22 -20.46 24.01
CA SER A 19 -11.65 -19.25 23.26
C SER A 19 -10.50 -18.23 23.11
N PRO A 20 -10.55 -17.35 22.09
CA PRO A 20 -9.53 -16.30 21.90
C PRO A 20 -9.70 -15.15 22.91
N LEU A 21 -8.59 -14.73 23.51
CA LEU A 21 -8.49 -13.59 24.44
C LEU A 21 -7.47 -12.54 23.93
N SER A 22 -7.68 -11.28 24.29
CA SER A 22 -6.75 -10.16 24.05
C SER A 22 -6.82 -9.11 25.17
N SER A 23 -5.69 -8.43 25.44
CA SER A 23 -5.51 -7.54 26.60
C SER A 23 -4.81 -6.21 26.29
N GLU A 24 -4.60 -5.88 25.01
CA GLU A 24 -3.87 -4.69 24.55
C GLU A 24 -4.44 -4.13 23.23
N SER A 25 -4.51 -2.80 23.12
CA SER A 25 -4.91 -2.06 21.90
C SER A 25 -4.30 -0.66 21.88
N GLU A 26 -4.08 -0.10 20.69
CA GLU A 26 -3.55 1.25 20.46
C GLU A 26 -2.22 1.54 21.20
N ASP A 27 -1.31 0.57 21.23
CA ASP A 27 0.01 0.67 21.88
C ASP A 27 0.97 1.55 21.06
N GLU A 28 0.87 2.87 21.24
CA GLU A 28 1.55 3.92 20.46
C GLU A 28 1.27 3.83 18.94
N ILE A 29 0.08 3.35 18.55
CA ILE A 29 -0.36 3.24 17.15
C ILE A 29 -1.03 4.56 16.72
N ASN A 30 -0.32 5.36 15.93
CA ASN A 30 -0.83 6.60 15.31
C ASN A 30 -0.08 6.93 14.00
N TYR A 31 -0.74 7.70 13.11
CA TYR A 31 -0.21 8.14 11.81
C TYR A 31 -0.54 9.61 11.54
N MET A 32 0.29 10.30 10.74
CA MET A 32 0.15 11.75 10.49
C MET A 32 -0.95 12.09 9.46
N THR A 33 -1.20 11.21 8.50
CA THR A 33 -2.15 11.40 7.38
C THR A 33 -2.86 10.08 6.99
N PRO A 34 -4.09 10.16 6.41
CA PRO A 34 -4.77 8.99 5.84
C PRO A 34 -4.10 8.50 4.53
N PRO A 35 -4.32 7.25 4.12
CA PRO A 35 -3.79 6.71 2.86
C PRO A 35 -4.40 7.36 1.63
N GLU A 36 -3.60 7.49 0.57
CA GLU A 36 -4.00 8.06 -0.74
C GLU A 36 -4.46 7.00 -1.76
N GLN A 37 -4.18 5.72 -1.50
CA GLN A 37 -4.58 4.56 -2.32
C GLN A 37 -5.11 3.44 -1.40
N GLU A 38 -6.31 2.91 -1.73
CA GLU A 38 -7.01 1.89 -0.92
C GLU A 38 -7.55 0.71 -1.76
N ALA A 39 -7.16 0.62 -3.04
CA ALA A 39 -7.70 -0.31 -4.03
C ALA A 39 -6.60 -1.01 -4.85
N GLN A 40 -5.87 -1.93 -4.21
CA GLN A 40 -4.88 -2.82 -4.83
C GLN A 40 -4.89 -4.18 -4.11
N PRO A 41 -6.01 -4.95 -4.24
CA PRO A 41 -6.26 -6.13 -3.43
C PRO A 41 -5.37 -7.32 -3.80
N GLY A 42 -5.12 -8.20 -2.82
CA GLY A 42 -4.22 -9.38 -2.93
C GLY A 42 -2.72 -9.03 -2.89
N ALA A 43 -2.31 -8.00 -3.66
CA ALA A 43 -0.94 -7.48 -3.78
C ALA A 43 0.11 -8.56 -4.13
N LEU A 44 0.04 -9.01 -5.38
CA LEU A 44 0.97 -9.97 -6.00
C LEU A 44 2.00 -9.27 -6.91
N ALA A 45 3.18 -9.88 -7.05
CA ALA A 45 4.26 -9.42 -7.91
C ALA A 45 4.91 -10.57 -8.71
N ALA A 46 5.36 -10.28 -9.92
CA ALA A 46 6.21 -11.15 -10.73
C ALA A 46 7.71 -10.92 -10.42
N LEU A 47 8.54 -11.92 -10.74
CA LEU A 47 9.99 -11.93 -10.49
C LEU A 47 10.77 -12.45 -11.71
N HIS A 48 12.05 -12.07 -11.80
CA HIS A 48 13.03 -12.74 -12.65
C HIS A 48 13.58 -13.98 -11.92
N ALA A 49 13.78 -15.09 -12.65
CA ALA A 49 14.14 -16.39 -12.06
C ALA A 49 15.64 -16.74 -12.19
N GLU A 50 16.37 -16.09 -13.11
CA GLU A 50 17.78 -16.40 -13.47
C GLU A 50 18.60 -15.12 -13.70
N GLY A 51 19.93 -15.26 -13.70
CA GLY A 51 20.88 -14.16 -13.92
C GLY A 51 20.99 -13.17 -12.75
N PRO A 52 21.51 -11.94 -12.97
CA PRO A 52 21.75 -10.97 -11.90
C PRO A 52 20.47 -10.41 -11.25
N LEU A 53 19.31 -10.58 -11.90
CA LEU A 53 17.99 -10.19 -11.38
C LEU A 53 17.23 -11.35 -10.70
N ALA A 54 17.82 -12.54 -10.48
CA ALA A 54 17.10 -13.65 -9.86
C ALA A 54 16.58 -13.29 -8.46
N GLY A 55 15.25 -13.24 -8.31
CA GLY A 55 14.54 -12.79 -7.10
C GLY A 55 14.18 -11.29 -7.06
N LEU A 56 14.38 -10.55 -8.16
CA LEU A 56 14.10 -9.11 -8.31
C LEU A 56 12.87 -8.86 -9.24
N PRO A 57 12.17 -7.71 -9.11
CA PRO A 57 10.91 -7.40 -9.81
C PRO A 57 11.06 -7.28 -11.34
N VAL A 58 9.94 -7.34 -12.06
CA VAL A 58 9.91 -7.14 -13.53
C VAL A 58 9.29 -5.79 -13.90
N THR A 59 8.35 -5.25 -13.11
CA THR A 59 7.65 -3.97 -13.35
C THR A 59 7.71 -3.00 -12.15
N ARG A 60 7.30 -1.74 -12.36
CA ARG A 60 7.18 -0.74 -11.27
C ARG A 60 6.16 -1.17 -10.22
N SER A 61 5.07 -1.82 -10.66
CA SER A 61 4.06 -2.44 -9.80
C SER A 61 4.67 -3.58 -8.98
N ASP A 62 5.51 -4.44 -9.60
CA ASP A 62 6.22 -5.48 -8.86
C ASP A 62 7.14 -4.87 -7.79
N ALA A 63 7.98 -3.89 -8.15
CA ALA A 63 8.90 -3.25 -7.21
C ALA A 63 8.16 -2.60 -6.02
N ARG A 64 7.05 -1.90 -6.25
CA ARG A 64 6.20 -1.29 -5.21
C ARG A 64 5.58 -2.35 -4.28
N VAL A 65 4.97 -3.40 -4.86
CA VAL A 65 4.38 -4.51 -4.10
C VAL A 65 5.42 -5.22 -3.25
N LEU A 66 6.58 -5.55 -3.84
CA LEU A 66 7.67 -6.22 -3.11
C LEU A 66 8.19 -5.38 -1.95
N ILE A 67 8.39 -4.06 -2.14
CA ILE A 67 8.76 -3.15 -1.03
C ILE A 67 7.70 -3.23 0.08
N PHE A 68 6.42 -3.06 -0.24
CA PHE A 68 5.35 -3.04 0.75
C PHE A 68 5.18 -4.39 1.49
N ASN A 69 5.17 -5.51 0.76
CA ASN A 69 4.99 -6.85 1.31
C ASN A 69 6.19 -7.27 2.18
N GLU A 70 7.42 -7.12 1.67
CA GLU A 70 8.63 -7.47 2.41
C GLU A 70 8.80 -6.60 3.65
N TRP A 71 8.57 -5.27 3.54
CA TRP A 71 8.52 -4.41 4.71
C TRP A 71 7.45 -4.88 5.69
N GLU A 72 6.22 -5.19 5.29
CA GLU A 72 5.18 -5.62 6.23
C GLU A 72 5.54 -6.91 6.99
N GLU A 73 6.13 -7.92 6.34
CA GLU A 73 6.58 -9.14 7.06
C GLU A 73 7.72 -8.84 8.04
N ARG A 74 8.77 -8.18 7.54
CA ARG A 74 9.92 -7.75 8.37
C ARG A 74 9.45 -6.91 9.54
N LYS A 75 8.59 -5.93 9.29
CA LYS A 75 7.99 -5.01 10.27
C LYS A 75 7.04 -5.70 11.25
N LYS A 76 6.31 -6.74 10.86
CA LYS A 76 5.60 -7.62 11.82
C LYS A 76 6.59 -8.31 12.78
N SER A 77 7.81 -8.61 12.33
CA SER A 77 8.92 -8.98 13.23
C SER A 77 9.66 -7.78 13.90
N GLU A 78 9.63 -6.60 13.28
CA GLU A 78 10.47 -5.42 13.56
C GLU A 78 9.66 -4.10 13.53
N PRO A 79 8.81 -3.81 14.53
CA PRO A 79 7.79 -2.73 14.46
C PRO A 79 8.32 -1.30 14.26
N TRP A 80 9.64 -1.09 14.35
CA TRP A 80 10.34 0.17 14.08
C TRP A 80 10.66 0.44 12.59
N LEU A 81 10.57 -0.57 11.71
CA LEU A 81 11.17 -0.54 10.37
C LEU A 81 10.67 0.59 9.46
N ARG A 82 11.59 1.27 8.77
CA ARG A 82 11.30 2.35 7.81
C ARG A 82 10.76 1.81 6.47
N LEU A 83 10.01 2.65 5.75
CA LEU A 83 9.34 2.35 4.48
C LEU A 83 9.53 3.51 3.49
N ASP A 84 10.02 3.22 2.29
CA ASP A 84 10.11 4.18 1.18
C ASP A 84 9.92 3.47 -0.17
N MET A 85 8.93 3.91 -0.95
CA MET A 85 8.65 3.47 -2.32
C MET A 85 8.28 4.66 -3.23
N SER A 86 8.86 5.84 -2.96
CA SER A 86 8.93 6.94 -3.94
C SER A 86 9.75 6.51 -5.16
N ASP A 87 9.49 7.08 -6.34
CA ASP A 87 10.06 6.61 -7.62
C ASP A 87 11.58 6.48 -7.61
N LYS A 88 12.28 7.42 -6.94
CA LYS A 88 13.75 7.40 -6.79
C LYS A 88 14.25 6.15 -6.05
N ALA A 89 13.50 5.62 -5.09
CA ALA A 89 13.81 4.37 -4.41
C ALA A 89 13.77 3.17 -5.36
N ILE A 90 12.81 3.15 -6.29
CA ILE A 90 12.67 2.08 -7.28
C ILE A 90 13.79 2.20 -8.32
N PHE A 91 14.08 3.40 -8.81
CA PHE A 91 15.21 3.65 -9.73
C PHE A 91 16.54 3.15 -9.14
N ARG A 92 16.81 3.49 -7.87
CA ARG A 92 18.08 3.25 -7.19
C ARG A 92 18.26 1.81 -6.70
N ARG A 93 17.17 1.11 -6.33
CA ARG A 93 17.21 -0.32 -5.97
C ARG A 93 17.16 -1.25 -7.19
N TYR A 94 16.47 -0.83 -8.25
CA TYR A 94 16.19 -1.61 -9.46
C TYR A 94 16.62 -0.84 -10.72
N PRO A 95 17.94 -0.73 -11.00
CA PRO A 95 18.47 0.05 -12.13
C PRO A 95 18.09 -0.53 -13.50
N HIS A 96 17.58 -1.77 -13.56
CA HIS A 96 16.99 -2.36 -14.78
C HIS A 96 15.62 -1.78 -15.13
N LEU A 97 14.90 -1.24 -14.14
CA LEU A 97 13.49 -0.85 -14.21
C LEU A 97 13.31 0.57 -14.78
N ARG A 98 14.26 1.48 -14.49
CA ARG A 98 14.30 2.87 -14.99
C ARG A 98 14.97 2.94 -16.38
N MET A 1 4.64 -45.49 65.80
CA MET A 1 4.44 -44.32 64.90
C MET A 1 5.58 -44.24 63.85
N ARG A 2 5.41 -44.91 62.71
CA ARG A 2 6.38 -44.95 61.58
C ARG A 2 5.67 -44.94 60.21
N GLY A 3 6.41 -44.59 59.16
CA GLY A 3 6.01 -44.78 57.75
C GLY A 3 4.96 -43.80 57.23
N SER A 4 5.37 -42.57 56.90
CA SER A 4 4.55 -41.57 56.21
C SER A 4 5.39 -40.66 55.31
N HIS A 5 4.97 -40.49 54.05
CA HIS A 5 5.59 -39.61 53.05
C HIS A 5 4.56 -39.16 52.00
N HIS A 6 4.52 -37.87 51.67
CA HIS A 6 3.55 -37.27 50.73
C HIS A 6 4.21 -36.17 49.89
N HIS A 7 4.43 -36.44 48.60
CA HIS A 7 4.91 -35.46 47.60
C HIS A 7 4.52 -35.85 46.17
N HIS A 8 4.25 -34.84 45.32
CA HIS A 8 4.13 -34.97 43.86
C HIS A 8 4.45 -33.64 43.15
N HIS A 9 5.09 -33.72 41.97
CA HIS A 9 5.25 -32.61 41.02
C HIS A 9 5.33 -33.13 39.57
N HIS A 10 4.92 -32.31 38.60
CA HIS A 10 4.98 -32.63 37.16
C HIS A 10 5.04 -31.35 36.28
N GLY A 11 5.81 -31.42 35.19
CA GLY A 11 5.89 -30.38 34.16
C GLY A 11 6.77 -29.16 34.51
N SER A 12 7.26 -28.48 33.48
CA SER A 12 8.02 -27.21 33.56
C SER A 12 7.98 -26.47 32.22
N VAL A 13 8.02 -25.13 32.25
CA VAL A 13 8.07 -24.26 31.04
C VAL A 13 8.79 -22.93 31.33
N SER A 14 9.57 -22.45 30.35
CA SER A 14 10.28 -21.17 30.37
C SER A 14 10.28 -20.52 28.97
N PHE A 15 10.11 -19.20 28.91
CA PHE A 15 10.06 -18.42 27.66
C PHE A 15 10.50 -16.95 27.85
N GLY A 16 10.81 -16.27 26.74
CA GLY A 16 11.21 -14.86 26.68
C GLY A 16 12.71 -14.62 26.91
N ALA A 17 13.31 -13.78 26.06
CA ALA A 17 14.73 -13.38 26.13
C ALA A 17 14.94 -11.96 25.55
N PRO A 18 14.39 -10.90 26.20
CA PRO A 18 14.41 -9.53 25.68
C PRO A 18 15.84 -8.92 25.67
N SER A 19 16.12 -8.12 24.65
CA SER A 19 17.41 -7.40 24.46
C SER A 19 17.26 -6.04 23.72
N PRO A 20 16.31 -5.17 24.11
CA PRO A 20 16.07 -3.89 23.42
C PRO A 20 17.26 -2.92 23.51
N LEU A 21 17.55 -2.23 22.40
CA LEU A 21 18.64 -1.25 22.27
C LEU A 21 18.27 -0.19 21.21
N SER A 22 18.19 1.08 21.62
CA SER A 22 18.04 2.24 20.72
C SER A 22 18.64 3.51 21.33
N SER A 23 19.20 4.39 20.48
CA SER A 23 19.85 5.66 20.85
C SER A 23 19.64 6.79 19.82
N GLU A 24 18.71 6.62 18.87
CA GLU A 24 18.52 7.50 17.71
C GLU A 24 17.20 8.29 17.76
N SER A 25 17.15 9.41 17.03
CA SER A 25 15.96 10.28 16.87
C SER A 25 15.93 10.92 15.48
N GLU A 26 14.78 11.50 15.10
CA GLU A 26 14.48 12.17 13.82
C GLU A 26 14.58 11.32 12.53
N ASP A 27 15.09 10.08 12.61
CA ASP A 27 15.28 9.18 11.45
C ASP A 27 13.98 8.68 10.81
N GLU A 28 12.84 8.86 11.49
CA GLU A 28 11.49 8.58 11.00
C GLU A 28 10.64 9.85 10.78
N ILE A 29 11.21 11.04 11.01
CA ILE A 29 10.47 12.33 11.05
C ILE A 29 10.77 13.15 9.79
N ASN A 30 9.96 12.95 8.75
CA ASN A 30 9.91 13.77 7.53
C ASN A 30 8.48 13.77 6.94
N TYR A 31 8.12 14.84 6.22
CA TYR A 31 6.87 14.90 5.44
C TYR A 31 6.92 14.02 4.18
N MET A 32 5.75 13.71 3.62
CA MET A 32 5.60 13.01 2.33
C MET A 32 4.30 13.47 1.62
N THR A 33 4.33 13.55 0.29
CA THR A 33 3.16 13.90 -0.55
C THR A 33 2.10 12.77 -0.59
N PRO A 34 0.80 13.10 -0.78
CA PRO A 34 -0.26 12.10 -0.88
C PRO A 34 -0.15 11.24 -2.15
N PRO A 35 -0.67 9.99 -2.14
CA PRO A 35 -0.64 9.10 -3.30
C PRO A 35 -1.58 9.55 -4.43
N GLU A 36 -1.28 9.10 -5.65
CA GLU A 36 -2.07 9.33 -6.87
C GLU A 36 -2.26 8.05 -7.68
N GLN A 37 -3.35 7.96 -8.44
CA GLN A 37 -3.68 6.80 -9.29
C GLN A 37 -2.81 6.77 -10.56
N GLU A 38 -2.36 5.57 -10.95
CA GLU A 38 -1.54 5.34 -12.16
C GLU A 38 -2.05 4.19 -13.06
N ALA A 39 -3.31 3.79 -12.86
CA ALA A 39 -4.01 2.72 -13.59
C ALA A 39 -3.24 1.39 -13.63
N GLN A 40 -2.82 0.92 -12.44
CA GLN A 40 -1.92 -0.24 -12.26
C GLN A 40 -2.29 -1.02 -10.98
N PRO A 41 -3.44 -1.72 -10.98
CA PRO A 41 -4.05 -2.29 -9.77
C PRO A 41 -3.50 -3.69 -9.42
N GLY A 42 -3.93 -4.22 -8.27
CA GLY A 42 -3.58 -5.55 -7.76
C GLY A 42 -2.41 -5.57 -6.75
N ALA A 43 -2.23 -6.73 -6.08
CA ALA A 43 -1.29 -6.93 -4.97
C ALA A 43 -0.34 -8.13 -5.14
N LEU A 44 -0.23 -8.65 -6.36
CA LEU A 44 0.69 -9.71 -6.77
C LEU A 44 1.99 -9.13 -7.37
N ALA A 45 3.08 -9.90 -7.35
CA ALA A 45 4.35 -9.55 -7.97
C ALA A 45 4.97 -10.73 -8.75
N ALA A 46 5.39 -10.46 -9.99
CA ALA A 46 6.23 -11.34 -10.80
C ALA A 46 7.72 -11.08 -10.53
N LEU A 47 8.57 -12.08 -10.85
CA LEU A 47 10.01 -12.07 -10.57
C LEU A 47 10.84 -12.52 -11.79
N HIS A 48 12.11 -12.11 -11.83
CA HIS A 48 13.13 -12.71 -12.70
C HIS A 48 13.65 -14.02 -12.07
N ALA A 49 13.82 -15.07 -12.89
CA ALA A 49 14.19 -16.40 -12.42
C ALA A 49 15.71 -16.71 -12.48
N GLU A 50 16.49 -15.90 -13.21
CA GLU A 50 17.91 -16.13 -13.48
C GLU A 50 18.72 -14.82 -13.67
N GLY A 51 20.05 -14.93 -13.71
CA GLY A 51 20.96 -13.79 -13.89
C GLY A 51 21.08 -12.88 -12.64
N PRO A 52 21.63 -11.66 -12.79
CA PRO A 52 21.87 -10.75 -11.66
C PRO A 52 20.58 -10.22 -11.01
N LEU A 53 19.43 -10.32 -11.70
CA LEU A 53 18.11 -9.94 -11.18
C LEU A 53 17.33 -11.12 -10.56
N ALA A 54 17.90 -12.32 -10.41
CA ALA A 54 17.18 -13.47 -9.87
C ALA A 54 16.55 -13.17 -8.49
N GLY A 55 15.22 -13.33 -8.41
CA GLY A 55 14.41 -13.01 -7.23
C GLY A 55 14.01 -11.52 -7.09
N LEU A 56 14.27 -10.68 -8.10
CA LEU A 56 13.94 -9.24 -8.16
C LEU A 56 12.75 -8.98 -9.12
N PRO A 57 12.05 -7.82 -9.03
CA PRO A 57 10.79 -7.55 -9.73
C PRO A 57 10.97 -7.39 -11.25
N VAL A 58 9.87 -7.48 -12.02
CA VAL A 58 9.88 -7.23 -13.47
C VAL A 58 9.24 -5.87 -13.84
N THR A 59 8.27 -5.39 -13.06
CA THR A 59 7.53 -4.12 -13.30
C THR A 59 7.53 -3.17 -12.10
N ARG A 60 7.04 -1.93 -12.30
CA ARG A 60 6.81 -0.95 -11.21
C ARG A 60 5.79 -1.49 -10.20
N SER A 61 4.75 -2.18 -10.69
CA SER A 61 3.78 -2.89 -9.86
C SER A 61 4.48 -3.93 -8.99
N ASP A 62 5.34 -4.77 -9.59
CA ASP A 62 6.09 -5.77 -8.86
C ASP A 62 7.00 -5.12 -7.79
N ALA A 63 7.75 -4.07 -8.15
CA ALA A 63 8.65 -3.37 -7.23
C ALA A 63 7.91 -2.72 -6.05
N ARG A 64 6.77 -2.04 -6.27
CA ARG A 64 5.94 -1.45 -5.21
C ARG A 64 5.38 -2.52 -4.27
N VAL A 65 4.83 -3.61 -4.82
CA VAL A 65 4.27 -4.73 -4.06
C VAL A 65 5.35 -5.44 -3.24
N LEU A 66 6.50 -5.73 -3.84
CA LEU A 66 7.63 -6.34 -3.12
C LEU A 66 8.12 -5.46 -1.97
N ILE A 67 8.30 -4.15 -2.17
CA ILE A 67 8.64 -3.21 -1.09
C ILE A 67 7.62 -3.32 0.05
N PHE A 68 6.32 -3.23 -0.27
CA PHE A 68 5.27 -3.29 0.74
C PHE A 68 5.22 -4.63 1.48
N ASN A 69 5.27 -5.75 0.78
CA ASN A 69 5.15 -7.10 1.36
C ASN A 69 6.38 -7.47 2.20
N GLU A 70 7.59 -7.23 1.67
CA GLU A 70 8.83 -7.47 2.42
C GLU A 70 8.93 -6.59 3.66
N TRP A 71 8.61 -5.29 3.54
CA TRP A 71 8.53 -4.42 4.71
C TRP A 71 7.46 -4.91 5.70
N GLU A 72 6.24 -5.25 5.27
CA GLU A 72 5.18 -5.74 6.16
C GLU A 72 5.63 -6.97 6.99
N GLU A 73 6.30 -7.96 6.37
CA GLU A 73 6.81 -9.12 7.13
C GLU A 73 7.95 -8.75 8.09
N ARG A 74 9.00 -8.09 7.58
CA ARG A 74 10.16 -7.72 8.40
C ARG A 74 9.80 -6.73 9.50
N LYS A 75 8.87 -5.83 9.23
CA LYS A 75 8.30 -4.87 10.19
C LYS A 75 7.34 -5.50 11.19
N LYS A 76 6.61 -6.57 10.83
CA LYS A 76 5.89 -7.41 11.81
C LYS A 76 6.88 -8.06 12.80
N SER A 77 8.08 -8.43 12.33
CA SER A 77 9.19 -8.81 13.23
C SER A 77 9.86 -7.61 13.95
N GLU A 78 9.95 -6.44 13.29
CA GLU A 78 10.75 -5.27 13.67
C GLU A 78 9.93 -3.95 13.56
N PRO A 79 9.07 -3.60 14.53
CA PRO A 79 8.09 -2.51 14.40
C PRO A 79 8.66 -1.10 14.15
N TRP A 80 9.98 -0.92 14.21
CA TRP A 80 10.72 0.31 13.91
C TRP A 80 11.13 0.46 12.41
N LEU A 81 10.89 -0.52 11.54
CA LEU A 81 11.35 -0.52 10.16
C LEU A 81 10.71 0.59 9.29
N ARG A 82 11.53 1.33 8.53
CA ARG A 82 11.11 2.43 7.64
C ARG A 82 10.65 1.93 6.26
N LEU A 83 9.76 2.69 5.63
CA LEU A 83 9.08 2.39 4.35
C LEU A 83 9.15 3.61 3.42
N ASP A 84 9.56 3.42 2.17
CA ASP A 84 9.62 4.47 1.14
C ASP A 84 9.24 3.91 -0.25
N MET A 85 8.41 4.64 -1.01
CA MET A 85 7.89 4.23 -2.32
C MET A 85 8.00 5.33 -3.40
N SER A 86 8.81 6.37 -3.17
CA SER A 86 9.12 7.40 -4.18
C SER A 86 9.99 6.81 -5.29
N ASP A 87 9.94 7.38 -6.51
CA ASP A 87 10.53 6.77 -7.70
C ASP A 87 12.05 6.47 -7.57
N LYS A 88 12.79 7.33 -6.84
CA LYS A 88 14.22 7.13 -6.56
C LYS A 88 14.50 5.86 -5.76
N ALA A 89 13.61 5.43 -4.87
CA ALA A 89 13.72 4.16 -4.14
C ALA A 89 13.71 2.96 -5.10
N ILE A 90 12.86 3.02 -6.13
CA ILE A 90 12.72 1.97 -7.15
C ILE A 90 13.92 2.00 -8.09
N PHE A 91 14.34 3.17 -8.58
CA PHE A 91 15.54 3.31 -9.42
C PHE A 91 16.79 2.72 -8.74
N ARG A 92 16.98 3.03 -7.45
CA ARG A 92 18.18 2.68 -6.68
C ARG A 92 18.18 1.20 -6.26
N ARG A 93 17.02 0.64 -5.89
CA ARG A 93 16.87 -0.82 -5.65
C ARG A 93 16.97 -1.66 -6.94
N TYR A 94 16.38 -1.15 -8.02
CA TYR A 94 16.09 -1.89 -9.25
C TYR A 94 16.58 -1.12 -10.50
N PRO A 95 17.88 -1.23 -10.85
CA PRO A 95 18.51 -0.42 -11.90
C PRO A 95 18.04 -0.75 -13.33
N HIS A 96 17.21 -1.77 -13.51
CA HIS A 96 16.52 -2.10 -14.77
C HIS A 96 15.18 -1.36 -14.94
N LEU A 97 14.58 -0.88 -13.84
CA LEU A 97 13.23 -0.32 -13.78
C LEU A 97 13.19 1.23 -13.96
N ARG A 98 14.35 1.89 -13.87
CA ARG A 98 14.54 3.32 -14.15
C ARG A 98 14.28 3.70 -15.63
N MET A 1 0.48 83.13 -12.34
CA MET A 1 0.11 81.76 -12.81
C MET A 1 -1.02 81.82 -13.86
N ARG A 2 -1.10 80.81 -14.75
CA ARG A 2 -2.16 80.62 -15.76
C ARG A 2 -2.43 81.86 -16.64
N GLY A 3 -1.36 82.48 -17.14
CA GLY A 3 -1.42 83.64 -18.05
C GLY A 3 -1.85 83.23 -19.46
N SER A 4 -3.16 83.34 -19.74
CA SER A 4 -3.84 82.85 -20.96
C SER A 4 -3.73 81.33 -21.19
N HIS A 5 -4.49 80.81 -22.17
CA HIS A 5 -4.37 79.42 -22.64
C HIS A 5 -3.15 79.22 -23.55
N HIS A 6 -2.74 77.95 -23.76
CA HIS A 6 -1.53 77.58 -24.49
C HIS A 6 -1.83 77.15 -25.94
N HIS A 7 -2.19 75.86 -26.13
CA HIS A 7 -2.60 75.30 -27.43
C HIS A 7 -3.69 74.23 -27.24
N HIS A 8 -3.38 73.17 -26.48
CA HIS A 8 -4.29 72.08 -26.10
C HIS A 8 -3.85 71.41 -24.80
N HIS A 9 -4.79 70.90 -24.01
CA HIS A 9 -4.57 70.14 -22.77
C HIS A 9 -5.49 68.91 -22.68
N HIS A 10 -5.01 67.83 -22.05
CA HIS A 10 -5.72 66.55 -21.90
C HIS A 10 -5.43 65.86 -20.56
N GLY A 11 -6.39 65.07 -20.07
CA GLY A 11 -6.25 64.22 -18.88
C GLY A 11 -7.48 63.34 -18.65
N SER A 12 -7.29 62.19 -17.99
CA SER A 12 -8.33 61.18 -17.73
C SER A 12 -8.22 60.59 -16.31
N VAL A 13 -9.37 60.24 -15.71
CA VAL A 13 -9.49 59.60 -14.39
C VAL A 13 -10.55 58.48 -14.40
N SER A 14 -10.39 57.49 -13.52
CA SER A 14 -11.34 56.39 -13.30
C SER A 14 -11.25 55.87 -11.86
N PHE A 15 -12.39 55.43 -11.30
CA PHE A 15 -12.54 55.03 -9.89
C PHE A 15 -13.40 53.76 -9.72
N GLY A 16 -13.08 52.97 -8.69
CA GLY A 16 -13.72 51.67 -8.40
C GLY A 16 -13.13 50.51 -9.22
N ALA A 17 -12.77 49.41 -8.54
CA ALA A 17 -12.17 48.22 -9.13
C ALA A 17 -12.53 46.94 -8.34
N PRO A 18 -13.78 46.45 -8.43
CA PRO A 18 -14.24 45.26 -7.71
C PRO A 18 -13.53 43.98 -8.19
N SER A 19 -13.31 43.04 -7.26
CA SER A 19 -12.56 41.79 -7.49
C SER A 19 -13.09 40.60 -6.68
N PRO A 20 -14.37 40.19 -6.88
CA PRO A 20 -14.96 39.02 -6.19
C PRO A 20 -14.23 37.72 -6.54
N LEU A 21 -14.10 36.83 -5.55
CA LEU A 21 -13.23 35.63 -5.60
C LEU A 21 -13.87 34.33 -5.05
N SER A 22 -15.18 34.32 -4.82
CA SER A 22 -15.94 33.15 -4.33
C SER A 22 -17.35 33.08 -4.91
N SER A 23 -17.84 31.87 -5.14
CA SER A 23 -19.22 31.55 -5.53
C SER A 23 -19.72 30.25 -4.84
N GLU A 24 -19.05 29.84 -3.76
CA GLU A 24 -19.19 28.54 -3.10
C GLU A 24 -19.97 28.62 -1.77
N SER A 25 -20.62 27.51 -1.40
CA SER A 25 -21.40 27.35 -0.17
C SER A 25 -21.10 25.99 0.49
N GLU A 26 -19.81 25.72 0.72
CA GLU A 26 -19.27 24.45 1.24
C GLU A 26 -19.58 23.20 0.37
N ASP A 27 -20.04 23.41 -0.86
CA ASP A 27 -20.52 22.37 -1.79
C ASP A 27 -19.41 21.61 -2.55
N GLU A 28 -18.18 22.15 -2.53
CA GLU A 28 -16.98 21.56 -3.13
C GLU A 28 -15.77 21.53 -2.17
N ILE A 29 -15.95 21.99 -0.93
CA ILE A 29 -14.87 22.20 0.06
C ILE A 29 -14.67 20.93 0.92
N ASN A 30 -14.32 19.83 0.24
CA ASN A 30 -14.06 18.51 0.84
C ASN A 30 -12.93 17.81 0.07
N TYR A 31 -11.75 17.70 0.69
CA TYR A 31 -10.52 17.16 0.09
C TYR A 31 -9.55 16.59 1.17
N MET A 32 -8.53 15.85 0.73
CA MET A 32 -7.52 15.19 1.58
C MET A 32 -8.15 14.20 2.59
N THR A 33 -9.04 13.33 2.09
CA THR A 33 -9.79 12.31 2.86
C THR A 33 -9.64 10.88 2.28
N PRO A 34 -8.41 10.36 2.11
CA PRO A 34 -8.17 9.00 1.61
C PRO A 34 -8.64 7.90 2.60
N PRO A 35 -8.97 6.68 2.12
CA PRO A 35 -9.38 5.57 2.96
C PRO A 35 -8.22 4.97 3.77
N GLU A 36 -8.53 4.39 4.93
CA GLU A 36 -7.55 3.76 5.83
C GLU A 36 -7.42 2.23 5.67
N GLN A 37 -8.43 1.58 5.08
CA GLN A 37 -8.51 0.11 4.94
C GLN A 37 -9.29 -0.31 3.67
N GLU A 38 -9.13 0.45 2.58
CA GLU A 38 -9.81 0.25 1.30
C GLU A 38 -8.88 0.63 0.11
N ALA A 39 -9.38 0.47 -1.12
CA ALA A 39 -8.67 0.76 -2.38
C ALA A 39 -7.34 -0.02 -2.57
N GLN A 40 -7.30 -1.26 -2.05
CA GLN A 40 -6.17 -2.20 -2.18
C GLN A 40 -6.71 -3.65 -2.24
N PRO A 41 -7.30 -4.07 -3.37
CA PRO A 41 -8.03 -5.33 -3.50
C PRO A 41 -7.09 -6.53 -3.76
N GLY A 42 -6.18 -6.78 -2.81
CA GLY A 42 -5.05 -7.71 -2.93
C GLY A 42 -3.88 -7.15 -3.74
N ALA A 43 -2.77 -7.89 -3.78
CA ALA A 43 -1.54 -7.53 -4.49
C ALA A 43 -0.77 -8.76 -5.01
N LEU A 44 -0.34 -8.71 -6.28
CA LEU A 44 0.48 -9.72 -6.96
C LEU A 44 1.73 -9.06 -7.60
N ALA A 45 2.80 -9.83 -7.78
CA ALA A 45 4.01 -9.41 -8.50
C ALA A 45 4.63 -10.53 -9.34
N ALA A 46 5.18 -10.17 -10.50
CA ALA A 46 6.06 -11.01 -11.32
C ALA A 46 7.54 -10.82 -10.95
N LEU A 47 8.36 -11.83 -11.23
CA LEU A 47 9.78 -11.90 -10.85
C LEU A 47 10.68 -12.32 -12.02
N HIS A 48 11.97 -11.98 -11.94
CA HIS A 48 13.03 -12.59 -12.75
C HIS A 48 13.54 -13.89 -12.10
N ALA A 49 13.84 -14.91 -12.88
CA ALA A 49 14.17 -16.26 -12.39
C ALA A 49 15.67 -16.60 -12.37
N GLU A 50 16.53 -15.79 -13.01
CA GLU A 50 17.96 -16.07 -13.20
C GLU A 50 18.82 -14.79 -13.25
N GLY A 51 20.14 -14.96 -13.16
CA GLY A 51 21.12 -13.87 -13.19
C GLY A 51 21.11 -12.97 -11.94
N PRO A 52 21.64 -11.74 -12.00
CA PRO A 52 21.72 -10.83 -10.85
C PRO A 52 20.35 -10.32 -10.38
N LEU A 53 19.31 -10.45 -11.21
CA LEU A 53 17.92 -10.09 -10.87
C LEU A 53 17.08 -11.27 -10.32
N ALA A 54 17.64 -12.46 -10.08
CA ALA A 54 16.86 -13.59 -9.59
C ALA A 54 16.12 -13.26 -8.27
N GLY A 55 14.79 -13.37 -8.29
CA GLY A 55 13.88 -13.01 -7.19
C GLY A 55 13.51 -11.51 -7.11
N LEU A 56 13.92 -10.69 -8.09
CA LEU A 56 13.68 -9.24 -8.17
C LEU A 56 12.56 -8.89 -9.20
N PRO A 57 11.93 -7.70 -9.12
CA PRO A 57 10.70 -7.36 -9.87
C PRO A 57 10.91 -7.15 -11.37
N VAL A 58 9.82 -7.17 -12.15
CA VAL A 58 9.86 -6.91 -13.61
C VAL A 58 9.22 -5.55 -13.98
N THR A 59 8.29 -5.02 -13.17
CA THR A 59 7.62 -3.71 -13.38
C THR A 59 7.68 -2.78 -12.16
N ARG A 60 7.25 -1.52 -12.31
CA ARG A 60 7.14 -0.57 -11.18
C ARG A 60 6.08 -1.03 -10.16
N SER A 61 4.99 -1.62 -10.65
CA SER A 61 3.98 -2.28 -9.82
C SER A 61 4.59 -3.47 -9.06
N ASP A 62 5.37 -4.33 -9.72
CA ASP A 62 6.06 -5.44 -9.04
C ASP A 62 7.00 -4.89 -7.95
N ALA A 63 7.81 -3.88 -8.27
CA ALA A 63 8.77 -3.29 -7.33
C ALA A 63 8.11 -2.66 -6.10
N ARG A 64 6.98 -1.96 -6.27
CA ARG A 64 6.21 -1.39 -5.14
C ARG A 64 5.54 -2.48 -4.29
N VAL A 65 5.02 -3.55 -4.90
CA VAL A 65 4.47 -4.72 -4.17
C VAL A 65 5.55 -5.44 -3.37
N LEU A 66 6.71 -5.69 -3.98
CA LEU A 66 7.85 -6.29 -3.28
C LEU A 66 8.35 -5.43 -2.12
N ILE A 67 8.49 -4.11 -2.30
CA ILE A 67 8.80 -3.17 -1.20
C ILE A 67 7.77 -3.34 -0.07
N PHE A 68 6.48 -3.31 -0.39
CA PHE A 68 5.41 -3.40 0.61
C PHE A 68 5.42 -4.73 1.37
N ASN A 69 5.44 -5.88 0.68
CA ASN A 69 5.41 -7.17 1.34
C ASN A 69 6.68 -7.46 2.16
N GLU A 70 7.86 -7.16 1.59
CA GLU A 70 9.14 -7.27 2.30
C GLU A 70 9.11 -6.43 3.57
N TRP A 71 8.75 -5.15 3.46
CA TRP A 71 8.62 -4.29 4.63
C TRP A 71 7.59 -4.83 5.62
N GLU A 72 6.39 -5.23 5.21
CA GLU A 72 5.37 -5.75 6.13
C GLU A 72 5.85 -6.96 6.95
N GLU A 73 6.48 -7.96 6.33
CA GLU A 73 6.98 -9.14 7.08
C GLU A 73 8.16 -8.78 8.01
N ARG A 74 9.13 -8.05 7.47
CA ARG A 74 10.30 -7.59 8.24
C ARG A 74 9.87 -6.70 9.39
N LYS A 75 8.96 -5.76 9.15
CA LYS A 75 8.34 -4.87 10.17
C LYS A 75 7.53 -5.64 11.21
N LYS A 76 6.85 -6.74 10.86
CA LYS A 76 6.20 -7.64 11.82
C LYS A 76 7.25 -8.28 12.76
N SER A 77 8.45 -8.57 12.25
CA SER A 77 9.61 -8.92 13.11
C SER A 77 10.30 -7.72 13.80
N GLU A 78 10.27 -6.52 13.19
CA GLU A 78 11.08 -5.34 13.49
C GLU A 78 10.22 -4.05 13.55
N PRO A 79 9.53 -3.75 14.67
CA PRO A 79 8.51 -2.68 14.77
C PRO A 79 9.01 -1.22 14.56
N TRP A 80 10.27 -1.02 14.18
CA TRP A 80 10.92 0.26 13.85
C TRP A 80 11.14 0.52 12.34
N LEU A 81 10.86 -0.45 11.46
CA LEU A 81 11.26 -0.41 10.05
C LEU A 81 10.55 0.68 9.21
N ARG A 82 11.31 1.34 8.32
CA ARG A 82 10.84 2.45 7.46
C ARG A 82 10.47 1.98 6.04
N LEU A 83 9.64 2.78 5.35
CA LEU A 83 8.94 2.44 4.10
C LEU A 83 8.96 3.65 3.14
N ASP A 84 9.35 3.44 1.89
CA ASP A 84 9.38 4.47 0.84
C ASP A 84 9.09 3.86 -0.55
N MET A 85 8.21 4.51 -1.33
CA MET A 85 7.69 3.99 -2.62
C MET A 85 7.76 4.99 -3.79
N SER A 86 8.34 6.19 -3.58
CA SER A 86 8.61 7.15 -4.65
C SER A 86 9.62 6.58 -5.65
N ASP A 87 9.58 7.04 -6.92
CA ASP A 87 10.29 6.38 -8.04
C ASP A 87 11.81 6.20 -7.81
N LYS A 88 12.46 7.14 -7.09
CA LYS A 88 13.87 7.03 -6.70
C LYS A 88 14.18 5.79 -5.85
N ALA A 89 13.27 5.36 -4.97
CA ALA A 89 13.41 4.11 -4.21
C ALA A 89 13.46 2.89 -5.13
N ILE A 90 12.63 2.89 -6.18
CA ILE A 90 12.52 1.81 -7.16
C ILE A 90 13.78 1.79 -8.03
N PHE A 91 14.22 2.95 -8.54
CA PHE A 91 15.47 3.07 -9.30
C PHE A 91 16.69 2.57 -8.51
N ARG A 92 16.80 2.97 -7.24
CA ARG A 92 17.97 2.71 -6.38
C ARG A 92 18.03 1.26 -5.89
N ARG A 93 16.88 0.64 -5.58
CA ARG A 93 16.80 -0.82 -5.32
C ARG A 93 16.98 -1.66 -6.60
N TYR A 94 16.43 -1.19 -7.72
CA TYR A 94 16.26 -1.96 -8.96
C TYR A 94 16.75 -1.15 -10.18
N PRO A 95 18.08 -1.15 -10.48
CA PRO A 95 18.66 -0.30 -11.52
C PRO A 95 18.20 -0.65 -12.95
N HIS A 96 17.67 -1.86 -13.17
CA HIS A 96 17.07 -2.27 -14.45
C HIS A 96 15.71 -1.60 -14.72
N LEU A 97 15.01 -1.17 -13.67
CA LEU A 97 13.67 -0.59 -13.71
C LEU A 97 13.67 0.93 -13.99
N ARG A 98 14.83 1.60 -13.87
CA ARG A 98 15.00 3.04 -14.14
C ARG A 98 14.89 3.39 -15.63
N MET A 1 -78.07 -21.11 -7.45
CA MET A 1 -79.11 -21.85 -6.67
C MET A 1 -78.62 -23.28 -6.34
N ARG A 2 -78.95 -23.78 -5.13
CA ARG A 2 -78.55 -25.10 -4.56
C ARG A 2 -77.04 -25.27 -4.34
N GLY A 3 -76.66 -26.19 -3.46
CA GLY A 3 -75.28 -26.51 -3.07
C GLY A 3 -74.68 -25.55 -2.03
N SER A 4 -73.74 -26.06 -1.22
CA SER A 4 -73.00 -25.31 -0.19
C SER A 4 -71.67 -26.00 0.15
N HIS A 5 -70.66 -25.23 0.57
CA HIS A 5 -69.35 -25.71 1.04
C HIS A 5 -68.71 -24.76 2.07
N HIS A 6 -67.82 -25.29 2.90
CA HIS A 6 -67.01 -24.55 3.88
C HIS A 6 -65.70 -25.30 4.22
N HIS A 7 -64.71 -24.57 4.74
CA HIS A 7 -63.45 -25.13 5.26
C HIS A 7 -62.82 -24.24 6.35
N HIS A 8 -62.01 -24.84 7.22
CA HIS A 8 -61.17 -24.15 8.22
C HIS A 8 -59.95 -25.00 8.61
N HIS A 9 -58.81 -24.36 8.88
CA HIS A 9 -57.59 -24.99 9.41
C HIS A 9 -56.71 -24.01 10.19
N HIS A 10 -55.93 -24.53 11.15
CA HIS A 10 -54.88 -23.81 11.87
C HIS A 10 -53.79 -24.78 12.39
N GLY A 11 -52.56 -24.30 12.61
CA GLY A 11 -51.45 -25.17 13.05
C GLY A 11 -50.15 -24.45 13.45
N SER A 12 -50.23 -23.25 14.04
CA SER A 12 -49.06 -22.45 14.44
C SER A 12 -49.24 -21.70 15.77
N VAL A 13 -48.12 -21.40 16.46
CA VAL A 13 -48.07 -20.54 17.66
C VAL A 13 -46.69 -19.92 17.88
N SER A 14 -45.61 -20.71 17.70
CA SER A 14 -44.19 -20.37 17.96
C SER A 14 -43.85 -20.04 19.43
N PHE A 15 -42.61 -20.35 19.84
CA PHE A 15 -42.14 -20.18 21.23
C PHE A 15 -40.68 -19.69 21.37
N GLY A 16 -39.86 -19.76 20.31
CA GLY A 16 -38.44 -19.38 20.34
C GLY A 16 -38.22 -17.89 20.56
N ALA A 17 -37.32 -17.54 21.49
CA ALA A 17 -36.97 -16.17 21.88
C ALA A 17 -35.47 -16.05 22.29
N PRO A 18 -34.52 -16.21 21.35
CA PRO A 18 -33.08 -16.15 21.64
C PRO A 18 -32.62 -14.72 22.00
N SER A 19 -31.54 -14.62 22.79
CA SER A 19 -30.96 -13.36 23.28
C SER A 19 -29.42 -13.34 23.16
N PRO A 20 -28.86 -13.31 21.92
CA PRO A 20 -27.42 -13.24 21.69
C PRO A 20 -26.82 -11.91 22.19
N LEU A 21 -25.62 -11.97 22.77
CA LEU A 21 -24.97 -10.84 23.45
C LEU A 21 -23.47 -10.65 23.10
N SER A 22 -22.85 -11.61 22.41
CA SER A 22 -21.43 -11.58 22.03
C SER A 22 -21.15 -10.68 20.80
N SER A 23 -20.01 -9.96 20.85
CA SER A 23 -19.62 -8.96 19.84
C SER A 23 -18.12 -8.99 19.48
N GLU A 24 -17.42 -10.10 19.76
CA GLU A 24 -15.96 -10.27 19.63
C GLU A 24 -15.15 -9.18 20.40
N SER A 25 -15.71 -8.70 21.51
CA SER A 25 -15.13 -7.68 22.39
C SER A 25 -14.21 -8.26 23.48
N GLU A 26 -13.27 -7.44 23.96
CA GLU A 26 -12.28 -7.78 25.01
C GLU A 26 -11.34 -8.96 24.68
N ASP A 27 -11.26 -9.38 23.41
CA ASP A 27 -10.25 -10.33 22.92
C ASP A 27 -8.90 -9.62 22.74
N GLU A 28 -8.03 -9.73 23.75
CA GLU A 28 -6.66 -9.19 23.80
C GLU A 28 -6.52 -7.66 23.60
N ILE A 29 -7.60 -6.87 23.80
CA ILE A 29 -7.62 -5.44 23.44
C ILE A 29 -6.60 -4.56 24.19
N ASN A 30 -6.03 -5.04 25.29
CA ASN A 30 -4.97 -4.35 26.05
C ASN A 30 -3.59 -4.40 25.34
N TYR A 31 -3.40 -5.30 24.37
CA TYR A 31 -2.12 -5.48 23.66
C TYR A 31 -2.25 -5.65 22.13
N MET A 32 -3.44 -6.02 21.63
CA MET A 32 -3.74 -6.19 20.19
C MET A 32 -3.96 -4.83 19.48
N THR A 33 -2.97 -3.94 19.59
CA THR A 33 -2.98 -2.54 19.12
C THR A 33 -1.65 -2.20 18.39
N PRO A 34 -1.31 -2.90 17.29
CA PRO A 34 -0.04 -2.72 16.57
C PRO A 34 0.07 -1.35 15.86
N PRO A 35 1.30 -0.91 15.51
CA PRO A 35 1.57 0.36 14.82
C PRO A 35 1.30 0.25 13.30
N GLU A 36 0.07 -0.13 12.94
CA GLU A 36 -0.41 -0.43 11.57
C GLU A 36 -1.67 0.40 11.23
N GLN A 37 -1.88 0.68 9.94
CA GLN A 37 -3.01 1.50 9.46
C GLN A 37 -3.80 0.88 8.29
N GLU A 38 -3.12 0.18 7.38
CA GLU A 38 -3.73 -0.52 6.23
C GLU A 38 -2.92 -1.77 5.82
N ALA A 39 -3.64 -2.82 5.36
CA ALA A 39 -3.08 -4.14 5.02
C ALA A 39 -3.90 -4.84 3.92
N GLN A 40 -4.25 -4.12 2.85
CA GLN A 40 -5.18 -4.58 1.79
C GLN A 40 -4.77 -4.08 0.38
N PRO A 41 -3.55 -4.42 -0.10
CA PRO A 41 -2.96 -3.81 -1.30
C PRO A 41 -3.54 -4.34 -2.62
N GLY A 42 -4.13 -5.55 -2.61
CA GLY A 42 -4.89 -6.10 -3.74
C GLY A 42 -4.07 -6.48 -4.99
N ALA A 43 -2.75 -6.67 -4.86
CA ALA A 43 -1.83 -6.93 -5.96
C ALA A 43 -0.68 -7.90 -5.56
N LEU A 44 -0.17 -8.63 -6.56
CA LEU A 44 0.96 -9.56 -6.47
C LEU A 44 2.18 -9.05 -7.27
N ALA A 45 3.35 -9.68 -7.07
CA ALA A 45 4.59 -9.35 -7.78
C ALA A 45 5.12 -10.54 -8.63
N ALA A 46 5.38 -10.29 -9.90
CA ALA A 46 6.15 -11.19 -10.78
C ALA A 46 7.67 -10.90 -10.66
N LEU A 47 8.49 -11.96 -10.79
CA LEU A 47 9.93 -11.92 -10.51
C LEU A 47 10.77 -12.46 -11.67
N HIS A 48 12.05 -12.07 -11.71
CA HIS A 48 13.07 -12.68 -12.56
C HIS A 48 13.55 -14.01 -11.95
N ALA A 49 13.74 -15.04 -12.77
CA ALA A 49 14.10 -16.38 -12.31
C ALA A 49 15.62 -16.69 -12.33
N GLU A 50 16.42 -15.88 -13.03
CA GLU A 50 17.85 -16.12 -13.28
C GLU A 50 18.66 -14.81 -13.42
N GLY A 51 20.00 -14.93 -13.44
CA GLY A 51 20.93 -13.79 -13.58
C GLY A 51 21.04 -12.90 -12.33
N PRO A 52 21.60 -11.69 -12.46
CA PRO A 52 21.84 -10.79 -11.31
C PRO A 52 20.54 -10.24 -10.69
N LEU A 53 19.40 -10.33 -11.40
CA LEU A 53 18.08 -9.93 -10.90
C LEU A 53 17.26 -11.09 -10.32
N ALA A 54 17.81 -12.30 -10.15
CA ALA A 54 17.05 -13.45 -9.65
C ALA A 54 16.37 -13.16 -8.29
N GLY A 55 15.04 -13.32 -8.26
CA GLY A 55 14.17 -13.01 -7.12
C GLY A 55 13.75 -11.53 -7.01
N LEU A 56 14.15 -10.67 -7.96
CA LEU A 56 13.82 -9.23 -8.01
C LEU A 56 12.68 -8.95 -9.04
N PRO A 57 12.01 -7.78 -9.01
CA PRO A 57 10.75 -7.54 -9.70
C PRO A 57 10.90 -7.34 -11.21
N VAL A 58 9.84 -7.56 -11.98
CA VAL A 58 9.84 -7.30 -13.43
C VAL A 58 9.30 -5.89 -13.77
N THR A 59 8.30 -5.37 -13.04
CA THR A 59 7.65 -4.05 -13.29
C THR A 59 7.69 -3.10 -12.10
N ARG A 60 7.26 -1.83 -12.32
CA ARG A 60 7.09 -0.82 -11.23
C ARG A 60 6.06 -1.27 -10.20
N SER A 61 4.99 -1.93 -10.65
CA SER A 61 3.98 -2.55 -9.78
C SER A 61 4.58 -3.70 -8.99
N ASP A 62 5.39 -4.57 -9.63
CA ASP A 62 6.07 -5.65 -8.91
C ASP A 62 7.03 -5.10 -7.85
N ALA A 63 7.79 -4.04 -8.16
CA ALA A 63 8.70 -3.38 -7.24
C ALA A 63 7.99 -2.74 -6.03
N ARG A 64 6.87 -2.03 -6.25
CA ARG A 64 6.06 -1.42 -5.17
C ARG A 64 5.41 -2.48 -4.27
N VAL A 65 4.90 -3.57 -4.86
CA VAL A 65 4.35 -4.72 -4.10
C VAL A 65 5.44 -5.40 -3.28
N LEU A 66 6.61 -5.66 -3.87
CA LEU A 66 7.76 -6.20 -3.13
C LEU A 66 8.15 -5.30 -1.95
N ILE A 67 8.30 -3.98 -2.17
CA ILE A 67 8.61 -3.02 -1.09
C ILE A 67 7.58 -3.14 0.04
N PHE A 68 6.29 -3.13 -0.27
CA PHE A 68 5.24 -3.23 0.74
C PHE A 68 5.23 -4.57 1.47
N ASN A 69 5.23 -5.70 0.75
CA ASN A 69 5.17 -7.04 1.36
C ASN A 69 6.43 -7.38 2.17
N GLU A 70 7.61 -7.07 1.64
CA GLU A 70 8.87 -7.23 2.37
C GLU A 70 8.86 -6.36 3.62
N TRP A 71 8.55 -5.06 3.52
CA TRP A 71 8.43 -4.19 4.68
C TRP A 71 7.43 -4.71 5.72
N GLU A 72 6.23 -5.16 5.32
CA GLU A 72 5.24 -5.72 6.22
C GLU A 72 5.78 -6.93 7.00
N GLU A 73 6.37 -7.94 6.35
CA GLU A 73 6.87 -9.13 7.06
C GLU A 73 8.11 -8.83 7.93
N ARG A 74 9.08 -8.09 7.37
CA ARG A 74 10.26 -7.63 8.11
C ARG A 74 9.81 -6.84 9.34
N LYS A 75 8.82 -5.95 9.19
CA LYS A 75 8.26 -5.14 10.29
C LYS A 75 7.46 -5.95 11.31
N LYS A 76 6.75 -7.02 10.91
CA LYS A 76 6.19 -7.99 11.88
C LYS A 76 7.30 -8.63 12.74
N SER A 77 8.51 -8.82 12.19
CA SER A 77 9.71 -9.13 13.01
C SER A 77 10.39 -7.91 13.68
N GLU A 78 10.24 -6.69 13.15
CA GLU A 78 11.04 -5.49 13.45
C GLU A 78 10.19 -4.20 13.39
N PRO A 79 9.39 -3.86 14.42
CA PRO A 79 8.37 -2.80 14.35
C PRO A 79 8.87 -1.37 14.04
N TRP A 80 10.18 -1.15 13.99
CA TRP A 80 10.85 0.11 13.63
C TRP A 80 11.11 0.31 12.12
N LEU A 81 10.77 -0.66 11.26
CA LEU A 81 11.08 -0.64 9.82
C LEU A 81 10.54 0.61 9.07
N ARG A 82 11.38 1.25 8.24
CA ARG A 82 11.02 2.40 7.39
C ARG A 82 10.48 2.00 6.01
N LEU A 83 9.63 2.85 5.40
CA LEU A 83 8.91 2.59 4.15
C LEU A 83 9.01 3.81 3.20
N ASP A 84 9.40 3.58 1.95
CA ASP A 84 9.45 4.62 0.90
C ASP A 84 9.10 4.01 -0.48
N MET A 85 8.25 4.69 -1.26
CA MET A 85 7.75 4.22 -2.57
C MET A 85 7.89 5.26 -3.70
N SER A 86 8.65 6.34 -3.49
CA SER A 86 8.94 7.34 -4.54
C SER A 86 9.82 6.72 -5.64
N ASP A 87 9.75 7.25 -6.87
CA ASP A 87 10.37 6.62 -8.05
C ASP A 87 11.88 6.36 -7.89
N LYS A 88 12.59 7.26 -7.20
CA LYS A 88 14.02 7.11 -6.88
C LYS A 88 14.33 5.88 -6.02
N ALA A 89 13.43 5.49 -5.10
CA ALA A 89 13.58 4.24 -4.34
C ALA A 89 13.55 3.01 -5.25
N ILE A 90 12.69 3.01 -6.26
CA ILE A 90 12.54 1.91 -7.23
C ILE A 90 13.76 1.87 -8.16
N PHE A 91 14.18 3.02 -8.69
CA PHE A 91 15.40 3.13 -9.51
C PHE A 91 16.65 2.61 -8.78
N ARG A 92 16.84 3.02 -7.51
CA ARG A 92 18.05 2.74 -6.73
C ARG A 92 18.09 1.30 -6.19
N ARG A 93 16.94 0.74 -5.80
CA ARG A 93 16.82 -0.67 -5.37
C ARG A 93 16.84 -1.64 -6.55
N TYR A 94 16.28 -1.25 -7.69
CA TYR A 94 16.11 -2.08 -8.90
C TYR A 94 16.61 -1.32 -10.16
N PRO A 95 17.91 -1.42 -10.51
CA PRO A 95 18.53 -0.55 -11.53
C PRO A 95 18.01 -0.77 -12.96
N HIS A 96 17.39 -1.92 -13.25
CA HIS A 96 16.74 -2.20 -14.54
C HIS A 96 15.41 -1.44 -14.72
N LEU A 97 14.78 -1.03 -13.61
CA LEU A 97 13.49 -0.35 -13.55
C LEU A 97 13.60 1.19 -13.69
N ARG A 98 14.81 1.72 -13.95
CA ARG A 98 15.07 3.14 -14.27
C ARG A 98 14.94 3.40 -15.77
N MET A 1 -66.59 41.16 -26.13
CA MET A 1 -66.40 39.68 -26.24
C MET A 1 -66.85 38.99 -24.94
N ARG A 2 -67.44 37.79 -25.03
CA ARG A 2 -67.92 36.97 -23.90
C ARG A 2 -67.48 35.50 -24.03
N GLY A 3 -67.07 34.90 -22.91
CA GLY A 3 -66.62 33.50 -22.79
C GLY A 3 -65.16 33.28 -23.23
N SER A 4 -64.41 32.49 -22.45
CA SER A 4 -63.01 32.13 -22.71
C SER A 4 -62.66 30.74 -22.12
N HIS A 5 -63.63 29.83 -22.11
CA HIS A 5 -63.57 28.55 -21.37
C HIS A 5 -63.00 27.40 -22.22
N HIS A 6 -62.10 26.61 -21.62
CA HIS A 6 -61.54 25.37 -22.20
C HIS A 6 -61.09 24.38 -21.11
N HIS A 7 -61.29 23.08 -21.37
CA HIS A 7 -60.89 21.98 -20.48
C HIS A 7 -60.49 20.74 -21.31
N HIS A 8 -59.43 20.05 -20.89
CA HIS A 8 -58.94 18.81 -21.54
C HIS A 8 -58.13 17.93 -20.57
N HIS A 9 -58.61 16.70 -20.34
CA HIS A 9 -57.97 15.68 -19.48
C HIS A 9 -58.22 14.29 -20.08
N HIS A 10 -57.17 13.58 -20.51
CA HIS A 10 -57.27 12.26 -21.16
C HIS A 10 -55.99 11.42 -21.03
N GLY A 11 -56.13 10.10 -21.04
CA GLY A 11 -55.03 9.11 -21.08
C GLY A 11 -54.37 8.80 -19.73
N SER A 12 -53.89 7.57 -19.59
CA SER A 12 -53.14 7.04 -18.43
C SER A 12 -52.29 5.82 -18.81
N VAL A 13 -51.26 5.52 -18.03
CA VAL A 13 -50.40 4.33 -18.19
C VAL A 13 -49.80 3.87 -16.84
N SER A 14 -49.73 2.56 -16.63
CA SER A 14 -49.08 1.91 -15.46
C SER A 14 -48.64 0.47 -15.78
N PHE A 15 -47.61 -0.02 -15.08
CA PHE A 15 -47.09 -1.39 -15.19
C PHE A 15 -46.41 -1.87 -13.90
N GLY A 16 -46.34 -3.18 -13.70
CA GLY A 16 -45.76 -3.84 -12.52
C GLY A 16 -46.69 -3.84 -11.28
N ALA A 17 -46.57 -4.88 -10.45
CA ALA A 17 -47.34 -5.06 -9.21
C ALA A 17 -46.55 -5.87 -8.15
N PRO A 18 -45.41 -5.36 -7.64
CA PRO A 18 -44.59 -6.06 -6.64
C PRO A 18 -45.29 -6.16 -5.28
N SER A 19 -45.31 -7.37 -4.71
CA SER A 19 -45.95 -7.70 -3.42
C SER A 19 -45.08 -8.69 -2.60
N PRO A 20 -43.91 -8.25 -2.09
CA PRO A 20 -43.03 -9.10 -1.28
C PRO A 20 -43.64 -9.47 0.09
N LEU A 21 -43.20 -10.60 0.65
CA LEU A 21 -43.73 -11.15 1.91
C LEU A 21 -43.19 -10.41 3.17
N SER A 22 -42.05 -9.72 3.05
CA SER A 22 -41.45 -8.89 4.09
C SER A 22 -40.61 -7.75 3.49
N SER A 23 -40.35 -6.69 4.27
CA SER A 23 -39.55 -5.53 3.87
C SER A 23 -38.81 -4.88 5.06
N GLU A 24 -39.50 -4.73 6.20
CA GLU A 24 -38.96 -4.07 7.40
C GLU A 24 -37.87 -4.91 8.09
N SER A 25 -36.66 -4.37 8.20
CA SER A 25 -35.50 -5.02 8.84
C SER A 25 -34.53 -4.00 9.49
N GLU A 26 -35.08 -2.93 10.06
CA GLU A 26 -34.34 -1.74 10.53
C GLU A 26 -34.78 -1.20 11.91
N ASP A 27 -35.71 -1.87 12.61
CA ASP A 27 -36.30 -1.36 13.86
C ASP A 27 -35.35 -1.41 15.06
N GLU A 28 -34.37 -2.32 15.01
CA GLU A 28 -33.33 -2.54 16.04
C GLU A 28 -31.93 -2.81 15.45
N ILE A 29 -31.72 -2.53 14.15
CA ILE A 29 -30.52 -2.90 13.38
C ILE A 29 -29.97 -1.68 12.63
N ASN A 30 -28.68 -1.38 12.84
CA ASN A 30 -27.90 -0.38 12.10
C ASN A 30 -26.39 -0.72 12.11
N TYR A 31 -25.64 -0.16 11.15
CA TYR A 31 -24.18 -0.20 11.14
C TYR A 31 -23.57 0.89 12.05
N MET A 32 -22.30 0.70 12.44
CA MET A 32 -21.48 1.70 13.16
C MET A 32 -20.13 1.97 12.48
N THR A 33 -19.52 0.93 11.89
CA THR A 33 -18.24 0.99 11.14
C THR A 33 -18.35 0.26 9.78
N PRO A 34 -19.26 0.69 8.87
CA PRO A 34 -19.45 0.04 7.56
C PRO A 34 -18.22 0.17 6.64
N PRO A 35 -18.03 -0.73 5.67
CA PRO A 35 -16.87 -0.74 4.77
C PRO A 35 -16.95 0.39 3.72
N GLU A 36 -16.03 1.36 3.83
CA GLU A 36 -15.93 2.51 2.90
C GLU A 36 -14.48 2.96 2.59
N GLN A 37 -13.47 2.18 3.02
CA GLN A 37 -12.05 2.58 3.01
C GLN A 37 -11.13 1.43 2.55
N GLU A 38 -11.48 0.80 1.42
CA GLU A 38 -10.71 -0.29 0.78
C GLU A 38 -10.39 0.04 -0.69
N ALA A 39 -9.10 -0.02 -1.05
CA ALA A 39 -8.60 0.39 -2.37
C ALA A 39 -7.41 -0.48 -2.89
N GLN A 40 -7.26 -1.71 -2.36
CA GLN A 40 -6.15 -2.63 -2.68
C GLN A 40 -6.64 -4.09 -2.52
N PRO A 41 -7.37 -4.63 -3.52
CA PRO A 41 -8.06 -5.91 -3.41
C PRO A 41 -7.10 -7.09 -3.69
N GLY A 42 -6.16 -7.30 -2.77
CA GLY A 42 -4.97 -8.14 -2.94
C GLY A 42 -3.83 -7.43 -3.68
N ALA A 43 -2.65 -8.08 -3.72
CA ALA A 43 -1.46 -7.60 -4.43
C ALA A 43 -0.56 -8.77 -4.87
N LEU A 44 -0.04 -8.71 -6.11
CA LEU A 44 0.87 -9.70 -6.72
C LEU A 44 2.14 -9.02 -7.26
N ALA A 45 3.26 -9.75 -7.29
CA ALA A 45 4.51 -9.32 -7.92
C ALA A 45 5.11 -10.44 -8.80
N ALA A 46 5.39 -10.12 -10.08
CA ALA A 46 6.15 -10.97 -10.99
C ALA A 46 7.67 -10.72 -10.85
N LEU A 47 8.47 -11.78 -10.96
CA LEU A 47 9.91 -11.77 -10.67
C LEU A 47 10.75 -12.33 -11.83
N HIS A 48 12.03 -11.95 -11.87
CA HIS A 48 13.04 -12.58 -12.73
C HIS A 48 13.53 -13.89 -12.10
N ALA A 49 13.72 -14.94 -12.91
CA ALA A 49 14.07 -16.28 -12.42
C ALA A 49 15.59 -16.58 -12.39
N GLU A 50 16.39 -15.88 -13.22
CA GLU A 50 17.81 -16.15 -13.45
C GLU A 50 18.66 -14.87 -13.58
N GLY A 51 19.99 -15.02 -13.52
CA GLY A 51 20.95 -13.91 -13.66
C GLY A 51 21.03 -12.99 -12.43
N PRO A 52 21.62 -11.78 -12.57
CA PRO A 52 21.83 -10.86 -11.45
C PRO A 52 20.53 -10.28 -10.87
N LEU A 53 19.41 -10.37 -11.60
CA LEU A 53 18.08 -9.96 -11.15
C LEU A 53 17.25 -11.11 -10.53
N ALA A 54 17.79 -12.32 -10.34
CA ALA A 54 17.01 -13.45 -9.82
C ALA A 54 16.34 -13.13 -8.47
N GLY A 55 15.02 -13.29 -8.42
CA GLY A 55 14.15 -12.95 -7.29
C GLY A 55 13.75 -11.47 -7.18
N LEU A 56 14.16 -10.62 -8.15
CA LEU A 56 13.89 -9.17 -8.20
C LEU A 56 12.73 -8.86 -9.20
N PRO A 57 12.09 -7.67 -9.15
CA PRO A 57 10.80 -7.40 -9.79
C PRO A 57 10.91 -7.15 -11.30
N VAL A 58 9.83 -7.39 -12.04
CA VAL A 58 9.79 -7.10 -13.50
C VAL A 58 9.25 -5.69 -13.79
N THR A 59 8.27 -5.17 -13.04
CA THR A 59 7.63 -3.85 -13.26
C THR A 59 7.66 -2.91 -12.05
N ARG A 60 7.22 -1.66 -12.26
CA ARG A 60 7.06 -0.62 -11.21
C ARG A 60 6.09 -1.08 -10.13
N SER A 61 4.99 -1.70 -10.55
CA SER A 61 4.03 -2.37 -9.66
C SER A 61 4.69 -3.51 -8.90
N ASP A 62 5.44 -4.39 -9.58
CA ASP A 62 6.14 -5.50 -8.90
C ASP A 62 7.14 -4.99 -7.85
N ALA A 63 7.90 -3.93 -8.16
CA ALA A 63 8.86 -3.32 -7.22
C ALA A 63 8.16 -2.68 -6.01
N ARG A 64 7.06 -1.94 -6.20
CA ARG A 64 6.27 -1.38 -5.08
C ARG A 64 5.59 -2.45 -4.21
N VAL A 65 5.08 -3.53 -4.80
CA VAL A 65 4.51 -4.66 -4.06
C VAL A 65 5.58 -5.41 -3.28
N LEU A 66 6.75 -5.65 -3.87
CA LEU A 66 7.90 -6.21 -3.13
C LEU A 66 8.29 -5.35 -1.93
N ILE A 67 8.44 -4.03 -2.11
CA ILE A 67 8.70 -3.09 -1.00
C ILE A 67 7.65 -3.25 0.10
N PHE A 68 6.36 -3.20 -0.25
CA PHE A 68 5.27 -3.28 0.73
C PHE A 68 5.21 -4.62 1.45
N ASN A 69 5.26 -5.75 0.74
CA ASN A 69 5.14 -7.09 1.31
C ASN A 69 6.36 -7.47 2.16
N GLU A 70 7.58 -7.21 1.67
CA GLU A 70 8.78 -7.46 2.46
C GLU A 70 8.83 -6.54 3.68
N TRP A 71 8.56 -5.22 3.54
CA TRP A 71 8.46 -4.37 4.71
C TRP A 71 7.40 -4.85 5.70
N GLU A 72 6.19 -5.23 5.26
CA GLU A 72 5.16 -5.76 6.15
C GLU A 72 5.64 -6.98 6.96
N GLU A 73 6.29 -7.96 6.34
CA GLU A 73 6.83 -9.13 7.07
C GLU A 73 8.01 -8.76 8.01
N ARG A 74 9.02 -8.08 7.47
CA ARG A 74 10.20 -7.65 8.23
C ARG A 74 9.78 -6.78 9.42
N LYS A 75 8.87 -5.83 9.19
CA LYS A 75 8.31 -4.92 10.21
C LYS A 75 7.37 -5.61 11.20
N LYS A 76 6.66 -6.69 10.82
CA LYS A 76 5.99 -7.58 11.78
C LYS A 76 7.01 -8.21 12.75
N SER A 77 8.21 -8.54 12.27
CA SER A 77 9.35 -8.89 13.15
C SER A 77 10.09 -7.69 13.80
N GLU A 78 10.02 -6.49 13.21
CA GLU A 78 10.84 -5.31 13.52
C GLU A 78 10.00 -4.00 13.48
N PRO A 79 9.16 -3.70 14.48
CA PRO A 79 8.13 -2.65 14.42
C PRO A 79 8.64 -1.20 14.21
N TRP A 80 9.96 -0.98 14.22
CA TRP A 80 10.64 0.29 13.93
C TRP A 80 10.96 0.53 12.43
N LEU A 81 10.77 -0.45 11.55
CA LEU A 81 11.26 -0.40 10.16
C LEU A 81 10.60 0.70 9.30
N ARG A 82 11.41 1.41 8.51
CA ARG A 82 10.97 2.50 7.60
C ARG A 82 10.46 1.98 6.25
N LEU A 83 9.62 2.78 5.59
CA LEU A 83 8.90 2.46 4.35
C LEU A 83 8.92 3.69 3.42
N ASP A 84 9.34 3.53 2.15
CA ASP A 84 9.29 4.57 1.13
C ASP A 84 9.03 3.96 -0.26
N MET A 85 8.16 4.59 -1.06
CA MET A 85 7.71 4.10 -2.38
C MET A 85 7.90 5.12 -3.52
N SER A 86 8.66 6.20 -3.30
CA SER A 86 9.04 7.15 -4.35
C SER A 86 9.86 6.45 -5.43
N ASP A 87 9.70 6.82 -6.71
CA ASP A 87 10.32 6.09 -7.83
C ASP A 87 11.85 6.06 -7.77
N LYS A 88 12.48 7.05 -7.10
CA LYS A 88 13.91 7.04 -6.78
C LYS A 88 14.33 5.80 -5.99
N ALA A 89 13.51 5.31 -5.05
CA ALA A 89 13.74 4.07 -4.32
C ALA A 89 13.70 2.84 -5.25
N ILE A 90 12.80 2.85 -6.23
CA ILE A 90 12.63 1.75 -7.19
C ILE A 90 13.82 1.71 -8.14
N PHE A 91 14.25 2.85 -8.68
CA PHE A 91 15.46 2.96 -9.50
C PHE A 91 16.72 2.50 -8.76
N ARG A 92 16.89 2.96 -7.51
CA ARG A 92 18.09 2.74 -6.70
C ARG A 92 18.20 1.31 -6.15
N ARG A 93 17.06 0.64 -5.90
CA ARG A 93 17.01 -0.81 -5.59
C ARG A 93 17.15 -1.68 -6.84
N TYR A 94 16.51 -1.26 -7.94
CA TYR A 94 16.32 -2.05 -9.16
C TYR A 94 16.74 -1.24 -10.41
N PRO A 95 18.04 -1.21 -10.76
CA PRO A 95 18.57 -0.32 -11.80
C PRO A 95 18.08 -0.66 -13.23
N HIS A 96 17.52 -1.85 -13.44
CA HIS A 96 16.89 -2.24 -14.71
C HIS A 96 15.51 -1.57 -14.94
N LEU A 97 14.85 -1.13 -13.87
CA LEU A 97 13.48 -0.64 -13.88
C LEU A 97 13.37 0.84 -14.35
N ARG A 98 14.44 1.63 -14.20
CA ARG A 98 14.51 3.04 -14.64
C ARG A 98 14.45 3.17 -16.16
N MET A 1 -49.24 -67.11 1.35
CA MET A 1 -48.73 -65.93 2.12
C MET A 1 -49.06 -66.07 3.62
N ARG A 2 -48.12 -66.62 4.42
CA ARG A 2 -48.23 -66.79 5.89
C ARG A 2 -46.90 -66.47 6.59
N GLY A 3 -46.96 -66.29 7.91
CA GLY A 3 -45.80 -66.01 8.78
C GLY A 3 -45.37 -64.54 8.82
N SER A 4 -44.37 -64.26 9.66
CA SER A 4 -43.83 -62.91 9.94
C SER A 4 -42.32 -62.93 10.27
N HIS A 5 -41.69 -61.76 10.31
CA HIS A 5 -40.26 -61.58 10.63
C HIS A 5 -40.01 -60.32 11.50
N HIS A 6 -38.82 -60.25 12.10
CA HIS A 6 -38.33 -59.09 12.86
C HIS A 6 -36.80 -58.92 12.74
N HIS A 7 -36.33 -57.68 12.70
CA HIS A 7 -34.91 -57.30 12.75
C HIS A 7 -34.70 -55.93 13.39
N HIS A 8 -33.49 -55.66 13.88
CA HIS A 8 -33.09 -54.37 14.48
C HIS A 8 -31.58 -54.11 14.30
N HIS A 9 -31.21 -52.83 14.09
CA HIS A 9 -29.83 -52.32 14.16
C HIS A 9 -29.81 -50.83 14.52
N HIS A 10 -28.73 -50.36 15.18
CA HIS A 10 -28.54 -48.97 15.61
C HIS A 10 -27.04 -48.61 15.78
N GLY A 11 -26.76 -47.33 16.04
CA GLY A 11 -25.44 -46.83 16.47
C GLY A 11 -24.52 -46.40 15.33
N SER A 12 -24.68 -45.16 14.86
CA SER A 12 -23.76 -44.45 13.95
C SER A 12 -23.74 -42.94 14.23
N VAL A 13 -22.54 -42.33 14.16
CA VAL A 13 -22.31 -40.89 14.43
C VAL A 13 -21.00 -40.40 13.78
N SER A 14 -20.89 -39.10 13.49
CA SER A 14 -19.67 -38.45 13.00
C SER A 14 -19.48 -37.03 13.58
N PHE A 15 -18.23 -36.62 13.74
CA PHE A 15 -17.81 -35.33 14.32
C PHE A 15 -16.54 -34.77 13.62
N GLY A 16 -16.20 -33.50 13.91
CA GLY A 16 -14.98 -32.84 13.44
C GLY A 16 -15.13 -32.15 12.08
N ALA A 17 -15.66 -30.92 12.11
CA ALA A 17 -15.81 -30.03 10.96
C ALA A 17 -15.47 -28.56 11.32
N PRO A 18 -14.21 -28.27 11.71
CA PRO A 18 -13.80 -26.93 12.17
C PRO A 18 -13.80 -25.88 11.04
N SER A 19 -14.05 -24.62 11.41
CA SER A 19 -14.10 -23.47 10.49
C SER A 19 -13.59 -22.14 11.11
N PRO A 20 -12.39 -22.12 11.74
CA PRO A 20 -11.82 -20.91 12.35
C PRO A 20 -11.57 -19.78 11.34
N LEU A 21 -11.85 -18.54 11.74
CA LEU A 21 -11.78 -17.34 10.88
C LEU A 21 -11.20 -16.07 11.54
N SER A 22 -10.69 -16.17 12.78
CA SER A 22 -10.15 -15.02 13.52
C SER A 22 -8.75 -14.63 13.01
N SER A 23 -8.55 -13.33 12.72
CA SER A 23 -7.28 -12.75 12.27
C SER A 23 -7.23 -11.24 12.55
N GLU A 24 -6.02 -10.70 12.77
CA GLU A 24 -5.76 -9.26 12.94
C GLU A 24 -4.35 -8.85 12.45
N SER A 25 -4.21 -7.60 12.02
CA SER A 25 -2.94 -7.01 11.58
C SER A 25 -2.96 -5.48 11.80
N GLU A 26 -2.35 -5.03 12.90
CA GLU A 26 -2.47 -3.64 13.41
C GLU A 26 -1.21 -3.15 14.16
N ASP A 27 -0.03 -3.64 13.76
CA ASP A 27 1.27 -3.30 14.34
C ASP A 27 1.77 -1.90 13.89
N GLU A 28 1.00 -0.86 14.24
CA GLU A 28 1.16 0.54 13.77
C GLU A 28 1.18 0.64 12.23
N ILE A 29 0.27 -0.09 11.57
CA ILE A 29 0.16 -0.19 10.10
C ILE A 29 -0.81 0.89 9.61
N ASN A 30 -0.27 2.03 9.16
CA ASN A 30 -1.05 3.22 8.78
C ASN A 30 -0.42 4.02 7.61
N TYR A 31 0.16 3.34 6.62
CA TYR A 31 0.72 3.96 5.41
C TYR A 31 0.51 3.11 4.14
N MET A 32 0.12 3.78 3.05
CA MET A 32 0.14 3.30 1.67
C MET A 32 0.12 4.51 0.70
N THR A 33 0.72 4.39 -0.49
CA THR A 33 0.57 5.38 -1.57
C THR A 33 0.26 4.70 -2.93
N PRO A 34 -0.91 4.97 -3.55
CA PRO A 34 -1.26 4.44 -4.86
C PRO A 34 -0.95 5.42 -6.02
N PRO A 35 -0.74 4.93 -7.25
CA PRO A 35 -0.74 5.75 -8.46
C PRO A 35 -2.16 6.18 -8.85
N GLU A 36 -2.29 7.10 -9.82
CA GLU A 36 -3.61 7.54 -10.33
C GLU A 36 -4.37 6.47 -11.13
N GLN A 37 -3.64 5.47 -11.66
CA GLN A 37 -4.16 4.27 -12.31
C GLN A 37 -3.16 3.12 -12.14
N GLU A 38 -3.61 1.94 -11.68
CA GLU A 38 -2.74 0.77 -11.46
C GLU A 38 -2.62 -0.12 -12.72
N ALA A 39 -3.76 -0.41 -13.38
CA ALA A 39 -3.87 -1.24 -14.60
C ALA A 39 -3.27 -2.67 -14.53
N GLN A 40 -2.92 -3.16 -13.34
CA GLN A 40 -2.31 -4.47 -13.08
C GLN A 40 -2.68 -4.94 -11.66
N PRO A 41 -3.96 -5.30 -11.42
CA PRO A 41 -4.54 -5.47 -10.08
C PRO A 41 -4.23 -6.84 -9.44
N GLY A 42 -4.67 -7.01 -8.18
CA GLY A 42 -4.62 -8.28 -7.42
C GLY A 42 -3.45 -8.43 -6.44
N ALA A 43 -2.52 -7.47 -6.41
CA ALA A 43 -1.37 -7.41 -5.49
C ALA A 43 -0.40 -8.61 -5.50
N LEU A 44 -0.42 -9.42 -6.56
CA LEU A 44 0.62 -10.38 -6.92
C LEU A 44 1.80 -9.67 -7.62
N ALA A 45 2.96 -10.33 -7.66
CA ALA A 45 4.15 -9.87 -8.38
C ALA A 45 4.77 -10.96 -9.26
N ALA A 46 5.23 -10.58 -10.45
CA ALA A 46 6.14 -11.36 -11.28
C ALA A 46 7.60 -11.09 -10.91
N LEU A 47 8.48 -12.07 -11.19
CA LEU A 47 9.90 -12.05 -10.81
C LEU A 47 10.81 -12.43 -11.99
N HIS A 48 12.09 -12.02 -11.92
CA HIS A 48 13.17 -12.58 -12.74
C HIS A 48 13.68 -13.88 -12.08
N ALA A 49 13.93 -14.92 -12.87
CA ALA A 49 14.29 -16.25 -12.35
C ALA A 49 15.81 -16.53 -12.31
N GLU A 50 16.61 -15.81 -13.09
CA GLU A 50 18.05 -16.06 -13.31
C GLU A 50 18.86 -14.75 -13.39
N GLY A 51 20.19 -14.86 -13.28
CA GLY A 51 21.13 -13.73 -13.38
C GLY A 51 21.13 -12.82 -12.14
N PRO A 52 21.66 -11.58 -12.24
CA PRO A 52 21.80 -10.66 -11.11
C PRO A 52 20.46 -10.14 -10.56
N LEU A 53 19.37 -10.26 -11.33
CA LEU A 53 18.02 -9.90 -10.91
C LEU A 53 17.20 -11.09 -10.34
N ALA A 54 17.78 -12.28 -10.15
CA ALA A 54 17.03 -13.44 -9.66
C ALA A 54 16.32 -13.14 -8.31
N GLY A 55 14.99 -13.31 -8.31
CA GLY A 55 14.10 -12.99 -7.19
C GLY A 55 13.67 -11.52 -7.08
N LEU A 56 14.01 -10.67 -8.05
CA LEU A 56 13.70 -9.23 -8.10
C LEU A 56 12.54 -8.94 -9.11
N PRO A 57 11.84 -7.78 -9.02
CA PRO A 57 10.60 -7.49 -9.74
C PRO A 57 10.79 -7.28 -11.24
N VAL A 58 9.72 -7.33 -12.04
CA VAL A 58 9.75 -7.05 -13.49
C VAL A 58 9.06 -5.73 -13.86
N THR A 59 8.07 -5.27 -13.08
CA THR A 59 7.31 -4.02 -13.30
C THR A 59 7.31 -3.07 -12.11
N ARG A 60 6.77 -1.85 -12.28
CA ARG A 60 6.52 -0.90 -11.18
C ARG A 60 5.55 -1.49 -10.14
N SER A 61 4.51 -2.17 -10.59
CA SER A 61 3.57 -2.88 -9.70
C SER A 61 4.29 -3.99 -8.94
N ASP A 62 5.14 -4.79 -9.61
CA ASP A 62 5.93 -5.81 -8.93
C ASP A 62 6.85 -5.20 -7.86
N ALA A 63 7.56 -4.10 -8.19
CA ALA A 63 8.46 -3.42 -7.27
C ALA A 63 7.73 -2.82 -6.05
N ARG A 64 6.56 -2.19 -6.24
CA ARG A 64 5.72 -1.71 -5.13
C ARG A 64 5.25 -2.87 -4.23
N VAL A 65 4.78 -3.97 -4.82
CA VAL A 65 4.34 -5.17 -4.08
C VAL A 65 5.49 -5.76 -3.27
N LEU A 66 6.66 -5.98 -3.88
CA LEU A 66 7.83 -6.51 -3.18
C LEU A 66 8.28 -5.59 -2.03
N ILE A 67 8.45 -4.28 -2.26
CA ILE A 67 8.78 -3.32 -1.20
C ILE A 67 7.77 -3.42 -0.04
N PHE A 68 6.48 -3.33 -0.35
CA PHE A 68 5.43 -3.33 0.66
C PHE A 68 5.34 -4.66 1.42
N ASN A 69 5.34 -5.81 0.73
CA ASN A 69 5.21 -7.11 1.38
C ASN A 69 6.44 -7.48 2.23
N GLU A 70 7.65 -7.28 1.71
CA GLU A 70 8.88 -7.56 2.45
C GLU A 70 8.99 -6.63 3.67
N TRP A 71 8.73 -5.33 3.52
CA TRP A 71 8.64 -4.44 4.66
C TRP A 71 7.53 -4.86 5.63
N GLU A 72 6.32 -5.20 5.19
CA GLU A 72 5.23 -5.61 6.07
C GLU A 72 5.60 -6.82 6.94
N GLU A 73 6.17 -7.89 6.39
CA GLU A 73 6.59 -9.06 7.18
C GLU A 73 7.75 -8.72 8.15
N ARG A 74 8.83 -8.15 7.60
CA ARG A 74 10.01 -7.76 8.42
C ARG A 74 9.61 -6.79 9.51
N LYS A 75 8.85 -5.75 9.18
CA LYS A 75 8.38 -4.73 10.14
C LYS A 75 7.38 -5.29 11.16
N LYS A 76 6.56 -6.30 10.82
CA LYS A 76 5.77 -7.02 11.84
C LYS A 76 6.65 -7.83 12.81
N SER A 77 7.85 -8.27 12.42
CA SER A 77 8.88 -8.71 13.39
C SER A 77 9.87 -7.62 13.89
N GLU A 78 9.87 -6.42 13.31
CA GLU A 78 10.83 -5.32 13.53
C GLU A 78 10.13 -3.93 13.44
N PRO A 79 9.31 -3.53 14.43
CA PRO A 79 8.39 -2.38 14.32
C PRO A 79 9.02 -1.01 14.05
N TRP A 80 10.35 -0.89 14.09
CA TRP A 80 11.15 0.29 13.75
C TRP A 80 11.46 0.46 12.25
N LEU A 81 11.21 -0.54 11.40
CA LEU A 81 11.66 -0.57 10.00
C LEU A 81 11.04 0.53 9.13
N ARG A 82 11.87 1.17 8.28
CA ARG A 82 11.47 2.26 7.37
C ARG A 82 11.00 1.75 6.00
N LEU A 83 10.18 2.58 5.33
CA LEU A 83 9.47 2.28 4.09
C LEU A 83 9.56 3.49 3.14
N ASP A 84 9.91 3.28 1.87
CA ASP A 84 9.95 4.32 0.85
C ASP A 84 9.45 3.80 -0.51
N MET A 85 8.53 4.53 -1.14
CA MET A 85 7.90 4.22 -2.44
C MET A 85 8.11 5.34 -3.49
N SER A 86 8.95 6.34 -3.19
CA SER A 86 9.35 7.38 -4.15
C SER A 86 10.15 6.79 -5.32
N ASP A 87 10.13 7.43 -6.49
CA ASP A 87 10.84 7.00 -7.69
C ASP A 87 12.33 6.69 -7.44
N LYS A 88 12.99 7.50 -6.59
CA LYS A 88 14.40 7.32 -6.19
C LYS A 88 14.65 5.96 -5.51
N ALA A 89 13.72 5.48 -4.67
CA ALA A 89 13.81 4.16 -4.04
C ALA A 89 13.81 3.04 -5.09
N ILE A 90 12.94 3.16 -6.10
CA ILE A 90 12.79 2.16 -7.16
C ILE A 90 14.02 2.19 -8.07
N PHE A 91 14.48 3.37 -8.51
CA PHE A 91 15.70 3.51 -9.30
C PHE A 91 16.92 2.88 -8.62
N ARG A 92 17.11 3.18 -7.32
CA ARG A 92 18.32 2.80 -6.57
C ARG A 92 18.33 1.32 -6.15
N ARG A 93 17.14 0.75 -5.83
CA ARG A 93 16.97 -0.68 -5.50
C ARG A 93 16.90 -1.57 -6.75
N TYR A 94 16.25 -1.09 -7.80
CA TYR A 94 15.93 -1.81 -9.04
C TYR A 94 16.36 -0.99 -10.29
N PRO A 95 17.67 -0.96 -10.62
CA PRO A 95 18.21 -0.09 -11.68
C PRO A 95 17.70 -0.43 -13.10
N HIS A 96 17.15 -1.63 -13.30
CA HIS A 96 16.50 -2.04 -14.55
C HIS A 96 15.10 -1.40 -14.74
N LEU A 97 14.45 -1.00 -13.65
CA LEU A 97 13.12 -0.39 -13.61
C LEU A 97 13.13 1.15 -13.83
N ARG A 98 14.32 1.76 -13.93
CA ARG A 98 14.52 3.18 -14.26
C ARG A 98 14.26 3.46 -15.75
N MET A 1 -90.43 23.61 -51.72
CA MET A 1 -89.07 23.07 -51.43
C MET A 1 -89.03 22.44 -50.02
N ARG A 2 -88.70 21.14 -49.92
CA ARG A 2 -88.60 20.37 -48.66
C ARG A 2 -87.41 19.40 -48.67
N GLY A 3 -87.07 18.83 -47.51
CA GLY A 3 -86.11 17.72 -47.38
C GLY A 3 -84.63 18.12 -47.30
N SER A 4 -84.32 19.39 -47.02
CA SER A 4 -82.94 19.86 -46.80
C SER A 4 -82.35 19.33 -45.47
N HIS A 5 -81.02 19.16 -45.44
CA HIS A 5 -80.29 18.55 -44.31
C HIS A 5 -80.04 19.51 -43.14
N HIS A 6 -79.75 20.79 -43.44
CA HIS A 6 -79.35 21.85 -42.50
C HIS A 6 -78.10 21.54 -41.65
N HIS A 7 -77.61 22.53 -40.89
CA HIS A 7 -76.41 22.49 -40.05
C HIS A 7 -76.63 21.80 -38.68
N HIS A 8 -77.43 20.72 -38.66
CA HIS A 8 -77.62 19.85 -37.50
C HIS A 8 -76.38 18.97 -37.20
N HIS A 9 -76.29 18.49 -35.95
CA HIS A 9 -75.20 17.61 -35.46
C HIS A 9 -73.78 18.21 -35.54
N HIS A 10 -73.67 19.53 -35.59
CA HIS A 10 -72.40 20.29 -35.54
C HIS A 10 -72.14 20.86 -34.14
N GLY A 11 -70.87 21.05 -33.78
CA GLY A 11 -70.42 21.57 -32.47
C GLY A 11 -70.55 20.55 -31.31
N SER A 12 -70.14 20.98 -30.12
CA SER A 12 -70.16 20.19 -28.87
C SER A 12 -70.23 21.10 -27.63
N VAL A 13 -70.49 20.50 -26.45
CA VAL A 13 -70.52 21.19 -25.14
C VAL A 13 -69.90 20.31 -24.04
N SER A 14 -69.12 20.94 -23.15
CA SER A 14 -68.44 20.30 -22.02
C SER A 14 -68.18 21.31 -20.88
N PHE A 15 -67.91 20.79 -19.67
CA PHE A 15 -67.68 21.59 -18.46
C PHE A 15 -66.44 21.10 -17.69
N GLY A 16 -65.57 22.04 -17.29
CA GLY A 16 -64.25 21.76 -16.68
C GLY A 16 -63.21 21.22 -17.67
N ALA A 17 -61.93 21.24 -17.24
CA ALA A 17 -60.79 20.71 -18.02
C ALA A 17 -59.68 20.12 -17.12
N PRO A 18 -59.98 19.13 -16.25
CA PRO A 18 -59.00 18.51 -15.36
C PRO A 18 -57.94 17.69 -16.13
N SER A 19 -56.69 17.76 -15.68
CA SER A 19 -55.55 17.00 -16.26
C SER A 19 -54.48 16.73 -15.19
N PRO A 20 -54.67 15.70 -14.32
CA PRO A 20 -53.75 15.40 -13.22
C PRO A 20 -52.49 14.66 -13.72
N LEU A 21 -51.41 15.42 -13.96
CA LEU A 21 -50.14 14.92 -14.51
C LEU A 21 -48.93 15.04 -13.55
N SER A 22 -49.11 15.62 -12.37
CA SER A 22 -48.03 15.79 -11.37
C SER A 22 -47.80 14.51 -10.54
N SER A 23 -46.53 14.12 -10.37
CA SER A 23 -46.10 12.94 -9.61
C SER A 23 -44.64 13.06 -9.13
N GLU A 24 -44.25 12.22 -8.16
CA GLU A 24 -42.88 12.07 -7.66
C GLU A 24 -42.47 10.58 -7.59
N SER A 25 -41.20 10.29 -7.89
CA SER A 25 -40.66 8.92 -8.03
C SER A 25 -39.24 8.77 -7.47
N GLU A 26 -38.90 7.56 -7.01
CA GLU A 26 -37.55 7.14 -6.57
C GLU A 26 -36.92 7.98 -5.44
N ASP A 27 -37.74 8.63 -4.61
CA ASP A 27 -37.29 9.57 -3.57
C ASP A 27 -36.57 8.89 -2.37
N GLU A 28 -36.84 7.61 -2.18
CA GLU A 28 -36.29 6.76 -1.09
C GLU A 28 -35.65 5.44 -1.62
N ILE A 29 -35.53 5.28 -2.94
CA ILE A 29 -35.13 4.02 -3.60
C ILE A 29 -33.64 4.03 -3.95
N ASN A 30 -32.91 3.00 -3.50
CA ASN A 30 -31.52 2.69 -3.85
C ASN A 30 -30.56 3.90 -3.75
N TYR A 31 -30.68 4.71 -2.69
CA TYR A 31 -30.01 6.00 -2.52
C TYR A 31 -28.55 5.87 -2.01
N MET A 32 -27.73 5.14 -2.79
CA MET A 32 -26.31 4.83 -2.55
C MET A 32 -26.01 4.03 -1.25
N THR A 33 -24.76 3.58 -1.13
CA THR A 33 -24.22 2.78 0.00
C THR A 33 -22.82 3.28 0.42
N PRO A 34 -22.39 3.07 1.69
CA PRO A 34 -21.06 3.46 2.15
C PRO A 34 -19.94 2.61 1.50
N PRO A 35 -18.72 3.15 1.34
CA PRO A 35 -17.59 2.45 0.73
C PRO A 35 -17.07 1.30 1.59
N GLU A 36 -16.70 0.19 0.94
CA GLU A 36 -16.21 -1.03 1.58
C GLU A 36 -14.77 -0.87 2.11
N GLN A 37 -14.56 -1.28 3.36
CA GLN A 37 -13.28 -1.13 4.07
C GLN A 37 -12.20 -2.17 3.70
N GLU A 38 -12.60 -3.33 3.15
CA GLU A 38 -11.71 -4.52 2.97
C GLU A 38 -11.89 -5.27 1.64
N ALA A 39 -12.76 -4.81 0.75
CA ALA A 39 -13.08 -5.44 -0.53
C ALA A 39 -12.07 -5.06 -1.65
N GLN A 40 -10.80 -5.42 -1.45
CA GLN A 40 -9.69 -5.16 -2.38
C GLN A 40 -8.65 -6.29 -2.24
N PRO A 41 -8.88 -7.43 -2.93
CA PRO A 41 -7.98 -8.58 -2.91
C PRO A 41 -6.88 -8.43 -3.99
N GLY A 42 -6.11 -9.50 -4.24
CA GLY A 42 -5.06 -9.54 -5.26
C GLY A 42 -3.73 -8.91 -4.80
N ALA A 43 -3.17 -8.00 -5.60
CA ALA A 43 -1.87 -7.35 -5.39
C ALA A 43 -0.66 -8.32 -5.32
N LEU A 44 -0.58 -9.17 -6.33
CA LEU A 44 0.54 -10.08 -6.60
C LEU A 44 1.65 -9.38 -7.41
N ALA A 45 2.82 -10.02 -7.52
CA ALA A 45 3.97 -9.57 -8.30
C ALA A 45 4.64 -10.70 -9.11
N ALA A 46 5.20 -10.34 -10.27
CA ALA A 46 6.08 -11.18 -11.07
C ALA A 46 7.57 -10.95 -10.71
N LEU A 47 8.40 -11.97 -10.95
CA LEU A 47 9.84 -11.98 -10.62
C LEU A 47 10.70 -12.40 -11.81
N HIS A 48 11.98 -12.01 -11.80
CA HIS A 48 13.02 -12.60 -12.63
C HIS A 48 13.55 -13.88 -11.97
N ALA A 49 13.89 -14.90 -12.76
CA ALA A 49 14.20 -16.25 -12.26
C ALA A 49 15.70 -16.63 -12.33
N GLU A 50 16.53 -15.82 -12.99
CA GLU A 50 17.96 -16.12 -13.25
C GLU A 50 18.83 -14.85 -13.29
N GLY A 51 20.16 -15.02 -13.22
CA GLY A 51 21.14 -13.93 -13.25
C GLY A 51 21.11 -13.03 -12.00
N PRO A 52 21.62 -11.79 -12.08
CA PRO A 52 21.69 -10.87 -10.93
C PRO A 52 20.32 -10.39 -10.44
N LEU A 53 19.26 -10.56 -11.24
CA LEU A 53 17.87 -10.22 -10.89
C LEU A 53 17.06 -11.40 -10.33
N ALA A 54 17.64 -12.58 -10.08
CA ALA A 54 16.88 -13.71 -9.55
C ALA A 54 16.22 -13.39 -8.19
N GLY A 55 14.88 -13.35 -8.18
CA GLY A 55 14.03 -12.94 -7.04
C GLY A 55 13.66 -11.45 -6.98
N LEU A 56 14.08 -10.64 -7.97
CA LEU A 56 13.82 -9.20 -8.09
C LEU A 56 12.64 -8.92 -9.07
N PRO A 57 11.97 -7.75 -8.95
CA PRO A 57 10.73 -7.42 -9.68
C PRO A 57 10.93 -7.25 -11.20
N VAL A 58 9.87 -7.36 -11.99
CA VAL A 58 9.91 -7.13 -13.45
C VAL A 58 9.31 -5.77 -13.84
N THR A 59 8.33 -5.26 -13.10
CA THR A 59 7.65 -3.96 -13.35
C THR A 59 7.68 -2.99 -12.15
N ARG A 60 7.27 -1.73 -12.37
CA ARG A 60 7.11 -0.73 -11.30
C ARG A 60 6.09 -1.18 -10.26
N SER A 61 5.00 -1.79 -10.71
CA SER A 61 3.99 -2.42 -9.85
C SER A 61 4.61 -3.58 -9.04
N ASP A 62 5.42 -4.44 -9.67
CA ASP A 62 6.11 -5.51 -8.94
C ASP A 62 7.04 -4.94 -7.86
N ALA A 63 7.84 -3.91 -8.19
CA ALA A 63 8.77 -3.29 -7.24
C ALA A 63 8.04 -2.65 -6.05
N ARG A 64 6.91 -1.97 -6.26
CA ARG A 64 6.07 -1.41 -5.19
C ARG A 64 5.45 -2.49 -4.30
N VAL A 65 4.94 -3.57 -4.88
CA VAL A 65 4.39 -4.73 -4.14
C VAL A 65 5.47 -5.41 -3.30
N LEU A 66 6.64 -5.69 -3.89
CA LEU A 66 7.78 -6.27 -3.18
C LEU A 66 8.26 -5.39 -2.02
N ILE A 67 8.40 -4.08 -2.22
CA ILE A 67 8.72 -3.13 -1.15
C ILE A 67 7.70 -3.26 -0.01
N PHE A 68 6.40 -3.20 -0.32
CA PHE A 68 5.35 -3.25 0.70
C PHE A 68 5.29 -4.59 1.45
N ASN A 69 5.29 -5.72 0.74
CA ASN A 69 5.16 -7.04 1.35
C ASN A 69 6.41 -7.45 2.16
N GLU A 70 7.61 -7.17 1.63
CA GLU A 70 8.86 -7.42 2.35
C GLU A 70 8.96 -6.53 3.60
N TRP A 71 8.66 -5.22 3.48
CA TRP A 71 8.59 -4.35 4.65
C TRP A 71 7.54 -4.84 5.65
N GLU A 72 6.32 -5.19 5.26
CA GLU A 72 5.29 -5.67 6.17
C GLU A 72 5.72 -6.93 6.97
N GLU A 73 6.33 -7.94 6.32
CA GLU A 73 6.82 -9.13 7.00
C GLU A 73 8.01 -8.83 7.95
N ARG A 74 9.04 -8.16 7.41
CA ARG A 74 10.21 -7.75 8.20
C ARG A 74 9.78 -6.92 9.39
N LYS A 75 8.92 -5.92 9.17
CA LYS A 75 8.36 -5.04 10.21
C LYS A 75 7.48 -5.79 11.22
N LYS A 76 6.75 -6.83 10.83
CA LYS A 76 6.08 -7.73 11.79
C LYS A 76 7.09 -8.39 12.73
N SER A 77 8.31 -8.69 12.24
CA SER A 77 9.45 -9.04 13.12
C SER A 77 10.25 -7.84 13.71
N GLU A 78 10.13 -6.64 13.15
CA GLU A 78 11.00 -5.46 13.35
C GLU A 78 10.20 -4.13 13.37
N PRO A 79 9.42 -3.83 14.43
CA PRO A 79 8.42 -2.74 14.44
C PRO A 79 8.96 -1.31 14.21
N TRP A 80 10.28 -1.12 14.13
CA TRP A 80 10.97 0.14 13.83
C TRP A 80 11.20 0.42 12.33
N LEU A 81 10.95 -0.55 11.43
CA LEU A 81 11.41 -0.52 10.04
C LEU A 81 10.82 0.61 9.18
N ARG A 82 11.67 1.26 8.37
CA ARG A 82 11.30 2.35 7.45
C ARG A 82 10.75 1.85 6.09
N LEU A 83 9.94 2.69 5.44
CA LEU A 83 9.21 2.41 4.19
C LEU A 83 9.27 3.65 3.27
N ASP A 84 9.61 3.45 1.99
CA ASP A 84 9.60 4.51 0.97
C ASP A 84 9.15 3.97 -0.39
N MET A 85 8.22 4.68 -1.05
CA MET A 85 7.61 4.30 -2.34
C MET A 85 7.72 5.38 -3.43
N SER A 86 8.38 6.51 -3.15
CA SER A 86 8.73 7.50 -4.18
C SER A 86 9.69 6.89 -5.21
N ASP A 87 9.57 7.26 -6.49
CA ASP A 87 10.19 6.51 -7.59
C ASP A 87 11.73 6.44 -7.53
N LYS A 88 12.39 7.40 -6.86
CA LYS A 88 13.83 7.34 -6.56
C LYS A 88 14.24 6.07 -5.79
N ALA A 89 13.39 5.56 -4.90
CA ALA A 89 13.60 4.28 -4.21
C ALA A 89 13.64 3.10 -5.20
N ILE A 90 12.78 3.12 -6.21
CA ILE A 90 12.68 2.06 -7.23
C ILE A 90 13.88 2.17 -8.18
N PHE A 91 14.23 3.39 -8.64
CA PHE A 91 15.42 3.61 -9.47
C PHE A 91 16.70 3.10 -8.81
N ARG A 92 16.89 3.42 -7.52
CA ARG A 92 18.11 3.13 -6.76
C ARG A 92 18.21 1.66 -6.33
N ARG A 93 17.10 1.04 -5.91
CA ARG A 93 17.04 -0.39 -5.53
C ARG A 93 17.03 -1.34 -6.74
N TYR A 94 16.36 -0.92 -7.82
CA TYR A 94 16.12 -1.71 -9.04
C TYR A 94 16.59 -0.94 -10.30
N PRO A 95 17.91 -0.81 -10.53
CA PRO A 95 18.46 -0.02 -11.65
C PRO A 95 18.15 -0.61 -13.04
N HIS A 96 17.65 -1.84 -13.11
CA HIS A 96 17.13 -2.45 -14.35
C HIS A 96 15.77 -1.90 -14.79
N LEU A 97 14.99 -1.34 -13.84
CA LEU A 97 13.56 -1.07 -14.00
C LEU A 97 13.32 0.24 -14.76
N ARG A 98 14.05 1.31 -14.39
CA ARG A 98 14.10 2.62 -15.05
C ARG A 98 15.51 3.22 -15.00
N MET A 1 30.05 101.46 11.28
CA MET A 1 30.11 99.98 11.08
C MET A 1 29.05 99.51 10.07
N ARG A 2 29.29 98.37 9.38
CA ARG A 2 28.39 97.78 8.35
C ARG A 2 28.22 96.26 8.53
N GLY A 3 27.23 95.70 7.83
CA GLY A 3 26.99 94.26 7.69
C GLY A 3 25.82 93.73 8.53
N SER A 4 24.79 93.22 7.86
CA SER A 4 23.63 92.52 8.43
C SER A 4 22.94 91.61 7.40
N HIS A 5 22.20 90.60 7.84
CA HIS A 5 21.47 89.66 6.99
C HIS A 5 20.22 89.07 7.68
N HIS A 6 19.08 89.07 6.97
CA HIS A 6 17.81 88.48 7.41
C HIS A 6 17.05 87.88 6.20
N HIS A 7 17.18 86.58 5.96
CA HIS A 7 16.41 85.83 4.95
C HIS A 7 16.25 84.35 5.30
N HIS A 8 15.02 83.83 5.13
CA HIS A 8 14.63 82.43 5.36
C HIS A 8 13.54 81.98 4.39
N HIS A 9 13.48 80.68 4.07
CA HIS A 9 12.40 80.06 3.29
C HIS A 9 12.18 78.58 3.69
N HIS A 10 10.91 78.17 3.82
CA HIS A 10 10.48 76.84 4.27
C HIS A 10 9.00 76.56 3.90
N GLY A 11 8.51 75.34 4.20
CA GLY A 11 7.08 74.98 4.14
C GLY A 11 6.56 74.49 2.79
N SER A 12 7.44 74.05 1.88
CA SER A 12 7.08 73.56 0.54
C SER A 12 6.57 72.11 0.49
N VAL A 13 6.67 71.35 1.59
CA VAL A 13 6.43 69.90 1.66
C VAL A 13 4.95 69.49 1.86
N SER A 14 4.04 70.45 1.99
CA SER A 14 2.64 70.21 2.42
C SER A 14 1.72 69.54 1.38
N PHE A 15 2.14 69.47 0.11
CA PHE A 15 1.32 68.92 -0.99
C PHE A 15 1.31 67.37 -1.04
N GLY A 16 0.19 66.79 -1.52
CA GLY A 16 0.00 65.36 -1.73
C GLY A 16 -0.49 64.58 -0.50
N ALA A 17 -1.49 63.72 -0.69
CA ALA A 17 -2.11 62.89 0.35
C ALA A 17 -2.69 61.55 -0.22
N PRO A 18 -1.84 60.62 -0.71
CA PRO A 18 -2.27 59.34 -1.25
C PRO A 18 -2.82 58.39 -0.17
N SER A 19 -3.82 57.56 -0.55
CA SER A 19 -4.51 56.61 0.35
C SER A 19 -4.80 55.26 -0.34
N PRO A 20 -3.77 54.50 -0.75
CA PRO A 20 -3.95 53.19 -1.40
C PRO A 20 -4.51 52.13 -0.43
N LEU A 21 -5.54 51.40 -0.87
CA LEU A 21 -6.20 50.33 -0.12
C LEU A 21 -6.85 49.30 -1.07
N SER A 22 -6.36 48.06 -1.05
CA SER A 22 -6.95 46.92 -1.76
C SER A 22 -6.58 45.57 -1.11
N SER A 23 -7.48 44.58 -1.21
CA SER A 23 -7.24 43.19 -0.78
C SER A 23 -8.24 42.22 -1.45
N GLU A 24 -7.74 41.15 -2.07
CA GLU A 24 -8.54 40.06 -2.63
C GLU A 24 -7.69 38.77 -2.72
N SER A 25 -8.17 37.67 -2.11
CA SER A 25 -7.50 36.36 -2.14
C SER A 25 -8.46 35.20 -1.80
N GLU A 26 -8.18 34.00 -2.33
CA GLU A 26 -8.84 32.72 -2.00
C GLU A 26 -10.38 32.78 -1.99
N ASP A 27 -10.97 33.08 -3.16
CA ASP A 27 -12.43 33.03 -3.40
C ASP A 27 -12.94 31.57 -3.58
N GLU A 28 -12.45 30.66 -2.74
CA GLU A 28 -12.59 29.20 -2.84
C GLU A 28 -12.09 28.63 -4.19
N ILE A 29 -10.95 29.13 -4.67
CA ILE A 29 -10.28 28.73 -5.92
C ILE A 29 -9.33 27.55 -5.63
N ASN A 30 -9.85 26.52 -4.98
CA ASN A 30 -9.14 25.32 -4.54
C ASN A 30 -10.06 24.07 -4.59
N TYR A 31 -9.52 22.95 -5.08
CA TYR A 31 -10.23 21.67 -5.23
C TYR A 31 -9.25 20.49 -5.44
N MET A 32 -9.65 19.29 -5.02
CA MET A 32 -8.98 18.01 -5.32
C MET A 32 -9.96 16.83 -5.22
N THR A 33 -9.85 15.86 -6.13
CA THR A 33 -10.75 14.68 -6.23
C THR A 33 -9.97 13.37 -6.42
N PRO A 34 -9.15 12.94 -5.45
CA PRO A 34 -8.31 11.75 -5.56
C PRO A 34 -9.14 10.44 -5.52
N PRO A 35 -8.69 9.35 -6.20
CA PRO A 35 -9.35 8.05 -6.17
C PRO A 35 -9.11 7.30 -4.84
N GLU A 36 -10.08 6.48 -4.42
CA GLU A 36 -9.98 5.65 -3.21
C GLU A 36 -9.37 4.26 -3.46
N GLN A 37 -9.42 3.77 -4.71
CA GLN A 37 -8.82 2.53 -5.20
C GLN A 37 -9.16 1.30 -4.32
N GLU A 38 -10.44 1.12 -3.97
CA GLU A 38 -10.90 0.06 -3.04
C GLU A 38 -10.69 -1.37 -3.60
N ALA A 39 -10.74 -1.53 -4.93
CA ALA A 39 -10.53 -2.78 -5.65
C ALA A 39 -9.03 -3.10 -5.84
N GLN A 40 -8.35 -3.38 -4.72
CA GLN A 40 -6.92 -3.73 -4.67
C GLN A 40 -6.57 -4.92 -3.73
N PRO A 41 -7.40 -5.99 -3.66
CA PRO A 41 -7.26 -7.05 -2.67
C PRO A 41 -6.02 -7.94 -2.91
N GLY A 42 -5.40 -8.42 -1.83
CA GLY A 42 -4.17 -9.23 -1.87
C GLY A 42 -2.91 -8.47 -2.31
N ALA A 43 -1.80 -9.19 -2.48
CA ALA A 43 -0.52 -8.65 -2.95
C ALA A 43 0.21 -9.67 -3.84
N LEU A 44 0.15 -9.46 -5.17
CA LEU A 44 0.77 -10.32 -6.20
C LEU A 44 1.72 -9.49 -7.09
N ALA A 45 2.83 -10.11 -7.50
CA ALA A 45 3.86 -9.53 -8.38
C ALA A 45 4.58 -10.59 -9.23
N ALA A 46 5.14 -10.16 -10.36
CA ALA A 46 6.05 -10.96 -11.19
C ALA A 46 7.53 -10.71 -10.80
N LEU A 47 8.37 -11.73 -11.00
CA LEU A 47 9.81 -11.72 -10.71
C LEU A 47 10.63 -12.25 -11.91
N HIS A 48 11.90 -11.87 -11.97
CA HIS A 48 12.89 -12.49 -12.87
C HIS A 48 13.38 -13.82 -12.26
N ALA A 49 13.63 -14.82 -13.10
CA ALA A 49 13.94 -16.20 -12.66
C ALA A 49 15.41 -16.61 -12.83
N GLU A 50 16.23 -15.81 -13.51
CA GLU A 50 17.63 -16.11 -13.85
C GLU A 50 18.53 -14.86 -13.89
N GLY A 51 19.85 -15.06 -13.90
CA GLY A 51 20.85 -13.97 -13.93
C GLY A 51 20.92 -13.15 -12.63
N PRO A 52 21.49 -11.94 -12.68
CA PRO A 52 21.66 -11.09 -11.48
C PRO A 52 20.34 -10.56 -10.89
N LEU A 53 19.25 -10.62 -11.66
CA LEU A 53 17.89 -10.24 -11.21
C LEU A 53 17.07 -11.41 -10.65
N ALA A 54 17.59 -12.62 -10.51
CA ALA A 54 16.81 -13.76 -10.02
C ALA A 54 16.22 -13.49 -8.62
N GLY A 55 14.88 -13.41 -8.54
CA GLY A 55 14.12 -13.04 -7.34
C GLY A 55 13.78 -11.54 -7.20
N LEU A 56 14.12 -10.70 -8.20
CA LEU A 56 13.88 -9.26 -8.25
C LEU A 56 12.73 -8.90 -9.24
N PRO A 57 12.03 -7.75 -9.05
CA PRO A 57 10.77 -7.41 -9.73
C PRO A 57 10.93 -7.10 -11.22
N VAL A 58 9.83 -7.13 -11.98
CA VAL A 58 9.85 -6.85 -13.43
C VAL A 58 9.29 -5.47 -13.80
N THR A 59 8.29 -4.95 -13.06
CA THR A 59 7.65 -3.62 -13.28
C THR A 59 7.69 -2.70 -12.07
N ARG A 60 7.28 -1.42 -12.23
CA ARG A 60 7.17 -0.47 -11.12
C ARG A 60 6.15 -0.96 -10.08
N SER A 61 5.03 -1.52 -10.55
CA SER A 61 4.02 -2.17 -9.72
C SER A 61 4.60 -3.38 -8.97
N ASP A 62 5.40 -4.23 -9.65
CA ASP A 62 6.07 -5.34 -8.96
C ASP A 62 7.03 -4.83 -7.88
N ALA A 63 7.87 -3.83 -8.19
CA ALA A 63 8.82 -3.27 -7.23
C ALA A 63 8.11 -2.65 -6.01
N ARG A 64 6.98 -1.96 -6.20
CA ARG A 64 6.16 -1.43 -5.09
C ARG A 64 5.55 -2.55 -4.24
N VAL A 65 5.04 -3.62 -4.84
CA VAL A 65 4.52 -4.80 -4.13
C VAL A 65 5.62 -5.49 -3.32
N LEU A 66 6.77 -5.76 -3.94
CA LEU A 66 7.91 -6.38 -3.26
C LEU A 66 8.41 -5.52 -2.08
N ILE A 67 8.56 -4.21 -2.26
CA ILE A 67 8.84 -3.27 -1.15
C ILE A 67 7.80 -3.43 -0.04
N PHE A 68 6.50 -3.38 -0.38
CA PHE A 68 5.43 -3.44 0.62
C PHE A 68 5.38 -4.78 1.37
N ASN A 69 5.47 -5.92 0.67
CA ASN A 69 5.37 -7.25 1.26
C ASN A 69 6.59 -7.61 2.11
N GLU A 70 7.80 -7.34 1.62
CA GLU A 70 9.03 -7.57 2.40
C GLU A 70 9.09 -6.64 3.62
N TRP A 71 8.76 -5.35 3.47
CA TRP A 71 8.63 -4.47 4.63
C TRP A 71 7.54 -4.97 5.59
N GLU A 72 6.36 -5.38 5.13
CA GLU A 72 5.29 -5.89 6.00
C GLU A 72 5.75 -7.07 6.87
N GLU A 73 6.42 -8.08 6.30
CA GLU A 73 6.94 -9.21 7.12
C GLU A 73 8.03 -8.75 8.09
N ARG A 74 9.06 -8.05 7.58
CA ARG A 74 10.20 -7.57 8.38
C ARG A 74 9.72 -6.66 9.51
N LYS A 75 8.83 -5.73 9.21
CA LYS A 75 8.23 -4.77 10.15
C LYS A 75 7.26 -5.42 11.14
N LYS A 76 6.56 -6.51 10.78
CA LYS A 76 5.85 -7.35 11.78
C LYS A 76 6.80 -8.05 12.75
N SER A 77 8.05 -8.33 12.33
CA SER A 77 9.14 -8.67 13.28
C SER A 77 9.86 -7.47 13.92
N GLU A 78 9.82 -6.27 13.30
CA GLU A 78 10.64 -5.08 13.59
C GLU A 78 9.79 -3.78 13.49
N PRO A 79 8.94 -3.47 14.47
CA PRO A 79 7.89 -2.44 14.33
C PRO A 79 8.37 -1.01 13.97
N TRP A 80 9.66 -0.73 14.15
CA TRP A 80 10.32 0.55 13.83
C TRP A 80 10.68 0.74 12.33
N LEU A 81 10.57 -0.28 11.47
CA LEU A 81 11.12 -0.28 10.12
C LEU A 81 10.52 0.79 9.18
N ARG A 82 11.38 1.49 8.43
CA ARG A 82 11.02 2.53 7.45
C ARG A 82 10.50 1.95 6.12
N LEU A 83 9.57 2.68 5.50
CA LEU A 83 8.92 2.35 4.22
C LEU A 83 9.01 3.56 3.27
N ASP A 84 9.37 3.36 2.01
CA ASP A 84 9.43 4.41 0.98
C ASP A 84 9.15 3.84 -0.42
N MET A 85 8.29 4.50 -1.20
CA MET A 85 7.76 4.03 -2.49
C MET A 85 7.89 5.05 -3.64
N SER A 86 8.48 6.22 -3.41
CA SER A 86 8.77 7.21 -4.46
C SER A 86 9.80 6.65 -5.47
N ASP A 87 9.71 7.03 -6.75
CA ASP A 87 10.43 6.35 -7.84
C ASP A 87 11.95 6.31 -7.69
N LYS A 88 12.56 7.29 -6.99
CA LYS A 88 13.99 7.28 -6.64
C LYS A 88 14.40 6.04 -5.84
N ALA A 89 13.55 5.55 -4.94
CA ALA A 89 13.76 4.30 -4.20
C ALA A 89 13.79 3.07 -5.14
N ILE A 90 12.93 3.08 -6.17
CA ILE A 90 12.83 2.00 -7.15
C ILE A 90 14.04 2.03 -8.08
N PHE A 91 14.43 3.19 -8.59
CA PHE A 91 15.65 3.34 -9.40
C PHE A 91 16.91 2.86 -8.65
N ARG A 92 17.05 3.25 -7.38
CA ARG A 92 18.24 3.00 -6.57
C ARG A 92 18.33 1.53 -6.11
N ARG A 93 17.19 0.91 -5.74
CA ARG A 93 17.14 -0.51 -5.36
C ARG A 93 17.15 -1.47 -6.56
N TYR A 94 16.51 -1.05 -7.67
CA TYR A 94 16.29 -1.84 -8.89
C TYR A 94 16.77 -1.05 -10.13
N PRO A 95 18.09 -1.00 -10.40
CA PRO A 95 18.67 -0.18 -11.47
C PRO A 95 18.25 -0.61 -12.89
N HIS A 96 17.72 -1.83 -13.06
CA HIS A 96 17.14 -2.31 -14.33
C HIS A 96 15.77 -1.69 -14.64
N LEU A 97 15.05 -1.23 -13.61
CA LEU A 97 13.67 -0.78 -13.68
C LEU A 97 13.56 0.69 -14.17
N ARG A 98 14.59 1.50 -13.94
CA ARG A 98 14.70 2.90 -14.41
C ARG A 98 14.65 3.01 -15.95
N MET A 1 88.61 14.66 40.61
CA MET A 1 87.13 14.81 40.81
C MET A 1 86.37 13.52 40.43
N ARG A 2 85.27 13.22 41.13
CA ARG A 2 84.40 12.04 40.89
C ARG A 2 82.95 12.30 41.34
N GLY A 3 81.98 11.65 40.71
CA GLY A 3 80.55 11.67 41.08
C GLY A 3 79.80 12.94 40.63
N SER A 4 80.26 14.12 41.09
CA SER A 4 79.67 15.45 40.83
C SER A 4 78.20 15.61 41.31
N HIS A 5 77.63 16.81 41.12
CA HIS A 5 76.28 17.20 41.58
C HIS A 5 75.43 17.80 40.44
N HIS A 6 74.10 17.73 40.57
CA HIS A 6 73.12 18.23 39.60
C HIS A 6 71.86 18.79 40.28
N HIS A 7 71.13 19.68 39.59
CA HIS A 7 69.94 20.38 40.10
C HIS A 7 68.79 20.39 39.08
N HIS A 8 67.54 20.42 39.56
CA HIS A 8 66.31 20.43 38.75
C HIS A 8 65.20 21.26 39.39
N HIS A 9 64.14 21.56 38.62
CA HIS A 9 62.95 22.29 39.05
C HIS A 9 61.68 21.80 38.32
N HIS A 10 60.53 21.86 39.01
CA HIS A 10 59.19 21.53 38.48
C HIS A 10 58.09 22.37 39.15
N GLY A 11 56.92 22.48 38.49
CA GLY A 11 55.78 23.25 38.97
C GLY A 11 54.60 23.34 37.99
N SER A 12 53.76 24.36 38.16
CA SER A 12 52.49 24.61 37.44
C SER A 12 51.38 23.55 37.67
N VAL A 13 50.14 23.95 37.37
CA VAL A 13 48.89 23.18 37.60
C VAL A 13 47.87 23.39 36.46
N SER A 14 47.00 22.39 36.24
CA SER A 14 45.98 22.43 35.17
C SER A 14 44.82 23.38 35.48
N PHE A 15 44.43 23.50 36.75
CA PHE A 15 43.45 24.46 37.28
C PHE A 15 42.07 24.47 36.55
N GLY A 16 41.61 23.29 36.12
CA GLY A 16 40.34 23.13 35.39
C GLY A 16 39.08 23.38 36.24
N ALA A 17 38.05 23.97 35.63
CA ALA A 17 36.76 24.29 36.27
C ALA A 17 35.58 24.14 35.29
N PRO A 18 35.25 22.91 34.83
CA PRO A 18 34.18 22.66 33.86
C PRO A 18 32.77 22.91 34.43
N SER A 19 31.83 23.30 33.55
CA SER A 19 30.43 23.60 33.89
C SER A 19 29.43 23.27 32.75
N PRO A 20 29.43 22.03 32.20
CA PRO A 20 28.59 21.65 31.07
C PRO A 20 27.09 21.66 31.39
N LEU A 21 26.27 22.04 30.40
CA LEU A 21 24.80 22.07 30.44
C LEU A 21 24.21 21.61 29.08
N SER A 22 22.99 21.07 29.10
CA SER A 22 22.26 20.57 27.91
C SER A 22 20.73 20.64 28.05
N SER A 23 20.03 20.58 26.92
CA SER A 23 18.55 20.59 26.81
C SER A 23 18.06 19.57 25.78
N GLU A 24 16.86 19.00 26.00
CA GLU A 24 16.27 17.97 25.14
C GLU A 24 14.73 18.01 25.15
N SER A 25 14.11 17.84 23.97
CA SER A 25 12.65 17.80 23.77
C SER A 25 12.26 16.76 22.71
N GLU A 26 11.26 15.92 23.00
CA GLU A 26 10.82 14.83 22.09
C GLU A 26 9.31 14.51 22.13
N ASP A 27 8.52 15.18 22.97
CA ASP A 27 7.15 14.77 23.33
C ASP A 27 6.10 14.92 22.19
N GLU A 28 6.45 15.64 21.13
CA GLU A 28 5.64 15.77 19.89
C GLU A 28 6.45 15.44 18.62
N ILE A 29 7.72 15.02 18.74
CA ILE A 29 8.66 14.83 17.62
C ILE A 29 8.51 13.40 17.04
N ASN A 30 7.28 13.07 16.63
CA ASN A 30 6.85 11.71 16.23
C ASN A 30 5.87 11.68 15.04
N TYR A 31 5.37 12.83 14.57
CA TYR A 31 4.17 12.95 13.72
C TYR A 31 4.46 13.61 12.37
N MET A 32 5.41 13.03 11.62
CA MET A 32 5.98 13.60 10.37
C MET A 32 5.54 12.84 9.08
N THR A 33 4.63 11.86 9.21
CA THR A 33 4.31 10.87 8.15
C THR A 33 2.80 10.78 7.86
N PRO A 34 2.18 11.81 7.24
CA PRO A 34 0.78 11.78 6.81
C PRO A 34 0.55 10.78 5.64
N PRO A 35 -0.69 10.28 5.46
CA PRO A 35 -1.02 9.31 4.41
C PRO A 35 -1.03 9.94 3.01
N GLU A 36 -0.25 9.37 2.08
CA GLU A 36 -0.15 9.77 0.67
C GLU A 36 0.36 8.62 -0.21
N GLN A 37 0.31 8.80 -1.55
CA GLN A 37 0.93 7.93 -2.57
C GLN A 37 0.43 6.46 -2.61
N GLU A 38 -0.73 6.19 -1.99
CA GLU A 38 -1.38 4.87 -1.96
C GLU A 38 -2.51 4.77 -3.00
N ALA A 39 -2.32 3.90 -4.00
CA ALA A 39 -3.24 3.71 -5.14
C ALA A 39 -3.29 2.25 -5.66
N GLN A 40 -2.92 1.28 -4.81
CA GLN A 40 -2.76 -0.14 -5.17
C GLN A 40 -3.07 -1.02 -3.94
N PRO A 41 -4.36 -1.21 -3.59
CA PRO A 41 -4.78 -1.79 -2.30
C PRO A 41 -4.73 -3.34 -2.31
N GLY A 42 -3.51 -3.87 -2.35
CA GLY A 42 -3.19 -5.30 -2.47
C GLY A 42 -3.09 -5.77 -3.93
N ALA A 43 -1.95 -6.36 -4.29
CA ALA A 43 -1.63 -6.91 -5.61
C ALA A 43 -0.53 -7.99 -5.52
N LEU A 44 -0.40 -8.81 -6.56
CA LEU A 44 0.68 -9.80 -6.73
C LEU A 44 1.89 -9.19 -7.48
N ALA A 45 3.05 -9.85 -7.40
CA ALA A 45 4.26 -9.49 -8.12
C ALA A 45 4.84 -10.66 -8.95
N ALA A 46 5.34 -10.35 -10.15
CA ALA A 46 6.20 -11.21 -10.94
C ALA A 46 7.69 -10.99 -10.61
N LEU A 47 8.53 -11.97 -10.93
CA LEU A 47 9.97 -11.99 -10.62
C LEU A 47 10.81 -12.45 -11.83
N HIS A 48 12.08 -12.05 -11.85
CA HIS A 48 13.12 -12.68 -12.67
C HIS A 48 13.65 -13.94 -11.96
N ALA A 49 13.94 -15.00 -12.72
CA ALA A 49 14.29 -16.32 -12.17
C ALA A 49 15.80 -16.67 -12.24
N GLU A 50 16.57 -15.96 -13.08
CA GLU A 50 17.98 -16.26 -13.38
C GLU A 50 18.84 -14.98 -13.48
N GLY A 51 20.17 -15.15 -13.39
CA GLY A 51 21.14 -14.04 -13.47
C GLY A 51 21.15 -13.11 -12.25
N PRO A 52 21.70 -11.89 -12.36
CA PRO A 52 21.83 -10.96 -11.24
C PRO A 52 20.48 -10.42 -10.71
N LEU A 53 19.40 -10.56 -11.49
CA LEU A 53 18.03 -10.19 -11.09
C LEU A 53 17.23 -11.35 -10.47
N ALA A 54 17.79 -12.55 -10.26
CA ALA A 54 17.04 -13.67 -9.70
C ALA A 54 16.44 -13.33 -8.31
N GLY A 55 15.10 -13.27 -8.24
CA GLY A 55 14.33 -12.84 -7.06
C GLY A 55 13.97 -11.34 -7.01
N LEU A 56 14.26 -10.58 -8.06
CA LEU A 56 13.98 -9.13 -8.22
C LEU A 56 12.80 -8.89 -9.21
N PRO A 57 12.10 -7.73 -9.13
CA PRO A 57 10.84 -7.47 -9.85
C PRO A 57 11.00 -7.29 -11.35
N VAL A 58 9.91 -7.39 -12.11
CA VAL A 58 9.90 -7.17 -13.57
C VAL A 58 9.24 -5.84 -13.96
N THR A 59 8.30 -5.32 -13.16
CA THR A 59 7.58 -4.05 -13.40
C THR A 59 7.64 -3.05 -12.23
N ARG A 60 7.18 -1.81 -12.47
CA ARG A 60 7.08 -0.74 -11.45
C ARG A 60 6.07 -1.11 -10.36
N SER A 61 4.96 -1.72 -10.74
CA SER A 61 3.98 -2.32 -9.83
C SER A 61 4.56 -3.52 -9.07
N ASP A 62 5.35 -4.40 -9.71
CA ASP A 62 6.06 -5.47 -8.98
C ASP A 62 6.99 -4.88 -7.91
N ALA A 63 7.82 -3.87 -8.27
CA ALA A 63 8.73 -3.24 -7.33
C ALA A 63 8.01 -2.58 -6.14
N ARG A 64 6.87 -1.91 -6.37
CA ARG A 64 5.99 -1.38 -5.28
C ARG A 64 5.44 -2.49 -4.36
N VAL A 65 4.92 -3.59 -4.94
CA VAL A 65 4.40 -4.74 -4.17
C VAL A 65 5.50 -5.38 -3.35
N LEU A 66 6.68 -5.60 -3.93
CA LEU A 66 7.82 -6.19 -3.22
C LEU A 66 8.30 -5.31 -2.07
N ILE A 67 8.41 -3.98 -2.26
CA ILE A 67 8.70 -3.03 -1.16
C ILE A 67 7.69 -3.23 -0.03
N PHE A 68 6.39 -3.18 -0.35
CA PHE A 68 5.34 -3.29 0.67
C PHE A 68 5.34 -4.64 1.39
N ASN A 69 5.42 -5.76 0.68
CA ASN A 69 5.37 -7.10 1.26
C ASN A 69 6.63 -7.44 2.08
N GLU A 70 7.81 -7.11 1.56
CA GLU A 70 9.10 -7.21 2.26
C GLU A 70 9.03 -6.45 3.58
N TRP A 71 8.68 -5.15 3.52
CA TRP A 71 8.56 -4.33 4.71
C TRP A 71 7.47 -4.83 5.66
N GLU A 72 6.29 -5.24 5.19
CA GLU A 72 5.21 -5.77 6.04
C GLU A 72 5.67 -6.98 6.87
N GLU A 73 6.35 -7.97 6.28
CA GLU A 73 6.88 -9.13 7.03
C GLU A 73 8.00 -8.72 8.00
N ARG A 74 8.98 -7.95 7.50
CA ARG A 74 10.09 -7.43 8.30
C ARG A 74 9.56 -6.67 9.50
N LYS A 75 8.69 -5.69 9.27
CA LYS A 75 8.06 -4.82 10.29
C LYS A 75 7.16 -5.59 11.27
N LYS A 76 6.47 -6.65 10.84
CA LYS A 76 5.76 -7.57 11.76
C LYS A 76 6.75 -8.22 12.73
N SER A 77 7.96 -8.56 12.28
CA SER A 77 9.06 -8.97 13.19
C SER A 77 9.83 -7.82 13.87
N GLU A 78 9.81 -6.60 13.32
CA GLU A 78 10.78 -5.51 13.59
C GLU A 78 10.10 -4.12 13.59
N PRO A 79 9.49 -3.66 14.71
CA PRO A 79 8.70 -2.42 14.74
C PRO A 79 9.47 -1.14 14.36
N TRP A 80 10.81 -1.17 14.28
CA TRP A 80 11.68 -0.07 13.86
C TRP A 80 11.82 0.12 12.33
N LEU A 81 11.31 -0.79 11.48
CA LEU A 81 11.48 -0.70 10.01
C LEU A 81 10.82 0.56 9.40
N ARG A 82 11.51 1.21 8.45
CA ARG A 82 11.02 2.36 7.67
C ARG A 82 10.54 1.95 6.26
N LEU A 83 9.62 2.73 5.69
CA LEU A 83 8.93 2.46 4.41
C LEU A 83 9.04 3.68 3.49
N ASP A 84 9.45 3.46 2.23
CA ASP A 84 9.53 4.52 1.20
C ASP A 84 9.09 3.98 -0.18
N MET A 85 8.21 4.71 -0.86
CA MET A 85 7.54 4.28 -2.11
C MET A 85 7.65 5.29 -3.27
N SER A 86 8.30 6.45 -3.07
CA SER A 86 8.58 7.40 -4.16
C SER A 86 9.55 6.78 -5.17
N ASP A 87 9.49 7.18 -6.44
CA ASP A 87 10.16 6.46 -7.54
C ASP A 87 11.68 6.32 -7.40
N LYS A 88 12.33 7.23 -6.66
CA LYS A 88 13.77 7.12 -6.31
C LYS A 88 14.09 5.80 -5.59
N ALA A 89 13.20 5.30 -4.74
CA ALA A 89 13.34 3.99 -4.09
C ALA A 89 13.38 2.83 -5.12
N ILE A 90 12.56 2.93 -6.17
CA ILE A 90 12.45 1.93 -7.23
C ILE A 90 13.69 2.00 -8.12
N PHE A 91 14.10 3.21 -8.54
CA PHE A 91 15.32 3.41 -9.33
C PHE A 91 16.58 2.87 -8.62
N ARG A 92 16.71 3.16 -7.32
CA ARG A 92 17.90 2.84 -6.51
C ARG A 92 17.97 1.36 -6.11
N ARG A 93 16.84 0.72 -5.78
CA ARG A 93 16.76 -0.74 -5.60
C ARG A 93 16.94 -1.51 -6.92
N TYR A 94 16.31 -1.02 -7.99
CA TYR A 94 16.06 -1.74 -9.24
C TYR A 94 16.50 -0.91 -10.47
N PRO A 95 17.81 -0.72 -10.70
CA PRO A 95 18.34 0.09 -11.80
C PRO A 95 18.04 -0.50 -13.20
N HIS A 96 17.61 -1.77 -13.26
CA HIS A 96 17.15 -2.41 -14.50
C HIS A 96 15.76 -1.92 -14.96
N LEU A 97 14.95 -1.38 -14.04
CA LEU A 97 13.51 -1.23 -14.21
C LEU A 97 13.14 0.02 -15.04
N ARG A 98 13.78 1.16 -14.74
CA ARG A 98 13.55 2.47 -15.38
C ARG A 98 14.87 3.23 -15.56
N MET A 1 2.24 81.35 -40.36
CA MET A 1 1.42 80.11 -40.17
C MET A 1 2.23 79.05 -39.42
N ARG A 2 1.80 78.66 -38.20
CA ARG A 2 2.49 77.68 -37.33
C ARG A 2 1.51 76.88 -36.45
N GLY A 3 0.56 76.20 -37.09
CA GLY A 3 -0.40 75.32 -36.40
C GLY A 3 -1.38 74.60 -37.34
N SER A 4 -1.53 73.29 -37.17
CA SER A 4 -2.44 72.40 -37.93
C SER A 4 -2.85 71.17 -37.10
N HIS A 5 -3.93 70.50 -37.50
CA HIS A 5 -4.46 69.30 -36.85
C HIS A 5 -5.13 68.32 -37.84
N HIS A 6 -4.99 67.02 -37.57
CA HIS A 6 -5.73 65.94 -38.25
C HIS A 6 -5.89 64.73 -37.31
N HIS A 7 -7.08 64.13 -37.29
CA HIS A 7 -7.40 62.93 -36.49
C HIS A 7 -8.57 62.13 -37.11
N HIS A 8 -8.65 60.83 -36.81
CA HIS A 8 -9.76 59.92 -37.19
C HIS A 8 -10.03 58.88 -36.11
N HIS A 9 -11.27 58.38 -36.05
CA HIS A 9 -11.77 57.47 -34.99
C HIS A 9 -12.79 56.45 -35.50
N HIS A 10 -12.91 55.33 -34.79
CA HIS A 10 -13.83 54.21 -35.07
C HIS A 10 -14.11 53.37 -33.80
N GLY A 11 -15.15 52.53 -33.83
CA GLY A 11 -15.45 51.57 -32.76
C GLY A 11 -16.78 50.82 -32.95
N SER A 12 -16.77 49.52 -32.65
CA SER A 12 -17.92 48.60 -32.76
C SER A 12 -17.90 47.53 -31.66
N VAL A 13 -19.07 47.05 -31.25
CA VAL A 13 -19.25 45.93 -30.28
C VAL A 13 -20.30 44.95 -30.83
N SER A 14 -19.87 43.72 -31.12
CA SER A 14 -20.68 42.69 -31.82
C SER A 14 -20.54 41.27 -31.24
N PHE A 15 -20.00 41.14 -30.02
CA PHE A 15 -19.66 39.86 -29.37
C PHE A 15 -20.54 39.57 -28.13
N GLY A 16 -20.54 38.30 -27.69
CA GLY A 16 -21.26 37.80 -26.51
C GLY A 16 -22.08 36.55 -26.83
N ALA A 17 -21.47 35.37 -26.67
CA ALA A 17 -22.08 34.06 -26.95
C ALA A 17 -21.61 32.96 -25.95
N PRO A 18 -21.92 33.09 -24.64
CA PRO A 18 -21.54 32.11 -23.62
C PRO A 18 -22.30 30.77 -23.76
N SER A 19 -21.73 29.70 -23.21
CA SER A 19 -22.30 28.34 -23.19
C SER A 19 -21.87 27.52 -21.96
N PRO A 20 -22.70 26.55 -21.49
CA PRO A 20 -22.36 25.69 -20.36
C PRO A 20 -21.33 24.60 -20.72
N LEU A 21 -20.61 24.10 -19.71
CA LEU A 21 -19.63 23.01 -19.82
C LEU A 21 -19.48 22.19 -18.53
N SER A 22 -18.84 21.01 -18.63
CA SER A 22 -18.54 20.06 -17.54
C SER A 22 -19.77 19.49 -16.79
N SER A 23 -19.52 18.61 -15.81
CA SER A 23 -20.48 17.93 -14.93
C SER A 23 -21.52 17.01 -15.62
N GLU A 24 -21.37 16.76 -16.92
CA GLU A 24 -22.40 16.11 -17.77
C GLU A 24 -22.73 14.67 -17.35
N SER A 25 -21.75 13.94 -16.79
CA SER A 25 -21.84 12.54 -16.39
C SER A 25 -22.10 12.31 -14.88
N GLU A 26 -22.23 13.37 -14.08
CA GLU A 26 -22.24 13.28 -12.62
C GLU A 26 -23.30 14.14 -11.89
N ASP A 27 -24.04 15.00 -12.59
CA ASP A 27 -24.97 15.98 -11.99
C ASP A 27 -26.09 15.37 -11.11
N GLU A 28 -26.41 14.11 -11.35
CA GLU A 28 -27.41 13.29 -10.63
C GLU A 28 -26.80 12.14 -9.80
N ILE A 29 -25.47 11.99 -9.80
CA ILE A 29 -24.75 10.86 -9.18
C ILE A 29 -24.31 11.21 -7.75
N ASN A 30 -25.11 10.79 -6.75
CA ASN A 30 -24.79 10.88 -5.32
C ASN A 30 -25.51 9.76 -4.54
N TYR A 31 -24.75 8.92 -3.82
CA TYR A 31 -25.29 7.93 -2.88
C TYR A 31 -24.30 7.67 -1.74
N MET A 32 -24.63 8.18 -0.53
CA MET A 32 -23.84 8.13 0.71
C MET A 32 -22.43 8.78 0.63
N THR A 33 -21.88 9.13 1.80
CA THR A 33 -20.55 9.77 1.97
C THR A 33 -19.68 9.01 3.00
N PRO A 34 -19.34 7.72 2.74
CA PRO A 34 -18.60 6.88 3.69
C PRO A 34 -17.12 7.31 3.83
N PRO A 35 -16.48 7.03 4.99
CA PRO A 35 -15.04 7.24 5.16
C PRO A 35 -14.25 6.16 4.37
N GLU A 36 -13.48 6.61 3.38
CA GLU A 36 -12.70 5.76 2.46
C GLU A 36 -11.28 6.32 2.25
N GLN A 37 -10.28 5.43 2.14
CA GLN A 37 -8.87 5.80 1.98
C GLN A 37 -8.04 4.82 1.12
N GLU A 38 -8.41 3.54 1.06
CA GLU A 38 -7.66 2.47 0.39
C GLU A 38 -8.59 1.53 -0.42
N ALA A 39 -8.09 1.07 -1.56
CA ALA A 39 -8.75 0.13 -2.48
C ALA A 39 -7.75 -0.92 -3.01
N GLN A 40 -6.92 -1.47 -2.10
CA GLN A 40 -5.77 -2.34 -2.41
C GLN A 40 -5.58 -3.44 -1.35
N PRO A 41 -6.56 -4.35 -1.18
CA PRO A 41 -6.60 -5.35 -0.10
C PRO A 41 -5.69 -6.57 -0.39
N GLY A 42 -4.37 -6.32 -0.46
CA GLY A 42 -3.35 -7.27 -0.91
C GLY A 42 -3.19 -7.29 -2.44
N ALA A 43 -1.99 -7.69 -2.90
CA ALA A 43 -1.61 -7.75 -4.31
C ALA A 43 -0.51 -8.81 -4.57
N LEU A 44 -0.50 -9.36 -5.79
CA LEU A 44 0.52 -10.30 -6.29
C LEU A 44 1.54 -9.58 -7.19
N ALA A 45 2.71 -10.20 -7.38
CA ALA A 45 3.80 -9.69 -8.23
C ALA A 45 4.58 -10.81 -8.95
N ALA A 46 5.21 -10.46 -10.07
CA ALA A 46 6.15 -11.30 -10.81
C ALA A 46 7.62 -10.99 -10.45
N LEU A 47 8.49 -11.98 -10.62
CA LEU A 47 9.94 -11.91 -10.38
C LEU A 47 10.74 -12.46 -11.57
N HIS A 48 11.99 -12.04 -11.69
CA HIS A 48 12.98 -12.68 -12.56
C HIS A 48 13.50 -13.97 -11.90
N ALA A 49 13.72 -15.03 -12.69
CA ALA A 49 14.11 -16.35 -12.17
C ALA A 49 15.60 -16.69 -12.35
N GLU A 50 16.32 -15.96 -13.22
CA GLU A 50 17.71 -16.24 -13.62
C GLU A 50 18.55 -14.95 -13.74
N GLY A 51 19.89 -15.10 -13.75
CA GLY A 51 20.84 -13.98 -13.88
C GLY A 51 20.93 -13.09 -12.64
N PRO A 52 21.49 -11.86 -12.76
CA PRO A 52 21.72 -10.96 -11.62
C PRO A 52 20.42 -10.42 -10.99
N LEU A 53 19.29 -10.51 -11.69
CA LEU A 53 17.95 -10.14 -11.19
C LEU A 53 17.18 -11.32 -10.56
N ALA A 54 17.75 -12.52 -10.41
CA ALA A 54 17.02 -13.65 -9.84
C ALA A 54 16.49 -13.35 -8.41
N GLY A 55 15.16 -13.32 -8.27
CA GLY A 55 14.42 -12.93 -7.06
C GLY A 55 14.03 -11.44 -6.97
N LEU A 56 14.31 -10.63 -8.00
CA LEU A 56 14.00 -9.20 -8.11
C LEU A 56 12.80 -8.95 -9.07
N PRO A 57 12.06 -7.83 -8.92
CA PRO A 57 10.79 -7.58 -9.61
C PRO A 57 10.95 -7.36 -11.13
N VAL A 58 9.87 -7.48 -11.90
CA VAL A 58 9.89 -7.27 -13.36
C VAL A 58 9.33 -5.89 -13.77
N THR A 59 8.33 -5.36 -13.05
CA THR A 59 7.67 -4.06 -13.34
C THR A 59 7.69 -3.07 -12.18
N ARG A 60 7.22 -1.83 -12.42
CA ARG A 60 7.03 -0.80 -11.37
C ARG A 60 6.02 -1.26 -10.32
N SER A 61 4.93 -1.89 -10.77
CA SER A 61 3.93 -2.52 -9.90
C SER A 61 4.56 -3.65 -9.08
N ASP A 62 5.37 -4.51 -9.70
CA ASP A 62 6.09 -5.56 -8.95
C ASP A 62 7.03 -4.95 -7.90
N ALA A 63 7.83 -3.94 -8.26
CA ALA A 63 8.76 -3.29 -7.34
C ALA A 63 8.05 -2.65 -6.14
N ARG A 64 6.90 -2.00 -6.33
CA ARG A 64 6.08 -1.47 -5.24
C ARG A 64 5.52 -2.58 -4.35
N VAL A 65 4.98 -3.65 -4.92
CA VAL A 65 4.45 -4.80 -4.15
C VAL A 65 5.55 -5.49 -3.35
N LEU A 66 6.71 -5.73 -3.95
CA LEU A 66 7.85 -6.34 -3.25
C LEU A 66 8.39 -5.44 -2.12
N ILE A 67 8.56 -4.13 -2.34
CA ILE A 67 8.89 -3.19 -1.25
C ILE A 67 7.86 -3.32 -0.12
N PHE A 68 6.57 -3.24 -0.47
CA PHE A 68 5.49 -3.27 0.51
C PHE A 68 5.47 -4.57 1.31
N ASN A 69 5.46 -5.74 0.66
CA ASN A 69 5.27 -7.01 1.34
C ASN A 69 6.52 -7.52 2.07
N GLU A 70 7.72 -7.28 1.53
CA GLU A 70 8.95 -7.54 2.27
C GLU A 70 9.03 -6.64 3.50
N TRP A 71 8.70 -5.34 3.38
CA TRP A 71 8.56 -4.50 4.56
C TRP A 71 7.48 -5.02 5.51
N GLU A 72 6.26 -5.36 5.07
CA GLU A 72 5.20 -5.89 5.94
C GLU A 72 5.68 -7.07 6.82
N GLU A 73 6.34 -8.07 6.23
CA GLU A 73 6.86 -9.22 7.01
C GLU A 73 8.00 -8.83 7.97
N ARG A 74 9.02 -8.11 7.46
CA ARG A 74 10.14 -7.65 8.29
C ARG A 74 9.66 -6.76 9.42
N LYS A 75 8.75 -5.82 9.12
CA LYS A 75 8.06 -4.93 10.07
C LYS A 75 7.21 -5.67 11.09
N LYS A 76 6.55 -6.78 10.72
CA LYS A 76 5.89 -7.68 11.69
C LYS A 76 6.91 -8.27 12.69
N SER A 77 8.13 -8.56 12.24
CA SER A 77 9.26 -8.86 13.14
C SER A 77 9.96 -7.63 13.79
N GLU A 78 9.81 -6.43 13.22
CA GLU A 78 10.60 -5.22 13.48
C GLU A 78 9.72 -3.94 13.47
N PRO A 79 8.95 -3.63 14.52
CA PRO A 79 7.98 -2.51 14.51
C PRO A 79 8.60 -1.12 14.22
N TRP A 80 9.92 -0.98 14.34
CA TRP A 80 10.69 0.23 14.01
C TRP A 80 10.96 0.46 12.51
N LEU A 81 10.70 -0.52 11.62
CA LEU A 81 11.13 -0.47 10.22
C LEU A 81 10.45 0.64 9.38
N ARG A 82 11.25 1.37 8.61
CA ARG A 82 10.82 2.45 7.70
C ARG A 82 10.43 1.93 6.31
N LEU A 83 9.53 2.67 5.65
CA LEU A 83 8.93 2.36 4.34
C LEU A 83 9.02 3.60 3.43
N ASP A 84 9.50 3.43 2.19
CA ASP A 84 9.57 4.50 1.18
C ASP A 84 9.26 3.95 -0.23
N MET A 85 8.45 4.68 -0.99
CA MET A 85 7.98 4.30 -2.33
C MET A 85 8.15 5.43 -3.37
N SER A 86 9.05 6.39 -3.11
CA SER A 86 9.42 7.44 -4.07
C SER A 86 10.09 6.84 -5.32
N ASP A 87 9.99 7.52 -6.47
CA ASP A 87 10.58 7.08 -7.73
C ASP A 87 12.08 6.76 -7.60
N LYS A 88 12.81 7.58 -6.82
CA LYS A 88 14.23 7.40 -6.50
C LYS A 88 14.52 6.06 -5.81
N ALA A 89 13.64 5.60 -4.92
CA ALA A 89 13.78 4.30 -4.25
C ALA A 89 13.75 3.14 -5.26
N ILE A 90 12.85 3.22 -6.25
CA ILE A 90 12.69 2.17 -7.27
C ILE A 90 13.89 2.22 -8.23
N PHE A 91 14.28 3.40 -8.71
CA PHE A 91 15.47 3.56 -9.57
C PHE A 91 16.76 3.01 -8.93
N ARG A 92 16.98 3.33 -7.65
CA ARG A 92 18.22 3.02 -6.93
C ARG A 92 18.30 1.56 -6.46
N ARG A 93 17.17 0.99 -6.01
CA ARG A 93 17.07 -0.43 -5.62
C ARG A 93 17.02 -1.38 -6.83
N TYR A 94 16.35 -0.96 -7.91
CA TYR A 94 16.11 -1.74 -9.13
C TYR A 94 16.62 -0.99 -10.37
N PRO A 95 17.94 -1.05 -10.66
CA PRO A 95 18.56 -0.27 -11.74
C PRO A 95 18.14 -0.70 -13.15
N HIS A 96 17.43 -1.83 -13.31
CA HIS A 96 16.79 -2.24 -14.56
C HIS A 96 15.44 -1.54 -14.83
N LEU A 97 14.83 -0.96 -13.80
CA LEU A 97 13.49 -0.37 -13.79
C LEU A 97 13.48 1.17 -14.02
N ARG A 98 14.65 1.82 -13.96
CA ARG A 98 14.82 3.25 -14.26
C ARG A 98 14.66 3.60 -15.74
#